data_7T5S
#
_entry.id   7T5S
#
_cell.length_a   80.230
_cell.length_b   82.690
_cell.length_c   221.650
_cell.angle_alpha   90.000
_cell.angle_beta   90.000
_cell.angle_gamma   90.000
#
_symmetry.space_group_name_H-M   'P 21 21 21'
#
loop_
_entity.id
_entity.type
_entity.pdbx_description
1 polymer 'Acyl-[acyl-carrier-protein]--UDP-N-acetylglucosamine O-acyltransferase'
2 non-polymer N~2~-(cyclohexylacetyl)-N-1H-tetrazol-5-yl-L-alaninamide
3 water water
#
_entity_poly.entity_id   1
_entity_poly.type   'polypeptide(L)'
_entity_poly.pdbx_seq_one_letter_code
;MSLIDPRAIIDPSARLAADVQVGPWSIVGAEVEIGEGTVIGPHVVLKGPTKIGKHNRIYQFSSVGEDTPDLKYKGEPTRL
VIGDHNVIREGVTIHRGTVQDRAETTIGDHNLIMAYAHIGHDSVIGNHCILVNNTALAGHVHVDDWAILSGYTLVHQYCR
IGAHSFSGMGSAIGKDVPAYVTVFGNPAEARSMNFEGMRRRGFSSEAIHALRRAYKVVYRQGHTVEEALAELAESAAQFP
EVAVFRDSIQSATRGITR
;
_entity_poly.pdbx_strand_id   A,B,C,D,E,F
#
# COMPACT_ATOMS: atom_id res chain seq x y z
N SER A 2 -30.41 10.36 31.75
CA SER A 2 -30.27 9.38 32.88
C SER A 2 -29.65 8.07 32.35
N LEU A 3 -29.75 6.99 33.12
CA LEU A 3 -28.94 5.75 32.96
C LEU A 3 -29.68 4.74 32.07
N ILE A 4 -30.99 4.56 32.26
CA ILE A 4 -31.85 3.66 31.43
C ILE A 4 -32.25 4.41 30.15
N ASP A 5 -31.83 3.91 28.99
CA ASP A 5 -32.18 4.47 27.65
C ASP A 5 -33.62 4.06 27.33
N PRO A 6 -34.49 4.99 26.89
CA PRO A 6 -35.90 4.68 26.63
C PRO A 6 -36.20 3.84 25.37
N ARG A 7 -35.26 3.74 24.42
CA ARG A 7 -35.42 2.86 23.23
C ARG A 7 -35.19 1.38 23.62
N ALA A 8 -34.62 1.15 24.81
CA ALA A 8 -34.49 -0.18 25.44
C ALA A 8 -35.86 -0.68 25.89
N ILE A 9 -35.97 -1.98 26.15
CA ILE A 9 -37.22 -2.67 26.58
C ILE A 9 -36.94 -3.33 27.94
N ILE A 10 -37.40 -2.70 29.03
CA ILE A 10 -37.27 -3.20 30.43
C ILE A 10 -38.63 -3.77 30.85
N ASP A 11 -38.74 -5.10 30.91
CA ASP A 11 -39.97 -5.85 31.32
C ASP A 11 -40.34 -5.46 32.75
N PRO A 12 -41.64 -5.26 33.06
CA PRO A 12 -42.11 -4.99 34.42
C PRO A 12 -41.41 -5.74 35.57
N SER A 13 -41.25 -7.07 35.45
CA SER A 13 -40.71 -7.96 36.51
C SER A 13 -39.22 -7.68 36.77
N ALA A 14 -38.52 -7.12 35.77
CA ALA A 14 -37.06 -6.82 35.82
C ALA A 14 -36.75 -5.92 37.02
N ARG A 15 -35.64 -6.20 37.72
CA ARG A 15 -35.18 -5.44 38.91
C ARG A 15 -33.81 -4.82 38.63
N LEU A 16 -33.79 -3.51 38.37
CA LEU A 16 -32.59 -2.69 38.09
C LEU A 16 -32.18 -1.94 39.37
N ALA A 17 -30.95 -2.17 39.85
CA ALA A 17 -30.40 -1.58 41.08
C ALA A 17 -29.79 -0.20 40.77
N ALA A 18 -29.28 0.48 41.81
CA ALA A 18 -28.69 1.84 41.76
C ALA A 18 -27.50 1.88 40.79
N ASP A 19 -27.43 2.92 39.95
CA ASP A 19 -26.27 3.26 39.07
C ASP A 19 -26.23 2.33 37.84
N VAL A 20 -27.28 1.54 37.59
CA VAL A 20 -27.38 0.61 36.43
C VAL A 20 -27.64 1.44 35.17
N GLN A 21 -26.92 1.13 34.09
CA GLN A 21 -27.13 1.72 32.74
C GLN A 21 -27.57 0.62 31.77
N VAL A 22 -28.54 0.93 30.91
CA VAL A 22 -29.01 0.05 29.79
C VAL A 22 -28.96 0.88 28.50
N GLY A 23 -28.04 0.54 27.59
CA GLY A 23 -27.88 1.20 26.29
C GLY A 23 -29.14 1.09 25.44
N PRO A 24 -29.28 1.90 24.36
CA PRO A 24 -30.45 1.86 23.50
C PRO A 24 -30.61 0.50 22.78
N TRP A 25 -31.85 0.01 22.71
CA TRP A 25 -32.29 -1.20 21.94
C TRP A 25 -31.89 -2.49 22.67
N SER A 26 -31.44 -2.40 23.92
CA SER A 26 -31.14 -3.58 24.77
C SER A 26 -32.43 -4.06 25.43
N ILE A 27 -32.73 -5.36 25.35
CA ILE A 27 -33.89 -5.99 26.03
C ILE A 27 -33.42 -6.54 27.37
N VAL A 28 -34.01 -6.06 28.47
CA VAL A 28 -33.94 -6.69 29.83
C VAL A 28 -35.24 -7.48 30.04
N GLY A 29 -35.17 -8.80 29.92
CA GLY A 29 -36.34 -9.71 29.84
C GLY A 29 -36.98 -9.93 31.21
N ALA A 30 -38.06 -10.71 31.22
CA ALA A 30 -38.88 -11.05 32.41
C ALA A 30 -38.00 -11.78 33.45
N GLU A 31 -38.03 -11.31 34.70
CA GLU A 31 -37.40 -11.94 35.88
C GLU A 31 -35.86 -11.88 35.77
N VAL A 32 -35.33 -10.84 35.10
CA VAL A 32 -33.87 -10.51 35.08
C VAL A 32 -33.60 -9.49 36.20
N GLU A 33 -32.89 -9.93 37.24
CA GLU A 33 -32.38 -9.05 38.34
C GLU A 33 -30.97 -8.59 37.97
N ILE A 34 -30.68 -7.29 38.14
CA ILE A 34 -29.39 -6.65 37.78
C ILE A 34 -28.89 -5.86 38.99
N GLY A 35 -27.60 -5.98 39.31
CA GLY A 35 -26.99 -5.44 40.55
C GLY A 35 -26.40 -4.05 40.36
N GLU A 36 -25.81 -3.51 41.43
CA GLU A 36 -25.38 -2.08 41.56
C GLU A 36 -24.26 -1.76 40.55
N GLY A 37 -24.45 -0.70 39.77
CA GLY A 37 -23.42 -0.09 38.91
C GLY A 37 -23.03 -0.96 37.72
N THR A 38 -23.81 -1.99 37.40
CA THR A 38 -23.64 -2.83 36.18
C THR A 38 -24.01 -2.01 34.96
N VAL A 39 -23.19 -2.06 33.90
CA VAL A 39 -23.44 -1.35 32.62
C VAL A 39 -23.82 -2.39 31.56
N ILE A 40 -25.06 -2.31 31.05
CA ILE A 40 -25.53 -3.04 29.84
C ILE A 40 -25.39 -2.09 28.65
N GLY A 41 -24.65 -2.52 27.61
CA GLY A 41 -24.45 -1.73 26.38
C GLY A 41 -25.70 -1.72 25.50
N PRO A 42 -25.61 -1.23 24.25
CA PRO A 42 -26.72 -1.31 23.30
C PRO A 42 -26.76 -2.70 22.65
N HIS A 43 -27.90 -3.07 22.05
CA HIS A 43 -28.10 -4.33 21.30
C HIS A 43 -27.73 -5.54 22.18
N VAL A 44 -28.11 -5.52 23.46
CA VAL A 44 -27.96 -6.67 24.40
C VAL A 44 -29.33 -7.30 24.64
N VAL A 45 -29.43 -8.62 24.57
CA VAL A 45 -30.64 -9.40 24.96
C VAL A 45 -30.36 -10.10 26.28
N LEU A 46 -31.12 -9.74 27.33
CA LEU A 46 -31.10 -10.41 28.66
C LEU A 46 -32.42 -11.16 28.86
N LYS A 47 -32.34 -12.50 28.95
CA LYS A 47 -33.49 -13.41 29.17
C LYS A 47 -33.34 -14.04 30.56
N GLY A 48 -34.46 -14.26 31.27
CA GLY A 48 -34.48 -14.72 32.66
C GLY A 48 -35.05 -16.14 32.80
N PRO A 49 -35.19 -16.67 34.04
CA PRO A 49 -34.78 -15.97 35.25
C PRO A 49 -33.25 -15.87 35.39
N THR A 50 -32.73 -14.65 35.55
CA THR A 50 -31.27 -14.36 35.61
C THR A 50 -30.99 -13.34 36.73
N LYS A 51 -29.94 -13.60 37.51
CA LYS A 51 -29.38 -12.68 38.53
C LYS A 51 -28.01 -12.20 38.04
N ILE A 52 -27.83 -10.88 37.90
CA ILE A 52 -26.54 -10.22 37.56
C ILE A 52 -26.13 -9.34 38.75
N GLY A 53 -24.88 -9.50 39.21
CA GLY A 53 -24.36 -8.83 40.43
C GLY A 53 -23.91 -7.41 40.16
N LYS A 54 -22.89 -6.95 40.89
CA LYS A 54 -22.49 -5.53 40.99
C LYS A 54 -21.30 -5.23 40.05
N HIS A 55 -21.35 -4.07 39.38
CA HIS A 55 -20.23 -3.42 38.65
C HIS A 55 -19.75 -4.29 37.47
N ASN A 56 -20.67 -5.02 36.84
CA ASN A 56 -20.39 -5.83 35.62
C ASN A 56 -20.48 -4.93 34.39
N ARG A 57 -19.89 -5.34 33.27
CA ARG A 57 -19.96 -4.61 31.97
C ARG A 57 -20.25 -5.61 30.84
N ILE A 58 -21.48 -5.60 30.32
CA ILE A 58 -21.94 -6.46 29.19
C ILE A 58 -21.99 -5.60 27.92
N TYR A 59 -21.30 -6.03 26.86
CA TYR A 59 -21.15 -5.31 25.58
C TYR A 59 -22.23 -5.75 24.58
N GLN A 60 -22.34 -5.00 23.48
CA GLN A 60 -23.35 -5.14 22.40
C GLN A 60 -23.35 -6.55 21.79
N PHE A 61 -24.51 -6.98 21.28
CA PHE A 61 -24.74 -8.19 20.46
C PHE A 61 -24.64 -9.47 21.30
N SER A 62 -24.33 -9.33 22.59
CA SER A 62 -24.32 -10.42 23.60
C SER A 62 -25.75 -10.91 23.83
N SER A 63 -25.93 -12.23 23.94
CA SER A 63 -27.23 -12.89 24.28
C SER A 63 -27.06 -13.67 25.58
N VAL A 64 -27.28 -13.00 26.72
CA VAL A 64 -27.02 -13.52 28.10
C VAL A 64 -28.34 -14.04 28.69
N GLY A 65 -28.34 -15.30 29.17
CA GLY A 65 -29.47 -15.93 29.87
C GLY A 65 -30.47 -16.58 28.93
N GLU A 66 -30.03 -17.02 27.75
CA GLU A 66 -30.87 -17.73 26.75
C GLU A 66 -31.03 -19.20 27.16
N ASP A 67 -31.91 -19.92 26.45
CA ASP A 67 -32.12 -21.39 26.59
C ASP A 67 -31.12 -22.11 25.70
N THR A 68 -30.55 -23.22 26.16
CA THR A 68 -29.69 -24.10 25.33
C THR A 68 -30.57 -24.77 24.27
N PRO A 69 -30.15 -24.77 22.98
CA PRO A 69 -30.90 -25.43 21.92
C PRO A 69 -30.76 -26.96 21.97
N ASP A 70 -29.81 -27.46 22.78
CA ASP A 70 -29.53 -28.90 23.01
C ASP A 70 -30.84 -29.65 23.32
N LEU A 71 -31.78 -29.00 24.01
CA LEU A 71 -33.17 -29.48 24.22
C LEU A 71 -34.11 -28.65 23.33
N LYS A 72 -34.87 -29.29 22.44
CA LYS A 72 -35.78 -28.60 21.48
C LYS A 72 -37.10 -28.26 22.20
N TYR A 73 -37.52 -29.10 23.16
CA TYR A 73 -38.62 -28.80 24.12
C TYR A 73 -37.99 -28.46 25.47
N LYS A 74 -37.90 -27.15 25.79
CA LYS A 74 -37.09 -26.62 26.93
C LYS A 74 -37.81 -26.87 28.26
N GLY A 75 -37.06 -26.76 29.37
CA GLY A 75 -37.57 -26.81 30.75
C GLY A 75 -37.38 -25.48 31.47
N GLU A 76 -38.30 -25.14 32.38
CA GLU A 76 -38.25 -23.93 33.25
C GLU A 76 -38.63 -24.34 34.68
N PRO A 77 -38.24 -23.58 35.73
CA PRO A 77 -37.33 -22.45 35.61
C PRO A 77 -35.87 -22.87 35.84
N THR A 78 -35.02 -22.64 34.84
CA THR A 78 -33.54 -22.83 34.94
C THR A 78 -32.89 -21.46 35.05
N ARG A 79 -31.84 -21.33 35.88
CA ARG A 79 -31.28 -20.03 36.32
C ARG A 79 -29.94 -19.75 35.64
N LEU A 80 -29.57 -18.47 35.55
CA LEU A 80 -28.20 -17.96 35.27
C LEU A 80 -27.83 -16.97 36.36
N VAL A 81 -26.82 -17.30 37.17
CA VAL A 81 -26.31 -16.45 38.29
C VAL A 81 -24.94 -15.88 37.88
N ILE A 82 -24.89 -14.59 37.55
CA ILE A 82 -23.63 -13.83 37.25
C ILE A 82 -23.26 -13.01 38.49
N GLY A 83 -21.98 -13.08 38.89
CA GLY A 83 -21.44 -12.42 40.09
C GLY A 83 -21.09 -10.96 39.84
N ASP A 84 -19.95 -10.51 40.36
CA ASP A 84 -19.56 -9.08 40.47
C ASP A 84 -18.27 -8.82 39.69
N HIS A 85 -18.16 -7.63 39.07
CA HIS A 85 -16.94 -7.07 38.42
C HIS A 85 -16.53 -7.89 37.20
N ASN A 86 -17.48 -8.58 36.55
CA ASN A 86 -17.25 -9.37 35.31
C ASN A 86 -17.24 -8.43 34.10
N VAL A 87 -16.49 -8.78 33.06
CA VAL A 87 -16.54 -8.11 31.72
C VAL A 87 -16.92 -9.16 30.67
N ILE A 88 -18.07 -8.97 30.03
CA ILE A 88 -18.65 -9.87 28.98
C ILE A 88 -18.69 -9.08 27.67
N ARG A 89 -17.86 -9.47 26.70
CA ARG A 89 -17.51 -8.62 25.52
C ARG A 89 -18.49 -8.90 24.36
N GLU A 90 -18.26 -8.21 23.23
CA GLU A 90 -19.15 -8.16 22.05
C GLU A 90 -19.61 -9.57 21.66
N GLY A 91 -20.92 -9.83 21.74
CA GLY A 91 -21.58 -10.99 21.12
C GLY A 91 -21.35 -12.30 21.85
N VAL A 92 -21.07 -12.23 23.16
CA VAL A 92 -20.96 -13.42 24.06
C VAL A 92 -22.33 -14.10 24.13
N THR A 93 -22.37 -15.43 24.19
CA THR A 93 -23.61 -16.23 24.39
C THR A 93 -23.48 -17.07 25.66
N ILE A 94 -24.23 -16.72 26.71
CA ILE A 94 -24.31 -17.48 27.99
C ILE A 94 -25.73 -18.06 28.12
N HIS A 95 -25.83 -19.40 28.15
CA HIS A 95 -27.09 -20.16 28.29
C HIS A 95 -27.30 -20.51 29.78
N ARG A 96 -28.57 -20.53 30.22
CA ARG A 96 -28.97 -20.91 31.60
C ARG A 96 -28.92 -22.43 31.73
N GLY A 97 -29.06 -22.95 32.95
CA GLY A 97 -28.94 -24.39 33.27
C GLY A 97 -30.03 -25.22 32.61
N THR A 98 -30.05 -26.53 32.89
CA THR A 98 -31.09 -27.48 32.44
C THR A 98 -31.63 -28.22 33.67
N VAL A 99 -32.94 -28.47 33.73
CA VAL A 99 -33.63 -29.16 34.87
C VAL A 99 -32.98 -30.51 35.15
N GLN A 100 -32.46 -31.18 34.12
N GLN A 100 -32.53 -31.21 34.09
CA GLN A 100 -31.88 -32.55 34.23
CA GLN A 100 -31.82 -32.51 34.12
C GLN A 100 -30.46 -32.52 34.83
C GLN A 100 -30.65 -32.46 35.12
N ASP A 101 -29.93 -31.33 35.15
CA ASP A 101 -28.66 -31.19 35.93
C ASP A 101 -28.84 -30.07 36.96
N ARG A 102 -27.85 -29.19 37.12
CA ARG A 102 -27.76 -28.18 38.21
C ARG A 102 -28.96 -27.23 38.16
N ALA A 103 -29.53 -27.01 36.97
CA ALA A 103 -30.66 -26.10 36.69
C ALA A 103 -30.21 -24.65 36.93
N GLU A 104 -28.89 -24.41 36.90
CA GLU A 104 -28.26 -23.08 37.03
C GLU A 104 -26.94 -23.07 36.25
N THR A 105 -26.69 -22.03 35.46
CA THR A 105 -25.34 -21.66 34.96
C THR A 105 -24.79 -20.59 35.92
N THR A 106 -23.58 -20.81 36.47
CA THR A 106 -22.98 -19.99 37.53
C THR A 106 -21.68 -19.35 37.03
N ILE A 107 -21.60 -18.02 37.08
CA ILE A 107 -20.37 -17.21 36.83
C ILE A 107 -20.07 -16.40 38.10
N GLY A 108 -18.82 -16.47 38.59
CA GLY A 108 -18.35 -15.79 39.81
C GLY A 108 -17.98 -14.34 39.54
N ASP A 109 -16.83 -13.91 40.06
CA ASP A 109 -16.42 -12.48 40.14
C ASP A 109 -15.11 -12.24 39.39
N HIS A 110 -14.96 -11.04 38.80
CA HIS A 110 -13.70 -10.51 38.21
C HIS A 110 -13.24 -11.34 37.00
N ASN A 111 -14.19 -11.91 36.24
CA ASN A 111 -13.91 -12.76 35.06
C ASN A 111 -13.94 -11.90 33.79
N LEU A 112 -13.09 -12.22 32.81
CA LEU A 112 -13.02 -11.53 31.50
C LEU A 112 -13.39 -12.53 30.39
N ILE A 113 -14.59 -12.37 29.82
CA ILE A 113 -15.17 -13.25 28.77
C ILE A 113 -15.23 -12.44 27.47
N MET A 114 -14.31 -12.72 26.55
CA MET A 114 -13.99 -11.88 25.37
C MET A 114 -14.98 -12.16 24.22
N ALA A 115 -14.83 -11.42 23.12
CA ALA A 115 -15.81 -11.31 22.02
C ALA A 115 -16.20 -12.68 21.47
N TYR A 116 -17.50 -12.94 21.33
CA TYR A 116 -18.12 -14.06 20.58
C TYR A 116 -17.73 -15.40 21.22
N ALA A 117 -17.46 -15.39 22.53
CA ALA A 117 -17.26 -16.59 23.37
C ALA A 117 -18.63 -17.17 23.73
N HIS A 118 -18.66 -18.39 24.25
CA HIS A 118 -19.92 -19.13 24.59
C HIS A 118 -19.73 -19.91 25.89
N ILE A 119 -20.66 -19.75 26.84
CA ILE A 119 -20.77 -20.55 28.09
C ILE A 119 -22.05 -21.40 27.99
N GLY A 120 -21.89 -22.70 27.74
CA GLY A 120 -23.00 -23.67 27.60
C GLY A 120 -23.72 -23.90 28.92
N HIS A 121 -24.91 -24.51 28.85
CA HIS A 121 -25.84 -24.74 29.98
C HIS A 121 -25.16 -25.47 31.15
N ASP A 122 -25.35 -24.98 32.37
CA ASP A 122 -24.96 -25.64 33.66
C ASP A 122 -23.46 -25.50 33.91
N SER A 123 -22.73 -24.78 33.06
CA SER A 123 -21.25 -24.57 33.20
C SER A 123 -21.00 -23.60 34.36
N VAL A 124 -20.16 -24.00 35.32
CA VAL A 124 -19.73 -23.16 36.48
C VAL A 124 -18.40 -22.48 36.12
N ILE A 125 -18.30 -21.16 36.34
CA ILE A 125 -17.02 -20.39 36.22
C ILE A 125 -16.76 -19.69 37.56
N GLY A 126 -15.51 -19.78 38.05
CA GLY A 126 -15.07 -19.21 39.33
C GLY A 126 -14.73 -17.74 39.20
N ASN A 127 -13.51 -17.34 39.60
CA ASN A 127 -13.07 -15.92 39.72
C ASN A 127 -11.79 -15.71 38.93
N HIS A 128 -11.63 -14.50 38.37
CA HIS A 128 -10.39 -14.02 37.70
C HIS A 128 -10.01 -14.92 36.52
N CYS A 129 -11.00 -15.59 35.91
CA CYS A 129 -10.83 -16.46 34.72
C CYS A 129 -10.86 -15.57 33.46
N ILE A 130 -10.07 -15.92 32.45
CA ILE A 130 -10.07 -15.22 31.13
C ILE A 130 -10.43 -16.23 30.03
N LEU A 131 -11.55 -16.00 29.33
CA LEU A 131 -11.98 -16.74 28.13
C LEU A 131 -11.76 -15.85 26.90
N VAL A 132 -10.69 -16.12 26.16
CA VAL A 132 -10.25 -15.31 24.97
C VAL A 132 -11.27 -15.52 23.84
N ASN A 133 -11.32 -14.56 22.92
CA ASN A 133 -12.25 -14.52 21.75
C ASN A 133 -12.62 -15.93 21.29
N ASN A 134 -13.92 -16.25 21.33
CA ASN A 134 -14.55 -17.43 20.69
C ASN A 134 -14.20 -18.72 21.44
N THR A 135 -13.71 -18.62 22.68
CA THR A 135 -13.62 -19.76 23.62
C THR A 135 -15.04 -20.27 23.87
N ALA A 136 -15.24 -21.58 23.84
CA ALA A 136 -16.58 -22.22 23.87
C ALA A 136 -16.61 -23.36 24.89
N LEU A 137 -17.42 -23.20 25.94
CA LEU A 137 -17.70 -24.24 26.98
C LEU A 137 -19.02 -24.95 26.61
N ALA A 138 -18.98 -26.27 26.48
CA ALA A 138 -20.06 -27.09 25.88
C ALA A 138 -20.86 -27.82 26.96
N GLY A 139 -21.41 -27.08 27.93
CA GLY A 139 -22.39 -27.61 28.90
C GLY A 139 -21.75 -28.39 30.05
N HIS A 140 -22.23 -28.19 31.27
CA HIS A 140 -21.79 -28.86 32.53
C HIS A 140 -20.27 -28.72 32.72
N VAL A 141 -19.64 -27.67 32.18
CA VAL A 141 -18.17 -27.42 32.28
C VAL A 141 -17.90 -26.62 33.56
N HIS A 142 -16.99 -27.10 34.41
CA HIS A 142 -16.54 -26.40 35.65
C HIS A 142 -15.16 -25.79 35.40
N VAL A 143 -15.06 -24.46 35.48
CA VAL A 143 -13.79 -23.68 35.30
C VAL A 143 -13.43 -23.00 36.63
N ASP A 144 -12.34 -23.45 37.27
CA ASP A 144 -11.86 -22.92 38.57
C ASP A 144 -11.07 -21.63 38.31
N ASP A 145 -10.52 -21.01 39.37
CA ASP A 145 -10.07 -19.60 39.40
C ASP A 145 -8.75 -19.42 38.64
N TRP A 146 -8.56 -18.25 38.04
CA TRP A 146 -7.29 -17.78 37.39
C TRP A 146 -6.97 -18.60 36.14
N ALA A 147 -7.94 -19.38 35.64
CA ALA A 147 -7.79 -20.23 34.44
C ALA A 147 -7.88 -19.37 33.19
N ILE A 148 -6.89 -19.48 32.29
CA ILE A 148 -6.80 -18.70 31.02
C ILE A 148 -7.00 -19.65 29.84
N LEU A 149 -8.09 -19.50 29.10
CA LEU A 149 -8.40 -20.28 27.87
C LEU A 149 -8.11 -19.41 26.64
N SER A 150 -7.03 -19.73 25.91
CA SER A 150 -6.56 -18.99 24.72
C SER A 150 -7.67 -18.96 23.66
N GLY A 151 -7.49 -18.13 22.63
CA GLY A 151 -8.47 -17.88 21.56
C GLY A 151 -9.00 -19.17 20.97
N TYR A 152 -10.33 -19.32 20.95
CA TYR A 152 -11.05 -20.40 20.23
C TYR A 152 -10.78 -21.76 20.88
N THR A 153 -10.64 -21.80 22.21
CA THR A 153 -10.51 -23.07 22.98
C THR A 153 -11.89 -23.73 23.09
N LEU A 154 -11.97 -25.01 22.73
CA LEU A 154 -13.20 -25.83 22.83
C LEU A 154 -13.05 -26.79 24.02
N VAL A 155 -14.06 -26.82 24.89
CA VAL A 155 -14.12 -27.71 26.09
C VAL A 155 -15.33 -28.64 25.94
N HIS A 156 -15.08 -29.95 25.90
CA HIS A 156 -16.13 -31.00 25.73
C HIS A 156 -17.01 -31.04 26.99
N GLN A 157 -18.30 -31.39 26.81
CA GLN A 157 -19.28 -31.66 27.90
C GLN A 157 -18.59 -32.27 29.12
N TYR A 158 -18.78 -31.67 30.30
CA TYR A 158 -18.48 -32.24 31.64
C TYR A 158 -16.99 -32.14 32.01
N CYS A 159 -16.15 -31.54 31.15
CA CYS A 159 -14.70 -31.36 31.43
C CYS A 159 -14.50 -30.30 32.51
N ARG A 160 -13.43 -30.43 33.30
CA ARG A 160 -13.09 -29.54 34.44
C ARG A 160 -11.77 -28.83 34.14
N ILE A 161 -11.80 -27.49 34.09
CA ILE A 161 -10.63 -26.62 33.82
C ILE A 161 -10.05 -26.17 35.17
N GLY A 162 -8.94 -26.81 35.59
CA GLY A 162 -8.28 -26.59 36.89
C GLY A 162 -7.86 -25.15 37.09
N ALA A 163 -7.64 -24.75 38.35
CA ALA A 163 -7.26 -23.38 38.75
C ALA A 163 -5.86 -23.04 38.21
N HIS A 164 -5.69 -21.86 37.61
CA HIS A 164 -4.42 -21.33 37.08
C HIS A 164 -3.97 -22.09 35.81
N SER A 165 -4.85 -22.92 35.23
CA SER A 165 -4.54 -23.73 34.03
C SER A 165 -4.58 -22.82 32.80
N PHE A 166 -3.85 -23.22 31.74
CA PHE A 166 -3.72 -22.44 30.48
C PHE A 166 -3.91 -23.39 29.29
N SER A 167 -4.83 -23.04 28.39
CA SER A 167 -5.02 -23.73 27.09
C SER A 167 -4.40 -22.88 25.97
N GLY A 168 -3.64 -23.51 25.07
CA GLY A 168 -3.14 -22.87 23.83
C GLY A 168 -4.28 -22.54 22.88
N MET A 169 -4.05 -21.64 21.93
CA MET A 169 -5.10 -21.15 21.00
C MET A 169 -5.53 -22.29 20.07
N GLY A 170 -6.84 -22.40 19.80
CA GLY A 170 -7.45 -23.42 18.94
C GLY A 170 -7.36 -24.81 19.55
N SER A 171 -7.29 -24.90 20.89
CA SER A 171 -7.22 -26.18 21.65
C SER A 171 -8.61 -26.81 21.73
N ALA A 172 -8.68 -28.15 21.59
CA ALA A 172 -9.91 -28.96 21.77
C ALA A 172 -9.74 -29.86 23.00
N ILE A 173 -10.11 -29.34 24.17
CA ILE A 173 -10.04 -30.06 25.48
C ILE A 173 -11.16 -31.10 25.53
N GLY A 174 -10.79 -32.37 25.73
CA GLY A 174 -11.73 -33.52 25.76
C GLY A 174 -11.79 -34.19 27.13
N LYS A 175 -10.66 -34.23 27.84
CA LYS A 175 -10.54 -34.78 29.23
C LYS A 175 -10.22 -33.63 30.18
N ASP A 176 -10.34 -33.85 31.50
CA ASP A 176 -10.12 -32.84 32.56
C ASP A 176 -8.72 -32.22 32.42
N VAL A 177 -8.60 -30.92 32.69
CA VAL A 177 -7.31 -30.18 32.78
C VAL A 177 -7.00 -29.92 34.25
N PRO A 178 -5.93 -30.51 34.81
CA PRO A 178 -5.57 -30.27 36.21
C PRO A 178 -5.14 -28.82 36.42
N ALA A 179 -5.21 -28.35 37.68
CA ALA A 179 -4.79 -27.00 38.09
C ALA A 179 -3.35 -26.76 37.60
N TYR A 180 -3.09 -25.59 37.02
CA TYR A 180 -1.74 -25.09 36.60
C TYR A 180 -1.36 -25.64 35.22
N VAL A 181 -1.78 -26.85 34.86
CA VAL A 181 -1.33 -27.59 33.63
C VAL A 181 -1.60 -26.72 32.40
N THR A 182 -0.60 -26.61 31.52
CA THR A 182 -0.70 -25.99 30.18
C THR A 182 -1.07 -27.09 29.16
N VAL A 183 -2.17 -26.93 28.42
CA VAL A 183 -2.59 -27.87 27.33
C VAL A 183 -2.59 -27.11 26.00
N PHE A 184 -2.39 -27.82 24.89
CA PHE A 184 -2.22 -27.26 23.51
C PHE A 184 -2.77 -28.25 22.48
N GLY A 185 -3.48 -27.74 21.47
CA GLY A 185 -3.81 -28.47 20.23
C GLY A 185 -5.14 -29.19 20.29
N ASN A 186 -5.42 -30.01 19.29
CA ASN A 186 -6.72 -30.69 19.04
C ASN A 186 -6.46 -32.10 18.50
N PRO A 187 -6.56 -33.17 19.32
CA PRO A 187 -6.97 -33.08 20.72
C PRO A 187 -5.86 -32.52 21.62
N ALA A 188 -6.25 -31.78 22.66
CA ALA A 188 -5.35 -31.06 23.58
C ALA A 188 -4.43 -32.05 24.31
N GLU A 189 -3.11 -31.88 24.16
CA GLU A 189 -2.07 -32.60 24.93
C GLU A 189 -1.55 -31.68 26.04
N ALA A 190 -1.04 -32.25 27.13
CA ALA A 190 -0.47 -31.53 28.30
C ALA A 190 1.03 -31.31 28.09
N ARG A 191 1.49 -30.06 28.17
CA ARG A 191 2.90 -29.67 27.88
C ARG A 191 3.67 -29.46 29.19
N SER A 192 3.30 -28.44 29.96
CA SER A 192 3.97 -28.06 31.24
C SER A 192 2.97 -27.36 32.17
N MET A 193 3.43 -26.37 32.93
CA MET A 193 2.63 -25.65 33.95
C MET A 193 2.76 -24.14 33.76
N ASN A 194 1.71 -23.38 34.09
CA ASN A 194 1.66 -21.91 33.95
C ASN A 194 2.53 -21.29 35.04
N PHE A 195 3.85 -21.56 34.99
CA PHE A 195 4.89 -21.04 35.90
C PHE A 195 4.85 -19.50 35.86
N GLU A 196 4.61 -18.95 34.67
CA GLU A 196 4.42 -17.49 34.42
C GLU A 196 3.24 -16.99 35.24
N GLY A 197 2.10 -17.70 35.18
CA GLY A 197 0.88 -17.40 35.94
C GLY A 197 1.11 -17.51 37.44
N MET A 198 1.85 -18.54 37.88
CA MET A 198 2.22 -18.77 39.30
C MET A 198 3.03 -17.57 39.81
N ARG A 199 4.07 -17.18 39.04
CA ARG A 199 4.99 -16.06 39.38
C ARG A 199 4.21 -14.76 39.55
N ARG A 200 3.23 -14.50 38.67
CA ARG A 200 2.36 -13.28 38.70
C ARG A 200 1.51 -13.27 39.98
N ARG A 201 1.19 -14.45 40.54
CA ARG A 201 0.37 -14.58 41.78
C ARG A 201 1.24 -14.38 43.03
N GLY A 202 2.55 -14.18 42.85
CA GLY A 202 3.52 -14.06 43.96
C GLY A 202 3.69 -15.38 44.70
N PHE A 203 3.65 -16.50 43.98
CA PHE A 203 3.95 -17.86 44.48
C PHE A 203 5.44 -17.92 44.87
N SER A 204 5.76 -18.58 45.99
CA SER A 204 7.15 -18.84 46.44
C SER A 204 7.84 -19.73 45.40
N SER A 205 9.15 -19.57 45.23
CA SER A 205 9.99 -20.39 44.31
C SER A 205 10.01 -21.84 44.79
N GLU A 206 9.86 -22.06 46.10
CA GLU A 206 9.77 -23.42 46.73
C GLU A 206 8.48 -24.09 46.26
N ALA A 207 7.37 -23.35 46.30
CA ALA A 207 6.01 -23.80 45.88
C ALA A 207 6.02 -24.10 44.37
N ILE A 208 6.64 -23.21 43.58
CA ILE A 208 6.76 -23.36 42.10
C ILE A 208 7.63 -24.59 41.78
N HIS A 209 8.65 -24.86 42.60
CA HIS A 209 9.58 -26.01 42.42
C HIS A 209 8.93 -27.29 42.97
N ALA A 210 8.07 -27.17 43.98
CA ALA A 210 7.23 -28.27 44.52
C ALA A 210 6.16 -28.63 43.48
N LEU A 211 5.66 -27.64 42.74
CA LEU A 211 4.65 -27.82 41.65
C LEU A 211 5.32 -28.38 40.39
N ARG A 212 6.59 -28.05 40.14
CA ARG A 212 7.38 -28.60 39.00
C ARG A 212 7.62 -30.10 39.25
N ARG A 213 8.07 -30.47 40.46
CA ARG A 213 8.33 -31.87 40.85
C ARG A 213 7.00 -32.64 40.94
N ALA A 214 5.90 -31.94 41.24
CA ALA A 214 4.53 -32.50 41.33
C ALA A 214 4.03 -32.88 39.94
N TYR A 215 4.30 -32.06 38.91
CA TYR A 215 3.93 -32.31 37.50
C TYR A 215 4.48 -33.67 37.06
N LYS A 216 5.75 -33.93 37.38
CA LYS A 216 6.53 -35.11 36.90
C LYS A 216 5.98 -36.39 37.54
N VAL A 217 5.60 -36.34 38.82
CA VAL A 217 4.99 -37.48 39.58
C VAL A 217 3.77 -38.00 38.79
N VAL A 218 2.94 -37.08 38.30
CA VAL A 218 1.60 -37.37 37.69
C VAL A 218 1.79 -37.82 36.23
N TYR A 219 2.78 -37.27 35.52
CA TYR A 219 2.89 -37.33 34.04
C TYR A 219 4.09 -38.18 33.59
N ARG A 220 5.27 -38.00 34.22
CA ARG A 220 6.58 -38.34 33.61
C ARG A 220 7.22 -39.63 34.18
N GLN A 221 6.51 -40.41 35.02
CA GLN A 221 7.15 -41.49 35.82
C GLN A 221 6.29 -42.77 35.88
N GLY A 222 5.43 -43.00 34.88
CA GLY A 222 4.64 -44.24 34.72
C GLY A 222 3.86 -44.67 35.96
N HIS A 223 3.62 -43.75 36.91
CA HIS A 223 2.80 -44.00 38.13
C HIS A 223 1.33 -44.10 37.73
N THR A 224 0.55 -44.94 38.43
CA THR A 224 -0.94 -44.92 38.37
C THR A 224 -1.41 -43.66 39.12
N VAL A 225 -2.59 -43.15 38.76
CA VAL A 225 -3.19 -41.93 39.40
C VAL A 225 -3.20 -42.14 40.92
N GLU A 226 -3.57 -43.34 41.40
CA GLU A 226 -3.66 -43.67 42.85
C GLU A 226 -2.26 -43.64 43.48
N GLU A 227 -1.28 -44.30 42.85
CA GLU A 227 0.16 -44.26 43.26
C GLU A 227 0.64 -42.81 43.25
N ALA A 228 0.36 -42.09 42.15
CA ALA A 228 0.75 -40.69 41.92
C ALA A 228 0.17 -39.78 43.02
N LEU A 229 -1.12 -39.97 43.36
CA LEU A 229 -1.82 -39.22 44.44
C LEU A 229 -1.14 -39.50 45.78
N ALA A 230 -0.93 -40.79 46.11
CA ALA A 230 -0.28 -41.26 47.35
C ALA A 230 1.11 -40.64 47.50
N GLU A 231 1.82 -40.47 46.37
CA GLU A 231 3.20 -39.90 46.32
C GLU A 231 3.15 -38.39 46.60
N LEU A 232 2.08 -37.70 46.20
CA LEU A 232 1.91 -36.22 46.34
C LEU A 232 1.42 -35.86 47.75
N ALA A 233 1.05 -36.85 48.57
CA ALA A 233 0.44 -36.67 49.91
C ALA A 233 1.25 -35.68 50.76
N GLU A 234 2.57 -35.81 50.77
CA GLU A 234 3.50 -35.03 51.63
C GLU A 234 3.63 -33.60 51.09
N SER A 235 3.94 -33.47 49.79
CA SER A 235 4.12 -32.18 49.07
C SER A 235 2.83 -31.35 49.15
N ALA A 236 1.67 -32.03 49.09
CA ALA A 236 0.32 -31.41 49.11
C ALA A 236 0.02 -30.83 50.50
N ALA A 237 0.29 -31.61 51.56
CA ALA A 237 0.13 -31.19 52.98
C ALA A 237 1.15 -30.10 53.31
N GLN A 238 2.33 -30.16 52.70
CA GLN A 238 3.42 -29.14 52.85
C GLN A 238 2.96 -27.81 52.25
N PHE A 239 2.51 -27.83 50.99
CA PHE A 239 2.17 -26.64 50.17
C PHE A 239 0.69 -26.65 49.80
N PRO A 240 -0.11 -25.64 50.22
CA PRO A 240 -1.49 -25.50 49.75
C PRO A 240 -1.61 -25.43 48.22
N GLU A 241 -0.59 -24.91 47.56
CA GLU A 241 -0.55 -24.69 46.08
C GLU A 241 -0.54 -26.05 45.38
N VAL A 242 0.21 -27.01 45.91
CA VAL A 242 0.31 -28.40 45.38
C VAL A 242 -0.99 -29.15 45.70
N ALA A 243 -1.57 -28.92 46.88
CA ALA A 243 -2.86 -29.51 47.31
C ALA A 243 -3.92 -29.24 46.26
N VAL A 244 -4.01 -27.99 45.77
CA VAL A 244 -4.94 -27.57 44.68
C VAL A 244 -4.73 -28.47 43.45
N PHE A 245 -3.48 -28.85 43.17
CA PHE A 245 -3.08 -29.72 42.04
C PHE A 245 -3.53 -31.16 42.31
N ARG A 246 -3.11 -31.74 43.45
CA ARG A 246 -3.48 -33.11 43.88
C ARG A 246 -5.01 -33.24 43.89
N ASP A 247 -5.69 -32.23 44.45
CA ASP A 247 -7.18 -32.13 44.52
C ASP A 247 -7.77 -32.30 43.10
N SER A 248 -7.27 -31.52 42.14
CA SER A 248 -7.81 -31.43 40.75
C SER A 248 -7.70 -32.79 40.05
N ILE A 249 -6.59 -33.51 40.26
CA ILE A 249 -6.34 -34.88 39.69
C ILE A 249 -7.27 -35.88 40.37
N GLN A 250 -7.47 -35.72 41.68
CA GLN A 250 -8.30 -36.62 42.54
C GLN A 250 -9.75 -36.65 42.04
N SER A 251 -10.29 -35.49 41.65
CA SER A 251 -11.71 -35.29 41.23
C SER A 251 -11.95 -35.85 39.82
N ALA A 252 -10.89 -36.12 39.05
CA ALA A 252 -10.96 -36.58 37.64
C ALA A 252 -11.21 -38.10 37.58
N THR A 253 -12.47 -38.51 37.70
CA THR A 253 -12.96 -39.88 37.40
C THR A 253 -12.93 -40.11 35.88
N ARG A 254 -13.13 -39.03 35.10
CA ARG A 254 -13.27 -39.05 33.62
C ARG A 254 -11.90 -39.04 32.95
N GLY A 255 -10.81 -39.06 33.72
CA GLY A 255 -9.43 -39.05 33.22
C GLY A 255 -8.89 -37.63 33.04
N ILE A 256 -7.56 -37.46 33.11
CA ILE A 256 -6.86 -36.16 33.00
C ILE A 256 -6.28 -36.01 31.60
N THR A 257 -6.18 -34.77 31.10
CA THR A 257 -5.52 -34.42 29.81
C THR A 257 -4.02 -34.75 29.94
N ARG A 258 -3.53 -35.63 29.08
CA ARG A 258 -2.12 -36.14 29.08
C ARG A 258 -1.40 -35.65 27.82
N SER B 2 -33.53 10.74 4.26
CA SER B 2 -32.11 11.19 4.24
C SER B 2 -31.18 9.98 4.08
N LEU B 3 -29.87 10.23 3.98
CA LEU B 3 -28.81 9.18 3.93
C LEU B 3 -28.52 8.69 5.35
N ILE B 4 -28.56 9.60 6.33
CA ILE B 4 -28.48 9.31 7.79
C ILE B 4 -29.88 8.88 8.24
N ASP B 5 -30.14 7.57 8.30
CA ASP B 5 -31.44 6.98 8.75
C ASP B 5 -31.76 7.54 10.14
N PRO B 6 -32.98 8.08 10.37
CA PRO B 6 -33.27 8.84 11.58
C PRO B 6 -33.18 8.05 12.90
N ARG B 7 -33.18 6.71 12.83
CA ARG B 7 -33.06 5.81 14.02
C ARG B 7 -31.59 5.54 14.35
N ALA B 8 -30.65 6.15 13.60
CA ALA B 8 -29.21 6.15 13.89
C ALA B 8 -28.90 7.17 14.98
N ILE B 9 -27.79 6.97 15.71
CA ILE B 9 -27.20 7.97 16.66
C ILE B 9 -25.92 8.52 16.04
N ILE B 10 -25.89 9.82 15.75
CA ILE B 10 -24.72 10.56 15.21
C ILE B 10 -24.27 11.59 16.25
N ASP B 11 -23.25 11.24 17.06
CA ASP B 11 -22.74 12.11 18.15
C ASP B 11 -22.42 13.49 17.57
N PRO B 12 -22.83 14.58 18.26
CA PRO B 12 -22.53 15.94 17.80
C PRO B 12 -21.10 16.13 17.26
N SER B 13 -20.11 15.49 17.88
CA SER B 13 -18.66 15.69 17.63
C SER B 13 -18.14 14.72 16.55
N ALA B 14 -19.05 14.14 15.76
CA ALA B 14 -18.72 13.21 14.65
C ALA B 14 -18.64 13.99 13.34
N ARG B 15 -17.77 13.57 12.41
CA ARG B 15 -17.49 14.25 11.12
C ARG B 15 -17.83 13.32 9.95
N LEU B 16 -19.07 13.39 9.46
CA LEU B 16 -19.61 12.58 8.34
C LEU B 16 -19.58 13.41 7.05
N ALA B 17 -18.93 12.91 6.00
CA ALA B 17 -18.93 13.49 4.65
C ALA B 17 -20.36 13.47 4.09
N ALA B 18 -20.65 14.30 3.07
CA ALA B 18 -22.01 14.66 2.62
C ALA B 18 -22.79 13.43 2.16
N ASP B 19 -22.19 12.61 1.28
CA ASP B 19 -22.88 11.48 0.59
C ASP B 19 -22.77 10.18 1.41
N VAL B 20 -22.35 10.25 2.68
CA VAL B 20 -22.25 9.09 3.61
C VAL B 20 -23.65 8.53 3.89
N GLN B 21 -23.80 7.21 3.82
CA GLN B 21 -25.04 6.47 4.20
C GLN B 21 -24.83 5.80 5.56
N VAL B 22 -25.81 5.89 6.45
CA VAL B 22 -25.81 5.26 7.81
C VAL B 22 -27.21 4.68 8.07
N GLY B 23 -27.33 3.35 8.07
CA GLY B 23 -28.61 2.62 8.22
C GLY B 23 -29.17 2.71 9.64
N PRO B 24 -30.37 2.13 9.89
CA PRO B 24 -31.05 2.28 11.19
C PRO B 24 -30.41 1.55 12.37
N TRP B 25 -30.51 2.17 13.57
CA TRP B 25 -30.05 1.66 14.89
C TRP B 25 -28.53 1.46 14.91
N SER B 26 -27.80 2.23 14.10
CA SER B 26 -26.31 2.27 14.08
C SER B 26 -25.83 3.47 14.88
N ILE B 27 -24.87 3.25 15.79
CA ILE B 27 -24.23 4.33 16.61
C ILE B 27 -22.98 4.82 15.87
N VAL B 28 -22.86 6.14 15.71
CA VAL B 28 -21.66 6.84 15.15
C VAL B 28 -21.16 7.82 16.24
N GLY B 29 -20.37 7.30 17.17
CA GLY B 29 -20.01 7.98 18.45
C GLY B 29 -19.10 9.18 18.25
N ALA B 30 -18.55 9.70 19.34
CA ALA B 30 -17.77 10.96 19.41
C ALA B 30 -16.46 10.81 18.65
N GLU B 31 -16.02 11.90 18.00
CA GLU B 31 -14.76 12.03 17.23
C GLU B 31 -14.60 10.83 16.27
N VAL B 32 -15.70 10.42 15.62
CA VAL B 32 -15.71 9.41 14.53
C VAL B 32 -15.84 10.16 13.20
N GLU B 33 -14.86 9.96 12.30
CA GLU B 33 -14.80 10.60 10.96
C GLU B 33 -15.05 9.54 9.88
N ILE B 34 -16.03 9.77 9.01
CA ILE B 34 -16.39 8.86 7.88
C ILE B 34 -16.29 9.65 6.57
N GLY B 35 -15.38 9.24 5.67
CA GLY B 35 -15.10 9.90 4.38
C GLY B 35 -16.18 9.65 3.35
N GLU B 36 -16.03 10.22 2.15
CA GLU B 36 -17.10 10.28 1.11
C GLU B 36 -17.34 8.87 0.54
N GLY B 37 -18.60 8.55 0.22
CA GLY B 37 -18.99 7.34 -0.51
C GLY B 37 -19.24 6.15 0.40
N THR B 38 -18.61 6.13 1.58
CA THR B 38 -18.67 5.03 2.59
C THR B 38 -20.12 4.80 3.01
N VAL B 39 -20.52 3.52 3.15
CA VAL B 39 -21.92 3.08 3.42
C VAL B 39 -21.93 2.25 4.72
N ILE B 40 -22.45 2.81 5.81
CA ILE B 40 -22.64 2.11 7.12
C ILE B 40 -24.01 1.43 7.09
N GLY B 41 -24.04 0.12 7.37
CA GLY B 41 -25.27 -0.68 7.45
C GLY B 41 -25.99 -0.50 8.79
N PRO B 42 -27.11 -1.21 9.02
CA PRO B 42 -27.83 -1.12 10.29
C PRO B 42 -27.13 -1.92 11.40
N HIS B 43 -27.51 -1.68 12.66
CA HIS B 43 -27.01 -2.40 13.86
C HIS B 43 -25.48 -2.38 13.92
N VAL B 44 -24.85 -1.26 13.57
CA VAL B 44 -23.37 -1.08 13.64
C VAL B 44 -23.03 -0.16 14.81
N VAL B 45 -21.97 -0.48 15.55
CA VAL B 45 -21.40 0.40 16.62
C VAL B 45 -20.07 0.94 16.13
N LEU B 46 -20.00 2.26 15.87
CA LEU B 46 -18.75 2.99 15.51
C LEU B 46 -18.34 3.86 16.69
N LYS B 47 -17.24 3.49 17.37
CA LYS B 47 -16.65 4.27 18.49
C LYS B 47 -15.32 4.89 18.02
N GLY B 48 -14.97 6.06 18.58
CA GLY B 48 -13.74 6.80 18.28
C GLY B 48 -12.85 6.94 19.52
N PRO B 49 -11.77 7.75 19.47
CA PRO B 49 -11.42 8.52 18.27
C PRO B 49 -11.01 7.62 17.08
N THR B 50 -11.73 7.73 15.97
CA THR B 50 -11.63 6.85 14.77
C THR B 50 -11.72 7.69 13.49
N LYS B 51 -11.11 7.20 12.40
CA LYS B 51 -11.11 7.84 11.06
C LYS B 51 -11.33 6.75 10.00
N ILE B 52 -12.49 6.78 9.32
CA ILE B 52 -12.87 5.84 8.22
C ILE B 52 -12.79 6.62 6.89
N GLY B 53 -12.21 5.99 5.86
CA GLY B 53 -11.89 6.64 4.57
C GLY B 53 -13.09 6.69 3.63
N LYS B 54 -12.84 6.53 2.32
CA LYS B 54 -13.83 6.74 1.22
C LYS B 54 -14.27 5.39 0.65
N HIS B 55 -15.57 5.25 0.36
CA HIS B 55 -16.20 4.13 -0.38
C HIS B 55 -16.01 2.79 0.37
N ASN B 56 -16.13 2.81 1.71
CA ASN B 56 -16.11 1.58 2.55
C ASN B 56 -17.55 1.07 2.74
N ARG B 57 -17.69 -0.19 3.16
CA ARG B 57 -18.99 -0.84 3.48
C ARG B 57 -18.82 -1.65 4.77
N ILE B 58 -19.70 -1.41 5.76
CA ILE B 58 -19.62 -2.01 7.13
C ILE B 58 -20.99 -2.61 7.46
N TYR B 59 -21.06 -3.95 7.48
CA TYR B 59 -22.32 -4.74 7.58
C TYR B 59 -22.82 -4.78 9.03
N GLN B 60 -24.09 -5.16 9.19
CA GLN B 60 -24.82 -5.30 10.48
C GLN B 60 -23.96 -6.03 11.53
N PHE B 61 -23.99 -5.53 12.76
CA PHE B 61 -23.56 -6.21 14.03
C PHE B 61 -22.06 -6.03 14.27
N SER B 62 -21.32 -5.47 13.29
CA SER B 62 -19.87 -5.13 13.43
C SER B 62 -19.72 -4.04 14.49
N SER B 63 -18.66 -4.12 15.30
CA SER B 63 -18.30 -3.16 16.37
C SER B 63 -16.89 -2.62 16.11
N VAL B 64 -16.79 -1.53 15.34
CA VAL B 64 -15.50 -0.91 14.89
C VAL B 64 -15.13 0.24 15.84
N GLY B 65 -14.08 0.06 16.63
CA GLY B 65 -13.42 1.12 17.41
C GLY B 65 -13.61 1.00 18.91
N GLU B 66 -14.06 -0.16 19.40
CA GLU B 66 -14.16 -0.44 20.86
C GLU B 66 -12.75 -0.58 21.44
N ASP B 67 -12.61 -0.37 22.75
CA ASP B 67 -11.35 -0.57 23.50
C ASP B 67 -10.99 -2.06 23.44
N THR B 68 -9.70 -2.39 23.31
CA THR B 68 -9.19 -3.75 23.58
C THR B 68 -9.51 -4.12 25.02
N PRO B 69 -10.08 -5.32 25.29
CA PRO B 69 -10.36 -5.75 26.66
C PRO B 69 -9.06 -6.02 27.44
N ASP B 70 -7.96 -6.18 26.70
CA ASP B 70 -6.56 -6.26 27.21
C ASP B 70 -6.42 -5.41 28.47
N LEU B 71 -5.83 -5.99 29.53
CA LEU B 71 -5.73 -5.38 30.88
C LEU B 71 -4.67 -4.27 30.90
N LYS B 72 -3.61 -4.39 30.10
CA LYS B 72 -2.47 -3.42 30.09
C LYS B 72 -2.98 -2.05 29.59
N TYR B 73 -4.02 -2.03 28.76
CA TYR B 73 -4.78 -0.81 28.37
C TYR B 73 -5.53 -0.28 29.60
N LYS B 74 -5.31 0.99 29.95
CA LYS B 74 -5.83 1.63 31.19
C LYS B 74 -6.85 2.74 30.86
N GLY B 75 -7.18 2.94 29.57
CA GLY B 75 -8.16 3.94 29.12
C GLY B 75 -7.50 5.22 28.63
N GLU B 76 -6.51 5.08 27.73
CA GLU B 76 -5.73 6.20 27.13
C GLU B 76 -6.45 6.70 25.88
N PRO B 77 -6.02 7.84 25.26
CA PRO B 77 -6.71 8.40 24.09
C PRO B 77 -6.14 7.85 22.77
N THR B 78 -6.24 6.52 22.57
CA THR B 78 -5.69 5.79 21.38
C THR B 78 -6.67 5.90 20.21
N ARG B 79 -6.21 5.55 19.00
CA ARG B 79 -6.90 5.84 17.71
C ARG B 79 -7.11 4.53 16.92
N LEU B 80 -8.06 4.53 16.00
CA LEU B 80 -8.23 3.52 14.91
C LEU B 80 -8.35 4.28 13.58
N VAL B 81 -7.70 3.79 12.53
CA VAL B 81 -7.70 4.43 11.18
C VAL B 81 -7.93 3.35 10.12
N ILE B 82 -8.99 3.51 9.32
CA ILE B 82 -9.40 2.58 8.23
C ILE B 82 -9.40 3.37 6.92
N GLY B 83 -8.78 2.82 5.87
CA GLY B 83 -8.56 3.50 4.58
C GLY B 83 -9.80 3.48 3.69
N ASP B 84 -9.58 3.44 2.37
CA ASP B 84 -10.64 3.56 1.33
C ASP B 84 -10.90 2.19 0.70
N HIS B 85 -12.13 1.93 0.26
CA HIS B 85 -12.54 0.81 -0.64
C HIS B 85 -12.52 -0.54 0.09
N ASN B 86 -12.62 -0.54 1.42
CA ASN B 86 -12.62 -1.78 2.25
C ASN B 86 -14.06 -2.30 2.39
N VAL B 87 -14.21 -3.60 2.66
CA VAL B 87 -15.51 -4.26 2.96
C VAL B 87 -15.37 -5.02 4.30
N ILE B 88 -16.12 -4.59 5.31
CA ILE B 88 -16.16 -5.17 6.69
C ILE B 88 -17.52 -5.86 6.87
N ARG B 89 -17.54 -7.20 6.90
CA ARG B 89 -18.80 -7.99 6.84
C ARG B 89 -19.46 -8.09 8.22
N GLU B 90 -20.48 -8.94 8.35
CA GLU B 90 -21.40 -9.03 9.53
C GLU B 90 -20.60 -9.35 10.79
N GLY B 91 -20.73 -8.52 11.83
CA GLY B 91 -20.26 -8.80 13.20
C GLY B 91 -18.75 -8.78 13.35
N VAL B 92 -18.04 -8.03 12.50
CA VAL B 92 -16.57 -7.82 12.62
C VAL B 92 -16.29 -6.96 13.86
N THR B 93 -15.27 -7.31 14.63
CA THR B 93 -14.76 -6.49 15.76
C THR B 93 -13.38 -5.95 15.39
N ILE B 94 -13.20 -4.63 15.50
CA ILE B 94 -11.91 -3.91 15.27
C ILE B 94 -11.68 -2.98 16.47
N HIS B 95 -10.54 -3.14 17.16
CA HIS B 95 -10.19 -2.40 18.40
C HIS B 95 -9.15 -1.31 18.09
N ARG B 96 -9.28 -0.15 18.75
CA ARG B 96 -8.27 0.95 18.74
C ARG B 96 -6.97 0.42 19.36
N GLY B 97 -5.88 1.17 19.19
CA GLY B 97 -4.52 0.77 19.64
C GLY B 97 -4.33 0.90 21.14
N THR B 98 -3.10 0.71 21.60
CA THR B 98 -2.63 0.93 23.00
C THR B 98 -1.42 1.86 22.96
N VAL B 99 -1.25 2.71 23.98
CA VAL B 99 -0.09 3.65 24.13
C VAL B 99 1.20 2.83 24.19
N GLN B 100 1.13 1.60 24.71
CA GLN B 100 2.28 0.66 24.88
C GLN B 100 3.02 0.50 23.54
N ASP B 101 2.29 0.46 22.42
CA ASP B 101 2.85 0.37 21.04
C ASP B 101 2.89 1.78 20.43
N ARG B 102 1.95 2.12 19.55
CA ARG B 102 1.91 3.41 18.81
C ARG B 102 0.51 4.03 18.87
N ALA B 103 -0.33 3.62 19.84
CA ALA B 103 -1.66 4.22 20.15
C ALA B 103 -2.51 4.33 18.88
N GLU B 104 -2.50 3.30 18.02
CA GLU B 104 -3.29 3.30 16.75
C GLU B 104 -3.35 1.88 16.15
N THR B 105 -4.50 1.53 15.57
CA THR B 105 -4.76 0.33 14.74
C THR B 105 -5.06 0.79 13.31
N THR B 106 -4.26 0.37 12.34
CA THR B 106 -4.31 0.85 10.92
C THR B 106 -4.74 -0.29 9.98
N ILE B 107 -5.84 -0.11 9.26
CA ILE B 107 -6.25 -0.93 8.08
C ILE B 107 -6.14 -0.04 6.84
N GLY B 108 -5.42 -0.49 5.81
CA GLY B 108 -5.18 0.26 4.57
C GLY B 108 -6.41 0.27 3.67
N ASP B 109 -6.22 -0.03 2.37
CA ASP B 109 -7.25 0.13 1.32
C ASP B 109 -7.55 -1.23 0.66
N HIS B 110 -8.76 -1.37 0.11
CA HIS B 110 -9.19 -2.49 -0.78
C HIS B 110 -9.13 -3.84 -0.04
N ASN B 111 -9.14 -3.84 1.29
CA ASN B 111 -9.11 -5.08 2.13
C ASN B 111 -10.55 -5.59 2.30
N LEU B 112 -10.74 -6.90 2.13
CA LEU B 112 -12.05 -7.59 2.41
C LEU B 112 -11.92 -8.36 3.72
N ILE B 113 -12.72 -7.99 4.72
CA ILE B 113 -12.69 -8.55 6.11
C ILE B 113 -14.06 -9.19 6.39
N MET B 114 -14.12 -10.52 6.37
CA MET B 114 -15.37 -11.32 6.32
C MET B 114 -15.96 -11.49 7.74
N ALA B 115 -17.11 -12.14 7.82
CA ALA B 115 -18.03 -12.15 8.99
C ALA B 115 -17.32 -12.68 10.25
N TYR B 116 -17.45 -11.95 11.36
CA TYR B 116 -17.06 -12.36 12.74
C TYR B 116 -15.54 -12.51 12.83
N ALA B 117 -14.80 -11.87 11.93
CA ALA B 117 -13.32 -11.73 11.97
C ALA B 117 -12.96 -10.68 13.03
N HIS B 118 -11.80 -10.82 13.66
CA HIS B 118 -11.32 -9.94 14.76
C HIS B 118 -9.96 -9.34 14.41
N ILE B 119 -9.82 -8.03 14.61
CA ILE B 119 -8.57 -7.23 14.41
C ILE B 119 -8.21 -6.58 15.75
N GLY B 120 -7.24 -7.17 16.46
CA GLY B 120 -6.80 -6.73 17.80
C GLY B 120 -6.13 -5.36 17.77
N HIS B 121 -5.88 -4.80 18.95
CA HIS B 121 -5.21 -3.48 19.17
C HIS B 121 -3.86 -3.43 18.47
N ASP B 122 -3.52 -2.28 17.89
CA ASP B 122 -2.18 -1.93 17.35
C ASP B 122 -1.84 -2.78 16.12
N SER B 123 -2.84 -3.42 15.52
CA SER B 123 -2.68 -4.35 14.38
C SER B 123 -2.69 -3.56 13.07
N VAL B 124 -1.67 -3.74 12.24
CA VAL B 124 -1.51 -3.02 10.93
C VAL B 124 -1.89 -3.98 9.79
N ILE B 125 -3.08 -3.70 9.16
CA ILE B 125 -3.53 -4.49 7.96
C ILE B 125 -3.25 -3.64 6.74
N GLY B 126 -2.52 -4.22 5.74
CA GLY B 126 -2.12 -3.40 4.58
C GLY B 126 -3.16 -3.30 3.51
N ASN B 127 -2.77 -3.49 2.25
CA ASN B 127 -3.72 -3.23 1.14
C ASN B 127 -4.06 -4.49 0.31
N HIS B 128 -5.31 -4.63 -0.10
CA HIS B 128 -5.82 -5.75 -0.94
C HIS B 128 -5.75 -7.09 -0.21
N CYS B 129 -5.73 -7.08 1.13
CA CYS B 129 -5.73 -8.32 1.96
C CYS B 129 -7.14 -8.92 2.00
N ILE B 130 -7.26 -10.19 2.40
CA ILE B 130 -8.56 -10.88 2.61
C ILE B 130 -8.49 -11.71 3.90
N LEU B 131 -9.36 -11.38 4.88
CA LEU B 131 -9.53 -12.13 6.14
C LEU B 131 -10.88 -12.85 6.10
N VAL B 132 -10.85 -14.17 5.93
CA VAL B 132 -12.06 -15.03 5.74
C VAL B 132 -12.72 -15.24 7.11
N ASN B 133 -14.01 -15.62 7.12
CA ASN B 133 -14.90 -15.76 8.31
C ASN B 133 -14.10 -16.16 9.56
N ASN B 134 -14.28 -15.39 10.65
CA ASN B 134 -13.80 -15.70 12.02
C ASN B 134 -12.27 -15.77 12.07
N THR B 135 -11.57 -15.01 11.22
CA THR B 135 -10.09 -14.85 11.30
C THR B 135 -9.80 -13.85 12.43
N ALA B 136 -8.99 -14.26 13.41
CA ALA B 136 -8.70 -13.51 14.64
C ALA B 136 -7.22 -13.13 14.69
N LEU B 137 -6.92 -11.82 14.63
CA LEU B 137 -5.57 -11.23 14.80
C LEU B 137 -5.46 -10.67 16.22
N ALA B 138 -4.47 -11.14 16.99
CA ALA B 138 -4.35 -10.95 18.46
C ALA B 138 -4.15 -9.47 18.81
N GLY B 139 -3.02 -8.91 18.42
CA GLY B 139 -2.61 -7.54 18.75
C GLY B 139 -1.17 -7.30 18.37
N HIS B 140 -0.87 -6.13 17.78
CA HIS B 140 0.46 -5.76 17.23
C HIS B 140 0.78 -6.63 16.01
N VAL B 141 -0.25 -7.11 15.31
CA VAL B 141 -0.13 -8.06 14.15
C VAL B 141 -0.08 -7.22 12.86
N HIS B 142 0.99 -7.38 12.07
CA HIS B 142 1.24 -6.64 10.80
C HIS B 142 1.00 -7.57 9.60
N VAL B 143 -0.19 -7.48 8.98
CA VAL B 143 -0.57 -8.25 7.75
C VAL B 143 -0.30 -7.38 6.52
N ASP B 144 0.79 -7.66 5.80
CA ASP B 144 1.23 -6.88 4.60
C ASP B 144 0.31 -7.20 3.42
N ASP B 145 0.45 -6.47 2.32
CA ASP B 145 -0.52 -6.37 1.20
C ASP B 145 -0.73 -7.74 0.55
N TRP B 146 -1.96 -8.02 0.12
CA TRP B 146 -2.37 -9.17 -0.75
C TRP B 146 -2.32 -10.50 0.02
N ALA B 147 -2.31 -10.46 1.35
CA ALA B 147 -2.31 -11.65 2.23
C ALA B 147 -3.73 -12.24 2.27
N ILE B 148 -3.85 -13.56 2.23
CA ILE B 148 -5.14 -14.31 2.29
C ILE B 148 -5.10 -15.29 3.46
N LEU B 149 -5.67 -14.92 4.60
CA LEU B 149 -5.88 -15.81 5.77
C LEU B 149 -7.25 -16.49 5.62
N SER B 150 -7.26 -17.82 5.49
CA SER B 150 -8.48 -18.64 5.28
C SER B 150 -9.35 -18.61 6.54
N GLY B 151 -10.55 -19.20 6.46
CA GLY B 151 -11.56 -19.20 7.54
C GLY B 151 -11.00 -19.75 8.84
N TYR B 152 -11.25 -19.04 9.95
CA TYR B 152 -10.94 -19.45 11.34
C TYR B 152 -9.42 -19.55 11.55
N THR B 153 -8.65 -18.75 10.81
CA THR B 153 -7.18 -18.60 11.00
C THR B 153 -6.94 -17.77 12.26
N LEU B 154 -6.03 -18.23 13.12
CA LEU B 154 -5.66 -17.54 14.39
C LEU B 154 -4.22 -17.02 14.26
N VAL B 155 -3.94 -15.86 14.84
CA VAL B 155 -2.63 -15.15 14.74
C VAL B 155 -2.25 -14.58 16.11
N HIS B 156 -1.14 -15.08 16.69
CA HIS B 156 -0.56 -14.70 18.00
C HIS B 156 -0.15 -13.22 18.00
N GLN B 157 0.06 -12.63 19.18
CA GLN B 157 0.59 -11.26 19.38
C GLN B 157 1.92 -11.10 18.61
N TYR B 158 2.11 -9.95 17.95
CA TYR B 158 3.39 -9.48 17.35
C TYR B 158 3.80 -10.31 16.12
N CYS B 159 2.93 -11.21 15.65
CA CYS B 159 3.15 -12.03 14.43
C CYS B 159 2.89 -11.17 13.19
N ARG B 160 3.78 -11.24 12.20
CA ARG B 160 3.78 -10.36 11.01
C ARG B 160 3.59 -11.21 9.75
N ILE B 161 2.41 -11.13 9.14
CA ILE B 161 2.00 -11.95 7.97
C ILE B 161 2.55 -11.29 6.70
N GLY B 162 3.45 -11.99 5.99
CA GLY B 162 4.14 -11.49 4.79
C GLY B 162 3.18 -11.23 3.64
N ALA B 163 3.66 -10.54 2.59
CA ALA B 163 2.87 -10.08 1.42
C ALA B 163 2.61 -11.26 0.48
N HIS B 164 1.38 -11.34 -0.06
CA HIS B 164 0.90 -12.39 -1.00
C HIS B 164 0.99 -13.77 -0.34
N SER B 165 1.16 -13.82 0.99
CA SER B 165 1.21 -15.07 1.78
C SER B 165 -0.22 -15.60 1.94
N PHE B 166 -0.35 -16.85 2.40
CA PHE B 166 -1.65 -17.56 2.49
C PHE B 166 -1.63 -18.56 3.67
N SER B 167 -2.64 -18.51 4.53
CA SER B 167 -2.89 -19.52 5.60
C SER B 167 -4.04 -20.43 5.16
N GLY B 168 -4.05 -21.67 5.65
CA GLY B 168 -5.16 -22.58 5.34
C GLY B 168 -6.24 -22.53 6.40
N MET B 169 -7.44 -22.97 6.07
CA MET B 169 -8.56 -22.86 7.01
C MET B 169 -8.16 -23.46 8.37
N GLY B 170 -8.56 -22.81 9.45
CA GLY B 170 -8.23 -23.27 10.81
C GLY B 170 -6.77 -23.25 11.12
N SER B 171 -6.04 -22.34 10.49
CA SER B 171 -4.59 -22.23 10.76
C SER B 171 -4.38 -21.50 12.10
N ALA B 172 -3.34 -21.88 12.85
CA ALA B 172 -2.95 -21.27 14.13
C ALA B 172 -1.48 -20.84 14.05
N ILE B 173 -1.25 -19.53 13.88
CA ILE B 173 0.08 -18.93 13.56
C ILE B 173 0.67 -18.32 14.84
N GLY B 174 1.77 -18.91 15.33
CA GLY B 174 2.50 -18.49 16.55
C GLY B 174 3.82 -17.80 16.22
N LYS B 175 4.33 -17.98 14.99
CA LYS B 175 5.59 -17.35 14.49
C LYS B 175 5.26 -16.60 13.19
N ASP B 176 6.21 -15.82 12.68
CA ASP B 176 6.01 -14.95 11.49
C ASP B 176 5.86 -15.82 10.23
N VAL B 177 4.96 -15.41 9.33
CA VAL B 177 4.78 -15.99 7.97
C VAL B 177 5.58 -15.12 7.00
N PRO B 178 6.70 -15.64 6.43
CA PRO B 178 7.41 -14.91 5.38
C PRO B 178 6.50 -14.59 4.19
N ALA B 179 6.87 -13.56 3.41
CA ALA B 179 6.12 -13.09 2.22
C ALA B 179 6.02 -14.24 1.22
N TYR B 180 4.83 -14.44 0.64
CA TYR B 180 4.54 -15.39 -0.48
C TYR B 180 4.32 -16.81 0.04
N VAL B 181 4.71 -17.12 1.27
CA VAL B 181 4.67 -18.52 1.79
C VAL B 181 3.24 -19.02 2.09
N THR B 182 3.07 -20.34 2.08
CA THR B 182 1.76 -20.97 2.36
C THR B 182 1.88 -21.67 3.72
N VAL B 183 0.99 -21.36 4.65
CA VAL B 183 1.09 -21.91 6.03
C VAL B 183 -0.19 -22.65 6.36
N PHE B 184 -0.09 -23.78 7.09
CA PHE B 184 -1.29 -24.61 7.31
C PHE B 184 -1.29 -25.35 8.63
N GLY B 185 -2.47 -25.55 9.20
CA GLY B 185 -2.67 -26.41 10.40
C GLY B 185 -2.44 -25.66 11.70
N ASN B 186 -2.62 -26.37 12.83
CA ASN B 186 -2.47 -25.85 14.22
C ASN B 186 -1.59 -26.82 14.99
N PRO B 187 -0.28 -26.52 15.19
CA PRO B 187 0.34 -25.25 14.79
C PRO B 187 0.64 -25.17 13.28
N ALA B 188 0.85 -23.95 12.78
CA ALA B 188 1.09 -23.62 11.36
C ALA B 188 2.40 -24.24 10.88
N GLU B 189 2.39 -24.89 9.71
CA GLU B 189 3.58 -25.42 8.98
C GLU B 189 3.67 -24.74 7.62
N ALA B 190 4.87 -24.68 7.04
CA ALA B 190 5.12 -24.14 5.67
C ALA B 190 5.08 -25.29 4.65
N ARG B 191 4.61 -24.99 3.43
CA ARG B 191 4.49 -25.97 2.31
C ARG B 191 4.71 -25.26 0.98
N SER B 192 5.96 -24.92 0.64
CA SER B 192 6.32 -24.12 -0.56
C SER B 192 5.49 -22.81 -0.55
N MET B 193 5.21 -22.19 -1.71
CA MET B 193 4.77 -20.78 -1.80
C MET B 193 3.44 -20.64 -2.53
N ASN B 194 2.78 -19.50 -2.31
CA ASN B 194 1.47 -19.09 -2.90
C ASN B 194 1.70 -18.75 -4.38
N PHE B 195 1.86 -19.76 -5.22
CA PHE B 195 2.28 -19.64 -6.64
C PHE B 195 1.12 -19.10 -7.49
N GLU B 196 -0.05 -19.75 -7.45
CA GLU B 196 -1.26 -19.29 -8.21
C GLU B 196 -1.58 -17.84 -7.82
N GLY B 197 -1.33 -17.48 -6.56
CA GLY B 197 -1.44 -16.09 -6.05
C GLY B 197 -0.54 -15.14 -6.82
N MET B 198 0.68 -15.56 -7.15
CA MET B 198 1.66 -14.77 -7.94
C MET B 198 1.22 -14.74 -9.41
N ARG B 199 0.79 -15.90 -9.94
CA ARG B 199 0.36 -16.08 -11.35
C ARG B 199 -0.91 -15.27 -11.60
N ARG B 200 -1.73 -15.08 -10.56
CA ARG B 200 -2.95 -14.22 -10.57
C ARG B 200 -2.57 -12.77 -10.89
N ARG B 201 -1.80 -12.13 -10.00
CA ARG B 201 -1.42 -10.70 -10.13
C ARG B 201 -0.52 -10.44 -11.33
N GLY B 202 0.12 -11.48 -11.82
CA GLY B 202 0.96 -11.37 -13.04
C GLY B 202 2.43 -11.14 -12.71
N PHE B 203 2.94 -11.82 -11.68
CA PHE B 203 4.38 -11.79 -11.28
C PHE B 203 5.20 -12.45 -12.39
N SER B 204 6.48 -12.05 -12.50
CA SER B 204 7.39 -12.45 -13.59
C SER B 204 7.80 -13.92 -13.42
N SER B 205 7.75 -14.69 -14.52
CA SER B 205 8.25 -16.09 -14.63
C SER B 205 9.67 -16.20 -14.05
N GLU B 206 10.48 -15.16 -14.24
CA GLU B 206 11.89 -15.08 -13.80
C GLU B 206 11.95 -14.97 -12.26
N ALA B 207 11.08 -14.14 -11.67
CA ALA B 207 11.02 -13.87 -10.21
C ALA B 207 10.45 -15.09 -9.46
N ILE B 208 9.53 -15.83 -10.08
CA ILE B 208 8.85 -17.03 -9.48
C ILE B 208 9.88 -18.15 -9.32
N HIS B 209 10.81 -18.30 -10.28
CA HIS B 209 11.97 -19.22 -10.22
C HIS B 209 12.91 -18.79 -9.09
N ALA B 210 13.11 -17.48 -8.92
CA ALA B 210 13.97 -16.86 -7.88
C ALA B 210 13.37 -17.10 -6.50
N LEU B 211 12.07 -16.81 -6.33
CA LEU B 211 11.32 -17.04 -5.06
C LEU B 211 11.34 -18.53 -4.71
N ARG B 212 11.29 -19.42 -5.71
CA ARG B 212 11.34 -20.89 -5.52
C ARG B 212 12.71 -21.28 -4.99
N ARG B 213 13.79 -20.72 -5.56
CA ARG B 213 15.19 -21.04 -5.18
C ARG B 213 15.57 -20.29 -3.90
N ALA B 214 14.92 -19.16 -3.62
CA ALA B 214 15.08 -18.38 -2.36
C ALA B 214 14.43 -19.15 -1.20
N TYR B 215 13.28 -19.79 -1.45
CA TYR B 215 12.56 -20.66 -0.47
C TYR B 215 13.47 -21.82 -0.08
N LYS B 216 14.17 -22.43 -1.04
CA LYS B 216 15.10 -23.58 -0.83
C LYS B 216 16.19 -23.19 0.19
N VAL B 217 16.54 -21.91 0.28
CA VAL B 217 17.68 -21.39 1.11
C VAL B 217 17.26 -21.39 2.59
N VAL B 218 16.18 -20.67 2.91
CA VAL B 218 15.68 -20.45 4.30
C VAL B 218 15.31 -21.79 4.92
N TYR B 219 14.62 -22.65 4.15
CA TYR B 219 13.89 -23.84 4.65
C TYR B 219 14.68 -25.13 4.42
N ARG B 220 15.18 -25.34 3.19
CA ARG B 220 15.60 -26.68 2.70
C ARG B 220 17.12 -26.89 2.75
N GLN B 221 17.92 -25.87 3.09
CA GLN B 221 19.41 -25.96 3.08
C GLN B 221 19.96 -25.92 4.52
N GLY B 222 19.09 -26.04 5.51
CA GLY B 222 19.46 -26.18 6.94
C GLY B 222 20.37 -25.07 7.43
N HIS B 223 20.29 -23.87 6.83
CA HIS B 223 21.00 -22.64 7.28
C HIS B 223 20.37 -22.14 8.57
N THR B 224 21.14 -21.45 9.42
CA THR B 224 20.60 -20.54 10.46
C THR B 224 20.04 -19.30 9.74
N VAL B 225 19.18 -18.52 10.41
CA VAL B 225 18.43 -17.39 9.78
C VAL B 225 19.44 -16.36 9.25
N GLU B 226 20.58 -16.18 9.92
CA GLU B 226 21.67 -15.26 9.49
C GLU B 226 22.41 -15.82 8.27
N GLU B 227 22.67 -17.14 8.25
CA GLU B 227 23.37 -17.85 7.13
C GLU B 227 22.50 -17.75 5.87
N ALA B 228 21.18 -17.84 6.04
CA ALA B 228 20.17 -17.81 4.96
C ALA B 228 19.96 -16.36 4.48
N LEU B 229 19.78 -15.42 5.42
CA LEU B 229 19.65 -13.96 5.15
C LEU B 229 20.87 -13.49 4.33
N ALA B 230 22.05 -14.05 4.61
CA ALA B 230 23.33 -13.74 3.92
C ALA B 230 23.32 -14.32 2.50
N GLU B 231 22.97 -15.60 2.35
CA GLU B 231 22.97 -16.34 1.05
C GLU B 231 21.89 -15.74 0.14
N LEU B 232 20.87 -15.09 0.70
CA LEU B 232 19.75 -14.45 -0.05
C LEU B 232 20.19 -13.11 -0.64
N ALA B 233 20.96 -12.31 0.11
CA ALA B 233 21.40 -10.94 -0.24
C ALA B 233 21.68 -10.82 -1.75
N GLU B 234 22.43 -11.77 -2.31
CA GLU B 234 22.82 -11.81 -3.74
C GLU B 234 21.56 -11.80 -4.62
N SER B 235 20.76 -12.89 -4.57
CA SER B 235 19.48 -13.05 -5.31
C SER B 235 18.48 -11.97 -4.92
N ALA B 236 18.53 -11.52 -3.65
CA ALA B 236 17.60 -10.52 -3.06
C ALA B 236 17.88 -9.12 -3.62
N ALA B 237 19.13 -8.85 -4.02
CA ALA B 237 19.55 -7.58 -4.66
C ALA B 237 19.12 -7.59 -6.13
N GLN B 238 19.10 -8.77 -6.76
CA GLN B 238 18.79 -8.97 -8.20
C GLN B 238 17.29 -8.79 -8.45
N PHE B 239 16.43 -9.13 -7.48
CA PHE B 239 14.95 -9.11 -7.61
C PHE B 239 14.28 -8.36 -6.46
N PRO B 240 13.27 -7.51 -6.74
CA PRO B 240 12.42 -6.94 -5.68
C PRO B 240 11.65 -7.98 -4.87
N GLU B 241 10.95 -8.88 -5.57
CA GLU B 241 10.13 -9.97 -4.97
C GLU B 241 10.94 -10.70 -3.89
N VAL B 242 12.20 -11.04 -4.20
CA VAL B 242 13.11 -11.81 -3.29
C VAL B 242 13.52 -10.90 -2.11
N ALA B 243 13.78 -9.61 -2.38
CA ALA B 243 14.10 -8.59 -1.35
C ALA B 243 12.96 -8.53 -0.33
N VAL B 244 11.72 -8.42 -0.81
CA VAL B 244 10.48 -8.35 0.02
C VAL B 244 10.38 -9.64 0.86
N PHE B 245 10.74 -10.78 0.28
CA PHE B 245 10.76 -12.11 0.95
C PHE B 245 11.86 -12.11 2.02
N ARG B 246 13.07 -11.66 1.67
CA ARG B 246 14.25 -11.56 2.58
C ARG B 246 14.01 -10.46 3.63
N ASP B 247 13.34 -9.37 3.23
CA ASP B 247 12.95 -8.24 4.14
C ASP B 247 12.00 -8.77 5.22
N SER B 248 10.95 -9.50 4.81
CA SER B 248 9.96 -10.15 5.71
C SER B 248 10.68 -11.13 6.66
N ILE B 249 11.70 -11.83 6.16
CA ILE B 249 12.54 -12.79 6.95
C ILE B 249 13.38 -12.02 7.98
N GLN B 250 13.93 -10.87 7.58
CA GLN B 250 14.78 -10.01 8.46
C GLN B 250 13.96 -9.52 9.66
N SER B 251 12.72 -9.10 9.42
CA SER B 251 11.86 -8.37 10.39
C SER B 251 11.04 -9.34 11.24
N ALA B 252 11.38 -10.64 11.25
CA ALA B 252 10.73 -11.69 12.07
C ALA B 252 11.29 -11.63 13.50
N THR B 253 10.54 -11.00 14.41
CA THR B 253 10.92 -10.79 15.83
C THR B 253 10.69 -12.10 16.62
N ARG B 254 9.65 -12.85 16.26
CA ARG B 254 9.20 -14.08 16.97
C ARG B 254 9.85 -15.32 16.37
N GLY B 255 10.51 -15.18 15.22
CA GLY B 255 10.99 -16.30 14.38
C GLY B 255 10.03 -16.56 13.23
N ILE B 256 10.41 -17.43 12.29
CA ILE B 256 9.60 -17.73 11.07
C ILE B 256 8.95 -19.11 11.19
N THR B 257 7.78 -19.29 10.55
CA THR B 257 7.01 -20.56 10.50
C THR B 257 7.76 -21.56 9.62
N ARG B 258 8.12 -22.72 10.16
CA ARG B 258 8.88 -23.79 9.46
C ARG B 258 7.99 -25.03 9.31
N LEU C 3 -48.13 -9.03 16.89
CA LEU C 3 -47.28 -10.02 16.16
C LEU C 3 -46.06 -9.30 15.56
N ILE C 4 -46.24 -8.55 14.47
CA ILE C 4 -45.19 -7.70 13.84
C ILE C 4 -45.01 -6.45 14.71
N ASP C 5 -43.99 -6.45 15.57
CA ASP C 5 -43.60 -5.33 16.45
C ASP C 5 -43.56 -4.04 15.63
N PRO C 6 -44.10 -2.90 16.15
CA PRO C 6 -44.10 -1.65 15.39
C PRO C 6 -42.72 -1.00 15.24
N ARG C 7 -41.66 -1.64 15.76
CA ARG C 7 -40.26 -1.18 15.68
C ARG C 7 -39.50 -1.95 14.59
N ALA C 8 -40.19 -2.82 13.84
CA ALA C 8 -39.63 -3.60 12.72
C ALA C 8 -39.84 -2.83 11.39
N ILE C 9 -38.90 -2.98 10.46
CA ILE C 9 -38.96 -2.43 9.08
C ILE C 9 -39.36 -3.57 8.13
N ILE C 10 -40.64 -3.63 7.76
CA ILE C 10 -41.20 -4.66 6.84
C ILE C 10 -41.32 -4.03 5.44
N ASP C 11 -40.24 -4.10 4.64
CA ASP C 11 -40.12 -3.50 3.29
C ASP C 11 -41.43 -3.68 2.53
N PRO C 12 -41.93 -2.67 1.78
CA PRO C 12 -43.21 -2.74 1.09
C PRO C 12 -43.43 -4.05 0.33
N SER C 13 -42.41 -4.49 -0.41
CA SER C 13 -42.45 -5.63 -1.36
C SER C 13 -42.16 -6.96 -0.63
N ALA C 14 -42.46 -7.04 0.67
CA ALA C 14 -42.39 -8.27 1.50
C ALA C 14 -43.61 -9.14 1.21
N ARG C 15 -43.83 -10.18 2.01
CA ARG C 15 -44.99 -11.11 1.89
C ARG C 15 -45.05 -11.98 3.16
N LEU C 16 -45.14 -11.35 4.32
CA LEU C 16 -45.25 -12.02 5.64
C LEU C 16 -46.63 -12.65 5.77
N ALA C 17 -46.77 -13.90 5.33
CA ALA C 17 -47.96 -14.75 5.54
C ALA C 17 -48.46 -14.55 6.98
N ALA C 18 -49.76 -14.43 7.20
CA ALA C 18 -50.23 -14.18 8.58
C ALA C 18 -49.71 -15.25 9.52
N ASP C 19 -49.66 -14.96 10.83
CA ASP C 19 -49.19 -15.91 11.87
C ASP C 19 -47.72 -15.66 12.21
N VAL C 20 -47.04 -14.83 11.43
CA VAL C 20 -45.57 -14.66 11.64
C VAL C 20 -45.26 -13.58 12.67
N GLN C 21 -44.50 -13.93 13.71
CA GLN C 21 -44.02 -12.97 14.74
C GLN C 21 -42.69 -12.36 14.27
N VAL C 22 -42.57 -11.03 14.31
CA VAL C 22 -41.29 -10.28 14.10
C VAL C 22 -41.00 -9.47 15.35
N GLY C 23 -39.81 -9.64 15.92
CA GLY C 23 -39.35 -8.90 17.12
C GLY C 23 -38.96 -7.47 16.78
N PRO C 24 -38.74 -6.60 17.79
CA PRO C 24 -38.36 -5.21 17.56
C PRO C 24 -37.00 -5.06 16.89
N TRP C 25 -36.86 -4.05 16.02
CA TRP C 25 -35.60 -3.62 15.34
C TRP C 25 -35.13 -4.71 14.37
N SER C 26 -36.05 -5.50 13.81
CA SER C 26 -35.76 -6.53 12.78
C SER C 26 -36.15 -6.01 11.40
N ILE C 27 -35.34 -6.31 10.38
CA ILE C 27 -35.54 -5.86 8.97
C ILE C 27 -35.94 -7.07 8.12
N VAL C 28 -37.11 -6.98 7.46
CA VAL C 28 -37.57 -7.94 6.40
C VAL C 28 -37.43 -7.23 5.04
N GLY C 29 -36.42 -7.60 4.27
CA GLY C 29 -35.99 -6.86 3.06
C GLY C 29 -36.84 -7.17 1.84
N ALA C 30 -36.31 -6.87 0.65
CA ALA C 30 -36.96 -7.01 -0.67
C ALA C 30 -37.26 -8.48 -0.97
N GLU C 31 -38.48 -8.78 -1.42
CA GLU C 31 -38.89 -10.08 -2.01
C GLU C 31 -38.68 -11.22 -1.00
N VAL C 32 -38.77 -10.93 0.29
CA VAL C 32 -38.55 -11.93 1.38
C VAL C 32 -39.89 -12.57 1.73
N GLU C 33 -40.17 -13.74 1.15
CA GLU C 33 -41.28 -14.65 1.57
C GLU C 33 -40.93 -15.23 2.94
N ILE C 34 -41.73 -14.92 3.96
CA ILE C 34 -41.65 -15.58 5.29
C ILE C 34 -42.90 -16.44 5.47
N GLY C 35 -42.73 -17.75 5.56
CA GLY C 35 -43.83 -18.72 5.74
C GLY C 35 -44.52 -18.57 7.08
N GLU C 36 -45.67 -19.21 7.23
CA GLU C 36 -46.63 -19.01 8.36
C GLU C 36 -46.24 -19.93 9.52
N GLY C 37 -46.45 -19.47 10.76
CA GLY C 37 -46.07 -20.18 12.00
C GLY C 37 -44.70 -19.77 12.50
N THR C 38 -43.90 -19.10 11.67
CA THR C 38 -42.49 -18.68 11.94
C THR C 38 -42.47 -17.62 13.05
N VAL C 39 -41.36 -17.56 13.81
CA VAL C 39 -41.08 -16.50 14.83
C VAL C 39 -39.71 -15.90 14.55
N ILE C 40 -39.68 -14.72 13.93
CA ILE C 40 -38.44 -13.90 13.72
C ILE C 40 -38.18 -13.13 15.02
N GLY C 41 -37.02 -13.35 15.64
CA GLY C 41 -36.59 -12.67 16.88
C GLY C 41 -36.28 -11.21 16.61
N PRO C 42 -35.70 -10.48 17.60
CA PRO C 42 -35.30 -9.09 17.40
C PRO C 42 -33.85 -8.98 16.88
N HIS C 43 -33.51 -7.85 16.26
CA HIS C 43 -32.18 -7.56 15.66
C HIS C 43 -31.86 -8.61 14.59
N VAL C 44 -32.87 -9.14 13.89
CA VAL C 44 -32.70 -10.11 12.78
C VAL C 44 -32.82 -9.35 11.46
N VAL C 45 -31.82 -9.47 10.58
CA VAL C 45 -31.82 -8.90 9.21
C VAL C 45 -32.14 -10.02 8.21
N LEU C 46 -33.19 -9.84 7.40
CA LEU C 46 -33.55 -10.74 6.27
C LEU C 46 -33.44 -9.96 4.96
N LYS C 47 -32.46 -10.31 4.12
CA LYS C 47 -32.33 -9.79 2.73
C LYS C 47 -32.81 -10.89 1.77
N GLY C 48 -33.23 -10.50 0.57
CA GLY C 48 -33.78 -11.40 -0.46
C GLY C 48 -33.11 -11.20 -1.81
N PRO C 49 -33.64 -11.78 -2.92
CA PRO C 49 -34.88 -12.57 -2.85
C PRO C 49 -34.71 -13.88 -2.08
N THR C 50 -35.54 -14.10 -1.05
CA THR C 50 -35.45 -15.22 -0.07
C THR C 50 -36.85 -15.82 0.16
N LYS C 51 -36.91 -17.13 0.38
CA LYS C 51 -38.16 -17.83 0.81
C LYS C 51 -37.87 -18.67 2.06
N ILE C 52 -38.48 -18.27 3.18
CA ILE C 52 -38.44 -19.02 4.49
C ILE C 52 -39.75 -19.81 4.60
N GLY C 53 -39.67 -21.07 5.06
CA GLY C 53 -40.83 -21.96 5.27
C GLY C 53 -41.59 -21.60 6.54
N LYS C 54 -42.13 -22.61 7.22
CA LYS C 54 -43.12 -22.47 8.32
C LYS C 54 -42.55 -23.00 9.64
N HIS C 55 -43.01 -22.44 10.76
CA HIS C 55 -42.69 -22.89 12.15
C HIS C 55 -41.17 -22.88 12.39
N ASN C 56 -40.44 -22.06 11.63
CA ASN C 56 -38.99 -21.81 11.85
C ASN C 56 -38.86 -20.82 13.00
N ARG C 57 -37.65 -20.68 13.54
CA ARG C 57 -37.31 -19.66 14.57
C ARG C 57 -35.92 -19.09 14.25
N ILE C 58 -35.83 -17.79 14.00
CA ILE C 58 -34.54 -17.08 13.74
C ILE C 58 -34.27 -16.14 14.94
N TYR C 59 -33.10 -16.30 15.55
CA TYR C 59 -32.69 -15.65 16.83
C TYR C 59 -31.97 -14.33 16.55
N GLN C 60 -31.89 -13.49 17.59
CA GLN C 60 -31.20 -12.18 17.61
C GLN C 60 -29.86 -12.24 16.86
N PHE C 61 -29.61 -11.25 16.00
CA PHE C 61 -28.28 -10.90 15.41
C PHE C 61 -27.95 -11.83 14.22
N SER C 62 -28.87 -12.71 13.82
CA SER C 62 -28.76 -13.56 12.61
C SER C 62 -29.00 -12.70 11.37
N SER C 63 -28.17 -12.86 10.34
CA SER C 63 -28.31 -12.17 9.02
C SER C 63 -28.54 -13.22 7.93
N VAL C 64 -29.81 -13.52 7.65
CA VAL C 64 -30.26 -14.58 6.70
C VAL C 64 -30.57 -13.93 5.34
N GLY C 65 -29.85 -14.33 4.30
CA GLY C 65 -30.16 -14.01 2.89
C GLY C 65 -29.33 -12.87 2.32
N GLU C 66 -28.17 -12.57 2.92
CA GLU C 66 -27.19 -11.58 2.39
C GLU C 66 -26.47 -12.19 1.18
N ASP C 67 -25.72 -11.17 0.48
CA ASP C 67 -24.91 -11.56 -0.68
C ASP C 67 -23.56 -12.10 -0.20
N THR C 68 -23.14 -13.30 -0.82
CA THR C 68 -21.78 -13.81 -0.48
C THR C 68 -20.79 -12.68 -0.68
N PRO C 69 -19.77 -12.53 0.19
CA PRO C 69 -18.70 -11.54 -0.03
C PRO C 69 -17.71 -12.00 -1.11
N ASP C 70 -17.88 -13.24 -1.56
CA ASP C 70 -16.99 -13.86 -2.58
C ASP C 70 -16.90 -12.95 -3.79
N LEU C 71 -15.71 -12.45 -4.07
CA LEU C 71 -15.52 -11.49 -5.18
C LEU C 71 -16.10 -12.08 -6.47
N LYS C 72 -15.82 -13.36 -6.73
CA LYS C 72 -16.22 -14.00 -8.00
C LYS C 72 -17.67 -13.62 -8.35
N TYR C 73 -18.55 -13.58 -7.35
CA TYR C 73 -20.01 -13.27 -7.48
C TYR C 73 -20.18 -11.77 -7.76
N LYS C 74 -20.96 -11.43 -8.80
CA LYS C 74 -20.99 -10.07 -9.40
C LYS C 74 -22.43 -9.51 -9.40
N GLY C 75 -23.11 -9.61 -8.25
CA GLY C 75 -24.34 -8.85 -7.94
C GLY C 75 -25.54 -9.25 -8.80
N GLU C 76 -25.66 -10.53 -9.14
CA GLU C 76 -26.78 -11.08 -9.96
C GLU C 76 -27.95 -11.43 -9.04
N PRO C 77 -29.22 -11.41 -9.53
CA PRO C 77 -30.38 -11.61 -8.68
C PRO C 77 -30.63 -13.08 -8.33
N THR C 78 -29.78 -13.66 -7.48
CA THR C 78 -29.79 -15.09 -7.05
C THR C 78 -30.69 -15.25 -5.81
N ARG C 79 -30.86 -16.48 -5.29
CA ARG C 79 -31.95 -16.85 -4.35
C ARG C 79 -31.44 -17.66 -3.16
N LEU C 80 -32.27 -17.78 -2.11
CA LEU C 80 -32.11 -18.68 -0.94
C LEU C 80 -33.48 -19.26 -0.56
N VAL C 81 -33.53 -20.53 -0.18
CA VAL C 81 -34.79 -21.27 0.19
C VAL C 81 -34.54 -22.06 1.48
N ILE C 82 -35.23 -21.69 2.56
CA ILE C 82 -35.24 -22.44 3.85
C ILE C 82 -36.56 -23.19 3.97
N GLY C 83 -36.53 -24.41 4.49
CA GLY C 83 -37.72 -25.29 4.66
C GLY C 83 -38.51 -24.94 5.91
N ASP C 84 -39.32 -25.87 6.40
CA ASP C 84 -40.19 -25.71 7.60
C ASP C 84 -39.51 -26.32 8.82
N HIS C 85 -39.84 -25.82 10.01
CA HIS C 85 -39.59 -26.46 11.33
C HIS C 85 -38.09 -26.42 11.70
N ASN C 86 -37.33 -25.48 11.15
CA ASN C 86 -35.89 -25.28 11.44
C ASN C 86 -35.73 -24.36 12.66
N VAL C 87 -34.53 -24.31 13.22
CA VAL C 87 -34.11 -23.41 14.33
C VAL C 87 -32.78 -22.78 13.93
N ILE C 88 -32.72 -21.45 13.87
CA ILE C 88 -31.50 -20.68 13.49
C ILE C 88 -31.14 -19.77 14.67
N ARG C 89 -30.04 -20.10 15.36
CA ARG C 89 -29.64 -19.52 16.66
C ARG C 89 -28.92 -18.18 16.46
N GLU C 90 -28.43 -17.59 17.55
CA GLU C 90 -27.88 -16.21 17.62
C GLU C 90 -26.73 -16.03 16.63
N GLY C 91 -26.83 -15.06 15.74
CA GLY C 91 -25.72 -14.56 14.90
C GLY C 91 -25.32 -15.52 13.79
N VAL C 92 -26.21 -16.45 13.41
CA VAL C 92 -26.00 -17.36 12.25
C VAL C 92 -26.09 -16.52 10.97
N THR C 93 -25.20 -16.76 10.00
CA THR C 93 -25.22 -16.10 8.67
C THR C 93 -25.48 -17.16 7.58
N ILE C 94 -26.45 -16.90 6.71
CA ILE C 94 -26.89 -17.79 5.59
C ILE C 94 -26.97 -16.92 4.33
N HIS C 95 -26.10 -17.19 3.36
CA HIS C 95 -25.89 -16.37 2.13
C HIS C 95 -26.60 -17.02 0.94
N ARG C 96 -27.08 -16.20 0.00
CA ARG C 96 -27.82 -16.66 -1.21
C ARG C 96 -26.84 -17.23 -2.24
N GLY C 97 -27.37 -17.83 -3.31
CA GLY C 97 -26.60 -18.57 -4.34
C GLY C 97 -25.79 -17.66 -5.26
N THR C 98 -25.10 -18.25 -6.23
CA THR C 98 -24.29 -17.58 -7.28
C THR C 98 -24.75 -18.05 -8.66
N VAL C 99 -24.57 -17.24 -9.70
CA VAL C 99 -24.89 -17.59 -11.12
C VAL C 99 -23.91 -18.68 -11.61
N GLN C 100 -22.72 -18.76 -11.00
CA GLN C 100 -21.63 -19.70 -11.40
C GLN C 100 -21.97 -21.13 -10.97
N ASP C 101 -23.14 -21.35 -10.35
CA ASP C 101 -23.62 -22.69 -9.93
C ASP C 101 -25.14 -22.77 -10.10
N ARG C 102 -25.90 -22.91 -9.00
CA ARG C 102 -27.36 -23.23 -9.01
C ARG C 102 -28.19 -21.97 -8.74
N ALA C 103 -27.57 -20.88 -8.29
CA ALA C 103 -28.21 -19.58 -7.96
C ALA C 103 -29.31 -19.79 -6.90
N GLU C 104 -29.20 -20.85 -6.09
CA GLU C 104 -30.11 -21.16 -4.96
C GLU C 104 -29.33 -21.83 -3.84
N THR C 105 -29.14 -21.11 -2.72
CA THR C 105 -28.76 -21.69 -1.40
C THR C 105 -30.02 -22.32 -0.81
N THR C 106 -29.94 -23.58 -0.35
CA THR C 106 -31.12 -24.38 0.05
C THR C 106 -30.89 -25.04 1.41
N ILE C 107 -31.81 -24.84 2.34
CA ILE C 107 -31.89 -25.55 3.65
C ILE C 107 -33.24 -26.27 3.70
N GLY C 108 -33.24 -27.54 4.10
CA GLY C 108 -34.45 -28.38 4.19
C GLY C 108 -35.23 -28.15 5.47
N ASP C 109 -35.73 -29.23 6.07
CA ASP C 109 -36.67 -29.19 7.23
C ASP C 109 -35.99 -29.71 8.50
N HIS C 110 -36.48 -29.28 9.67
CA HIS C 110 -36.17 -29.83 11.02
C HIS C 110 -34.67 -29.71 11.35
N ASN C 111 -33.95 -28.82 10.65
CA ASN C 111 -32.49 -28.63 10.85
C ASN C 111 -32.27 -27.66 12.01
N LEU C 112 -31.38 -28.02 12.95
CA LEU C 112 -30.93 -27.15 14.06
C LEU C 112 -29.57 -26.53 13.67
N ILE C 113 -29.50 -25.20 13.65
CA ILE C 113 -28.33 -24.42 13.16
C ILE C 113 -27.92 -23.45 14.27
N MET C 114 -26.90 -23.82 15.05
CA MET C 114 -26.56 -23.20 16.36
C MET C 114 -25.71 -21.95 16.16
N ALA C 115 -25.43 -21.22 17.26
CA ALA C 115 -24.90 -19.84 17.32
C ALA C 115 -23.66 -19.67 16.42
N TYR C 116 -23.68 -18.66 15.56
CA TYR C 116 -22.53 -18.15 14.78
C TYR C 116 -22.10 -19.19 13.74
N ALA C 117 -23.01 -20.10 13.38
CA ALA C 117 -22.87 -21.02 12.22
C ALA C 117 -22.89 -20.19 10.94
N HIS C 118 -22.17 -20.64 9.91
CA HIS C 118 -22.15 -20.01 8.57
C HIS C 118 -22.51 -21.04 7.50
N ILE C 119 -23.47 -20.72 6.64
CA ILE C 119 -23.90 -21.52 5.45
C ILE C 119 -23.66 -20.64 4.21
N GLY C 120 -22.49 -20.80 3.58
CA GLY C 120 -22.04 -19.97 2.44
C GLY C 120 -22.90 -20.19 1.20
N HIS C 121 -22.59 -19.47 0.12
CA HIS C 121 -23.39 -19.44 -1.14
C HIS C 121 -23.51 -20.86 -1.73
N ASP C 122 -24.74 -21.26 -2.08
CA ASP C 122 -25.07 -22.50 -2.86
C ASP C 122 -24.94 -23.75 -1.98
N SER C 123 -24.67 -23.61 -0.69
CA SER C 123 -24.67 -24.73 0.29
C SER C 123 -26.08 -25.31 0.37
N VAL C 124 -26.20 -26.63 0.24
CA VAL C 124 -27.49 -27.38 0.20
C VAL C 124 -27.56 -28.29 1.43
N ILE C 125 -28.46 -28.00 2.37
CA ILE C 125 -28.64 -28.80 3.62
C ILE C 125 -29.97 -29.56 3.52
N GLY C 126 -29.95 -30.85 3.85
CA GLY C 126 -31.13 -31.73 3.89
C GLY C 126 -31.99 -31.46 5.12
N ASN C 127 -32.34 -32.52 5.85
CA ASN C 127 -33.33 -32.46 6.96
C ASN C 127 -32.72 -33.08 8.23
N HIS C 128 -33.29 -32.73 9.39
CA HIS C 128 -32.97 -33.30 10.73
C HIS C 128 -31.46 -33.17 11.02
N CYS C 129 -30.80 -32.14 10.49
CA CYS C 129 -29.34 -31.88 10.69
C CYS C 129 -29.12 -31.10 11.98
N ILE C 130 -27.92 -31.19 12.54
CA ILE C 130 -27.44 -30.37 13.70
C ILE C 130 -26.11 -29.74 13.31
N LEU C 131 -26.07 -28.41 13.19
CA LEU C 131 -24.83 -27.61 12.98
C LEU C 131 -24.51 -26.86 14.28
N VAL C 132 -23.49 -27.33 15.00
CA VAL C 132 -23.15 -26.85 16.37
C VAL C 132 -22.38 -25.52 16.23
N ASN C 133 -22.40 -24.70 17.30
CA ASN C 133 -21.83 -23.33 17.38
C ASN C 133 -20.64 -23.18 16.43
N ASN C 134 -20.70 -22.20 15.53
CA ASN C 134 -19.55 -21.68 14.74
C ASN C 134 -19.13 -22.69 13.66
N THR C 135 -20.00 -23.64 13.32
CA THR C 135 -19.82 -24.55 12.16
C THR C 135 -19.96 -23.73 10.88
N ALA C 136 -19.02 -23.87 9.94
CA ALA C 136 -18.89 -23.00 8.75
C ALA C 136 -18.84 -23.86 7.47
N LEU C 137 -19.85 -23.71 6.61
CA LEU C 137 -19.94 -24.35 5.26
C LEU C 137 -19.43 -23.36 4.22
N ALA C 138 -18.32 -23.69 3.56
CA ALA C 138 -17.55 -22.82 2.65
C ALA C 138 -18.47 -22.27 1.55
N GLY C 139 -18.96 -23.14 0.70
CA GLY C 139 -19.80 -22.79 -0.46
C GLY C 139 -19.90 -23.97 -1.42
N HIS C 140 -21.10 -24.29 -1.88
CA HIS C 140 -21.42 -25.48 -2.72
C HIS C 140 -21.39 -26.76 -1.85
N VAL C 141 -21.55 -26.62 -0.53
CA VAL C 141 -21.48 -27.76 0.44
C VAL C 141 -22.86 -28.42 0.53
N HIS C 142 -22.93 -29.72 0.29
CA HIS C 142 -24.16 -30.55 0.43
C HIS C 142 -24.07 -31.35 1.74
N VAL C 143 -25.09 -31.21 2.59
CA VAL C 143 -25.22 -31.93 3.89
C VAL C 143 -26.51 -32.76 3.86
N ASP C 144 -26.40 -34.07 3.57
CA ASP C 144 -27.55 -35.00 3.49
C ASP C 144 -28.14 -35.19 4.90
N ASP C 145 -29.34 -35.75 5.00
CA ASP C 145 -30.20 -35.74 6.21
C ASP C 145 -29.46 -36.37 7.40
N TRP C 146 -29.67 -35.83 8.59
CA TRP C 146 -29.27 -36.41 9.92
C TRP C 146 -27.79 -36.21 10.22
N ALA C 147 -27.09 -35.35 9.45
CA ALA C 147 -25.66 -35.04 9.64
C ALA C 147 -25.50 -34.15 10.88
N ILE C 148 -24.62 -34.55 11.80
CA ILE C 148 -24.24 -33.77 13.02
C ILE C 148 -22.81 -33.28 12.85
N LEU C 149 -22.61 -31.96 12.76
CA LEU C 149 -21.28 -31.32 12.68
C LEU C 149 -20.98 -30.61 14.01
N SER C 150 -20.07 -31.17 14.82
CA SER C 150 -19.65 -30.65 16.15
C SER C 150 -19.16 -29.20 16.02
N GLY C 151 -19.03 -28.52 17.16
CA GLY C 151 -18.68 -27.09 17.24
C GLY C 151 -17.43 -26.76 16.45
N TYR C 152 -17.46 -25.67 15.67
CA TYR C 152 -16.32 -25.07 14.94
C TYR C 152 -15.81 -26.05 13.86
N THR C 153 -16.74 -26.78 13.20
CA THR C 153 -16.43 -27.65 12.04
C THR C 153 -16.31 -26.77 10.79
N LEU C 154 -15.19 -26.89 10.07
CA LEU C 154 -14.89 -26.14 8.82
C LEU C 154 -15.00 -27.11 7.64
N VAL C 155 -15.95 -26.86 6.73
CA VAL C 155 -16.22 -27.71 5.53
C VAL C 155 -15.81 -26.95 4.27
N HIS C 156 -14.79 -27.45 3.57
CA HIS C 156 -14.18 -26.84 2.35
C HIS C 156 -15.20 -26.85 1.20
N GLN C 157 -14.98 -26.00 0.19
CA GLN C 157 -15.85 -25.85 -1.00
C GLN C 157 -16.18 -27.21 -1.62
N TYR C 158 -17.43 -27.38 -2.08
CA TYR C 158 -17.91 -28.49 -2.96
C TYR C 158 -17.92 -29.83 -2.19
N CYS C 159 -17.64 -29.81 -0.89
CA CYS C 159 -17.58 -31.04 -0.05
C CYS C 159 -19.00 -31.51 0.26
N ARG C 160 -19.26 -32.81 0.06
CA ARG C 160 -20.57 -33.45 0.30
C ARG C 160 -20.48 -34.22 1.63
N ILE C 161 -21.30 -33.82 2.61
CA ILE C 161 -21.36 -34.46 3.96
C ILE C 161 -22.52 -35.48 3.95
N GLY C 162 -22.17 -36.77 4.01
CA GLY C 162 -23.11 -37.89 3.86
C GLY C 162 -24.14 -37.94 4.97
N ALA C 163 -25.26 -38.63 4.73
CA ALA C 163 -26.37 -38.83 5.69
C ALA C 163 -25.85 -39.54 6.96
N HIS C 164 -26.24 -39.05 8.13
CA HIS C 164 -25.94 -39.64 9.46
C HIS C 164 -24.44 -39.59 9.76
N SER C 165 -23.65 -38.84 8.96
CA SER C 165 -22.21 -38.60 9.21
C SER C 165 -22.07 -37.69 10.44
N PHE C 166 -20.86 -37.62 11.00
CA PHE C 166 -20.57 -36.91 12.28
C PHE C 166 -19.14 -36.37 12.24
N SER C 167 -18.98 -35.06 12.46
CA SER C 167 -17.66 -34.40 12.62
C SER C 167 -17.39 -34.15 14.09
N GLY C 168 -16.15 -34.39 14.53
CA GLY C 168 -15.64 -34.01 15.86
C GLY C 168 -15.38 -32.51 15.93
N MET C 169 -15.20 -31.98 17.13
CA MET C 169 -15.06 -30.52 17.40
C MET C 169 -13.79 -30.00 16.73
N GLY C 170 -13.91 -28.90 15.98
CA GLY C 170 -12.78 -28.24 15.30
C GLY C 170 -12.28 -29.03 14.11
N SER C 171 -13.14 -29.86 13.51
CA SER C 171 -12.84 -30.66 12.29
C SER C 171 -12.74 -29.72 11.09
N ALA C 172 -11.73 -29.91 10.24
CA ALA C 172 -11.55 -29.19 8.95
C ALA C 172 -11.68 -30.20 7.80
N ILE C 173 -12.89 -30.31 7.21
CA ILE C 173 -13.26 -31.30 6.17
C ILE C 173 -12.86 -30.75 4.79
N GLY C 174 -11.92 -31.41 4.11
CA GLY C 174 -11.41 -31.04 2.77
C GLY C 174 -11.97 -31.93 1.68
N LYS C 175 -12.19 -33.22 1.97
CA LYS C 175 -12.74 -34.25 1.04
C LYS C 175 -14.16 -34.61 1.49
N ASP C 176 -14.93 -35.29 0.63
CA ASP C 176 -16.32 -35.72 0.91
C ASP C 176 -16.33 -36.68 2.11
N VAL C 177 -17.33 -36.54 2.99
CA VAL C 177 -17.58 -37.47 4.12
C VAL C 177 -18.67 -38.46 3.68
N PRO C 178 -18.35 -39.76 3.56
CA PRO C 178 -19.37 -40.77 3.26
C PRO C 178 -20.44 -40.80 4.36
N ALA C 179 -21.64 -41.27 4.03
CA ALA C 179 -22.77 -41.44 4.97
C ALA C 179 -22.33 -42.29 6.14
N TYR C 180 -22.80 -41.97 7.36
CA TYR C 180 -22.62 -42.75 8.62
C TYR C 180 -21.20 -42.56 9.18
N VAL C 181 -20.23 -42.16 8.37
CA VAL C 181 -18.79 -42.07 8.78
C VAL C 181 -18.61 -40.93 9.81
N THR C 182 -17.75 -41.14 10.80
CA THR C 182 -17.35 -40.15 11.82
C THR C 182 -15.94 -39.65 11.50
N VAL C 183 -15.71 -38.33 11.58
CA VAL C 183 -14.42 -37.67 11.21
C VAL C 183 -14.00 -36.69 12.32
N PHE C 184 -12.69 -36.53 12.52
CA PHE C 184 -12.09 -35.76 13.65
C PHE C 184 -10.79 -35.10 13.20
N GLY C 185 -10.47 -33.93 13.76
CA GLY C 185 -9.17 -33.26 13.63
C GLY C 185 -9.07 -32.41 12.37
N ASN C 186 -7.91 -31.80 12.15
CA ASN C 186 -7.62 -30.84 11.05
C ASN C 186 -6.25 -31.19 10.46
N PRO C 187 -6.16 -31.89 9.31
CA PRO C 187 -7.33 -32.23 8.49
C PRO C 187 -8.14 -33.41 9.06
N ALA C 188 -9.44 -33.45 8.76
CA ALA C 188 -10.39 -34.50 9.19
C ALA C 188 -9.92 -35.86 8.68
N GLU C 189 -10.11 -36.90 9.50
CA GLU C 189 -9.72 -38.30 9.19
C GLU C 189 -10.83 -39.26 9.65
N ALA C 190 -11.26 -40.16 8.77
CA ALA C 190 -12.26 -41.23 9.05
C ALA C 190 -11.80 -42.04 10.26
N ARG C 191 -12.67 -42.24 11.25
CA ARG C 191 -12.38 -43.04 12.46
C ARG C 191 -13.30 -44.27 12.53
N SER C 192 -14.62 -44.07 12.44
CA SER C 192 -15.65 -45.14 12.61
C SER C 192 -16.97 -44.74 11.93
N MET C 193 -17.98 -45.60 12.07
CA MET C 193 -19.40 -45.32 11.71
C MET C 193 -20.08 -44.63 12.89
N ASN C 194 -21.19 -43.92 12.63
CA ASN C 194 -22.04 -43.26 13.65
C ASN C 194 -23.12 -44.25 14.08
N PHE C 195 -22.78 -45.15 15.00
CA PHE C 195 -23.64 -46.27 15.49
C PHE C 195 -24.76 -45.72 16.39
N GLU C 196 -24.48 -44.64 17.13
CA GLU C 196 -25.47 -43.87 17.93
C GLU C 196 -26.58 -43.36 16.99
N GLY C 197 -26.19 -42.76 15.86
CA GLY C 197 -27.10 -42.18 14.86
C GLY C 197 -27.98 -43.23 14.19
N MET C 198 -27.51 -44.47 14.13
CA MET C 198 -28.24 -45.64 13.55
C MET C 198 -29.33 -46.08 14.52
N ARG C 199 -29.00 -46.20 15.81
CA ARG C 199 -29.95 -46.61 16.88
C ARG C 199 -30.97 -45.48 17.12
N ARG C 200 -30.69 -44.27 16.68
CA ARG C 200 -31.66 -43.14 16.70
C ARG C 200 -32.76 -43.37 15.66
N ARG C 201 -32.42 -43.95 14.50
CA ARG C 201 -33.39 -44.28 13.41
C ARG C 201 -34.11 -45.59 13.74
N GLY C 202 -33.60 -46.37 14.69
CA GLY C 202 -34.08 -47.73 14.98
C GLY C 202 -33.66 -48.71 13.91
N PHE C 203 -32.51 -48.48 13.28
CA PHE C 203 -31.87 -49.38 12.28
C PHE C 203 -31.80 -50.79 12.86
N SER C 204 -32.27 -51.79 12.12
CA SER C 204 -32.25 -53.22 12.53
C SER C 204 -30.80 -53.65 12.77
N SER C 205 -30.57 -54.52 13.75
CA SER C 205 -29.23 -54.99 14.19
C SER C 205 -28.48 -55.60 13.01
N GLU C 206 -29.21 -56.15 12.02
CA GLU C 206 -28.65 -56.66 10.74
C GLU C 206 -28.05 -55.50 9.94
N ALA C 207 -28.82 -54.40 9.79
CA ALA C 207 -28.44 -53.20 9.00
C ALA C 207 -27.24 -52.50 9.64
N ILE C 208 -27.19 -52.45 10.97
CA ILE C 208 -26.05 -51.89 11.76
C ILE C 208 -24.81 -52.77 11.53
N HIS C 209 -24.99 -54.10 11.55
CA HIS C 209 -23.89 -55.10 11.37
C HIS C 209 -23.43 -55.12 9.91
N ALA C 210 -24.38 -55.09 8.96
CA ALA C 210 -24.10 -55.02 7.50
C ALA C 210 -23.35 -53.74 7.17
N LEU C 211 -23.64 -52.65 7.88
CA LEU C 211 -22.94 -51.34 7.73
C LEU C 211 -21.55 -51.42 8.38
N ARG C 212 -21.45 -52.00 9.58
CA ARG C 212 -20.16 -52.22 10.28
C ARG C 212 -19.18 -52.95 9.34
N ARG C 213 -19.68 -53.94 8.59
CA ARG C 213 -18.90 -54.63 7.52
C ARG C 213 -18.58 -53.64 6.41
N ALA C 214 -19.60 -53.04 5.80
CA ALA C 214 -19.51 -52.11 4.66
C ALA C 214 -18.38 -51.08 4.88
N TYR C 215 -18.11 -50.72 6.14
CA TYR C 215 -17.04 -49.78 6.54
C TYR C 215 -15.67 -50.41 6.28
N LYS C 216 -15.41 -51.59 6.88
CA LYS C 216 -14.13 -52.35 6.76
C LYS C 216 -13.74 -52.46 5.29
N VAL C 217 -14.72 -52.71 4.41
CA VAL C 217 -14.57 -52.88 2.94
C VAL C 217 -13.89 -51.64 2.34
N VAL C 218 -14.26 -50.44 2.81
CA VAL C 218 -13.80 -49.13 2.25
C VAL C 218 -12.43 -48.78 2.86
N TYR C 219 -12.30 -48.91 4.18
CA TYR C 219 -11.26 -48.23 4.98
C TYR C 219 -10.16 -49.20 5.46
N ARG C 220 -10.52 -50.41 5.90
CA ARG C 220 -9.59 -51.34 6.62
C ARG C 220 -9.44 -52.67 5.87
N GLN C 221 -9.46 -52.67 4.55
CA GLN C 221 -9.22 -53.94 3.80
C GLN C 221 -8.35 -53.63 2.58
N GLY C 222 -7.61 -52.53 2.60
CA GLY C 222 -6.68 -52.21 1.51
C GLY C 222 -7.32 -52.37 0.15
N HIS C 223 -8.38 -51.62 -0.11
CA HIS C 223 -9.08 -51.68 -1.41
C HIS C 223 -9.09 -50.30 -2.04
N THR C 224 -9.00 -50.23 -3.36
CA THR C 224 -9.16 -48.92 -4.07
C THR C 224 -10.62 -48.49 -3.92
N VAL C 225 -10.98 -47.26 -4.27
CA VAL C 225 -12.42 -46.91 -4.12
C VAL C 225 -13.24 -47.77 -5.06
N GLU C 226 -12.89 -47.83 -6.35
CA GLU C 226 -13.69 -48.58 -7.35
C GLU C 226 -13.76 -50.05 -6.93
N GLU C 227 -12.64 -50.61 -6.45
CA GLU C 227 -12.62 -52.00 -5.95
C GLU C 227 -13.63 -52.14 -4.82
N ALA C 228 -13.70 -51.13 -3.95
CA ALA C 228 -14.59 -51.18 -2.75
C ALA C 228 -16.06 -51.17 -3.16
N LEU C 229 -16.44 -50.32 -4.11
CA LEU C 229 -17.85 -50.14 -4.57
C LEU C 229 -18.42 -51.48 -5.09
N ALA C 230 -17.59 -52.26 -5.81
CA ALA C 230 -17.96 -53.56 -6.41
C ALA C 230 -18.33 -54.56 -5.31
N GLU C 231 -17.52 -54.63 -4.25
CA GLU C 231 -17.72 -55.52 -3.07
C GLU C 231 -19.09 -55.24 -2.44
N LEU C 232 -19.39 -53.96 -2.19
CA LEU C 232 -20.60 -53.48 -1.45
C LEU C 232 -21.88 -53.82 -2.22
N ALA C 233 -21.82 -53.78 -3.55
CA ALA C 233 -22.99 -53.73 -4.47
C ALA C 233 -24.09 -54.73 -4.08
N GLU C 234 -23.72 -55.91 -3.53
CA GLU C 234 -24.68 -56.97 -3.14
C GLU C 234 -25.34 -56.61 -1.80
N SER C 235 -24.57 -56.15 -0.81
CA SER C 235 -25.08 -55.66 0.50
C SER C 235 -25.88 -54.36 0.27
N ALA C 236 -25.43 -53.52 -0.66
CA ALA C 236 -26.12 -52.30 -1.13
C ALA C 236 -27.46 -52.68 -1.76
N ALA C 237 -27.49 -53.75 -2.56
CA ALA C 237 -28.69 -54.26 -3.26
C ALA C 237 -29.70 -54.82 -2.24
N GLN C 238 -29.21 -55.49 -1.19
CA GLN C 238 -30.06 -56.14 -0.15
C GLN C 238 -30.57 -55.09 0.84
N PHE C 239 -29.67 -54.29 1.41
CA PHE C 239 -29.97 -53.28 2.47
C PHE C 239 -30.08 -51.88 1.85
N PRO C 240 -31.24 -51.20 1.99
CA PRO C 240 -31.37 -49.80 1.57
C PRO C 240 -30.39 -48.87 2.28
N GLU C 241 -30.10 -49.15 3.56
CA GLU C 241 -29.19 -48.35 4.43
C GLU C 241 -27.76 -48.38 3.86
N VAL C 242 -27.31 -49.56 3.44
CA VAL C 242 -25.93 -49.79 2.88
C VAL C 242 -25.83 -49.07 1.53
N ALA C 243 -26.94 -48.99 0.78
CA ALA C 243 -27.02 -48.32 -0.54
C ALA C 243 -26.88 -46.79 -0.38
N VAL C 244 -27.29 -46.23 0.76
CA VAL C 244 -27.07 -44.81 1.13
C VAL C 244 -25.56 -44.59 1.23
N PHE C 245 -24.89 -45.43 2.03
CA PHE C 245 -23.42 -45.44 2.28
C PHE C 245 -22.67 -45.66 0.96
N ARG C 246 -23.11 -46.64 0.16
CA ARG C 246 -22.51 -47.00 -1.15
C ARG C 246 -22.60 -45.81 -2.12
N ASP C 247 -23.79 -45.24 -2.27
CA ASP C 247 -24.09 -44.12 -3.21
C ASP C 247 -23.33 -42.86 -2.76
N SER C 248 -23.13 -42.68 -1.45
CA SER C 248 -22.45 -41.50 -0.87
C SER C 248 -20.99 -41.47 -1.32
N ILE C 249 -20.32 -42.62 -1.35
CA ILE C 249 -18.93 -42.80 -1.84
C ILE C 249 -18.89 -42.51 -3.36
N GLN C 250 -19.81 -43.13 -4.10
CA GLN C 250 -19.85 -43.14 -5.59
C GLN C 250 -19.97 -41.71 -6.14
N SER C 251 -20.51 -40.78 -5.35
CA SER C 251 -20.69 -39.34 -5.72
C SER C 251 -19.54 -38.50 -5.13
N ALA C 252 -18.32 -39.02 -5.11
CA ALA C 252 -17.10 -38.32 -4.65
C ALA C 252 -16.05 -38.31 -5.76
N THR C 253 -16.28 -37.49 -6.80
CA THR C 253 -15.37 -37.32 -7.97
C THR C 253 -13.98 -36.88 -7.48
N ARG C 254 -13.94 -36.02 -6.46
CA ARG C 254 -12.70 -35.34 -5.98
C ARG C 254 -11.97 -36.23 -4.95
N GLY C 255 -12.71 -36.93 -4.08
CA GLY C 255 -12.17 -37.89 -3.11
C GLY C 255 -13.03 -38.00 -1.85
N ILE C 256 -12.88 -39.11 -1.11
CA ILE C 256 -13.56 -39.37 0.19
C ILE C 256 -12.59 -39.07 1.33
N THR C 257 -13.11 -38.60 2.47
CA THR C 257 -12.34 -38.34 3.72
C THR C 257 -11.79 -39.66 4.25
N ARG C 258 -10.46 -39.85 4.20
CA ARG C 258 -9.77 -41.05 4.75
C ARG C 258 -8.90 -40.64 5.95
N SER D 2 -15.03 18.05 -36.81
CA SER D 2 -14.37 16.89 -36.15
C SER D 2 -13.34 17.39 -35.15
N LEU D 3 -13.15 16.64 -34.06
CA LEU D 3 -12.15 17.03 -33.04
C LEU D 3 -10.92 16.13 -33.22
N ILE D 4 -11.12 14.91 -33.71
CA ILE D 4 -10.00 13.93 -33.79
C ILE D 4 -9.27 14.14 -35.11
N ASP D 5 -8.24 14.97 -35.09
CA ASP D 5 -7.41 15.22 -36.30
C ASP D 5 -7.02 13.87 -36.90
N PRO D 6 -7.15 13.68 -38.23
CA PRO D 6 -6.89 12.39 -38.86
C PRO D 6 -5.45 11.88 -38.77
N ARG D 7 -4.47 12.78 -38.60
CA ARG D 7 -3.03 12.42 -38.50
C ARG D 7 -2.76 11.71 -37.17
N ALA D 8 -3.70 11.82 -36.21
CA ALA D 8 -3.72 11.03 -34.95
C ALA D 8 -3.94 9.55 -35.29
N ILE D 9 -3.43 8.66 -34.43
CA ILE D 9 -3.62 7.17 -34.55
C ILE D 9 -4.40 6.70 -33.32
N ILE D 10 -5.74 6.66 -33.43
CA ILE D 10 -6.67 6.15 -32.38
C ILE D 10 -6.74 4.63 -32.52
N ASP D 11 -6.61 3.89 -31.42
CA ASP D 11 -6.68 2.39 -31.41
C ASP D 11 -8.15 1.98 -31.43
N PRO D 12 -8.52 0.88 -32.14
CA PRO D 12 -9.90 0.41 -32.17
C PRO D 12 -10.46 -0.05 -30.81
N SER D 13 -9.58 -0.37 -29.85
CA SER D 13 -9.95 -0.83 -28.48
C SER D 13 -9.87 0.33 -27.48
N ALA D 14 -9.87 1.58 -27.97
CA ALA D 14 -9.74 2.82 -27.17
C ALA D 14 -11.05 3.63 -27.24
N ARG D 15 -11.75 3.74 -26.11
CA ARG D 15 -13.03 4.50 -25.99
C ARG D 15 -12.71 6.01 -25.93
N LEU D 16 -13.37 6.81 -26.77
CA LEU D 16 -13.32 8.30 -26.77
C LEU D 16 -14.71 8.84 -26.44
N ALA D 17 -14.84 9.62 -25.36
CA ALA D 17 -16.09 10.31 -24.98
C ALA D 17 -16.39 11.41 -26.01
N ALA D 18 -17.58 12.01 -25.93
CA ALA D 18 -18.04 13.11 -26.82
C ALA D 18 -17.16 14.35 -26.56
N ASP D 19 -16.86 15.10 -27.63
CA ASP D 19 -16.16 16.42 -27.57
C ASP D 19 -14.68 16.26 -27.20
N VAL D 20 -14.14 15.03 -27.20
CA VAL D 20 -12.68 14.79 -27.03
C VAL D 20 -11.98 15.27 -28.32
N GLN D 21 -10.91 16.06 -28.17
CA GLN D 21 -10.08 16.57 -29.30
C GLN D 21 -8.71 15.90 -29.23
N VAL D 22 -8.18 15.46 -30.38
CA VAL D 22 -6.81 14.91 -30.53
C VAL D 22 -6.10 15.69 -31.63
N GLY D 23 -5.08 16.46 -31.28
CA GLY D 23 -4.23 17.21 -32.22
C GLY D 23 -3.48 16.27 -33.17
N PRO D 24 -2.90 16.80 -34.27
CA PRO D 24 -2.22 15.95 -35.24
C PRO D 24 -1.00 15.24 -34.64
N TRP D 25 -0.81 13.97 -35.01
CA TRP D 25 0.39 13.13 -34.73
C TRP D 25 0.43 12.64 -33.28
N SER D 26 -0.71 12.68 -32.56
CA SER D 26 -0.85 12.03 -31.24
C SER D 26 -1.14 10.53 -31.45
N ILE D 27 -1.05 9.74 -30.38
CA ILE D 27 -1.37 8.28 -30.37
C ILE D 27 -2.27 7.98 -29.16
N VAL D 28 -3.33 7.21 -29.36
CA VAL D 28 -4.19 6.64 -28.28
C VAL D 28 -4.22 5.12 -28.48
N GLY D 29 -3.30 4.39 -27.83
CA GLY D 29 -3.13 2.93 -27.93
C GLY D 29 -4.27 2.18 -27.26
N ALA D 30 -4.10 0.86 -27.10
CA ALA D 30 -5.16 -0.09 -26.67
C ALA D 30 -5.55 0.15 -25.21
N GLU D 31 -6.86 0.16 -24.93
CA GLU D 31 -7.47 0.28 -23.58
C GLU D 31 -7.09 1.63 -22.96
N VAL D 32 -7.28 2.72 -23.70
CA VAL D 32 -7.13 4.13 -23.21
C VAL D 32 -8.49 4.83 -23.28
N GLU D 33 -9.16 4.99 -22.15
CA GLU D 33 -10.47 5.70 -22.03
C GLU D 33 -10.20 7.19 -21.78
N ILE D 34 -10.54 8.05 -22.74
CA ILE D 34 -10.43 9.53 -22.63
C ILE D 34 -11.84 10.10 -22.38
N GLY D 35 -12.03 10.76 -21.23
CA GLY D 35 -13.33 11.26 -20.73
C GLY D 35 -13.79 12.50 -21.46
N GLU D 36 -14.96 13.03 -21.07
CA GLU D 36 -15.71 14.10 -21.77
C GLU D 36 -14.92 15.41 -21.80
N GLY D 37 -14.84 16.04 -22.98
CA GLY D 37 -14.32 17.40 -23.18
C GLY D 37 -12.83 17.52 -22.95
N THR D 38 -12.13 16.38 -22.84
CA THR D 38 -10.66 16.30 -22.61
C THR D 38 -9.95 16.62 -23.93
N VAL D 39 -9.05 17.60 -23.93
CA VAL D 39 -8.29 18.07 -25.13
C VAL D 39 -6.89 17.44 -25.09
N ILE D 40 -6.48 16.78 -26.19
CA ILE D 40 -5.10 16.23 -26.39
C ILE D 40 -4.40 17.09 -27.45
N GLY D 41 -3.28 17.71 -27.07
CA GLY D 41 -2.42 18.48 -27.98
C GLY D 41 -1.77 17.58 -29.03
N PRO D 42 -0.92 18.14 -29.93
CA PRO D 42 -0.26 17.33 -30.96
C PRO D 42 0.98 16.64 -30.39
N HIS D 43 1.43 15.55 -31.04
CA HIS D 43 2.64 14.78 -30.68
C HIS D 43 2.54 14.19 -29.27
N VAL D 44 1.33 13.85 -28.80
CA VAL D 44 1.10 13.17 -27.49
C VAL D 44 1.16 11.65 -27.72
N VAL D 45 1.56 10.88 -26.70
CA VAL D 45 1.60 9.39 -26.71
C VAL D 45 0.87 8.89 -25.46
N LEU D 46 -0.31 8.31 -25.64
CA LEU D 46 -1.14 7.69 -24.57
C LEU D 46 -1.13 6.17 -24.74
N LYS D 47 -0.69 5.45 -23.70
CA LYS D 47 -0.67 3.96 -23.65
C LYS D 47 -1.52 3.50 -22.46
N GLY D 48 -2.09 2.29 -22.55
CA GLY D 48 -3.00 1.71 -21.53
C GLY D 48 -2.40 0.49 -20.86
N PRO D 49 -3.16 -0.22 -19.99
CA PRO D 49 -4.53 0.15 -19.64
C PRO D 49 -4.59 1.45 -18.81
N THR D 50 -5.24 2.48 -19.36
CA THR D 50 -5.23 3.88 -18.85
C THR D 50 -6.63 4.49 -18.96
N LYS D 51 -7.11 5.01 -17.84
CA LYS D 51 -8.37 5.75 -17.84
C LYS D 51 -7.99 7.22 -17.70
N ILE D 52 -8.68 8.10 -18.39
CA ILE D 52 -8.48 9.58 -18.35
C ILE D 52 -9.86 10.24 -18.19
N GLY D 53 -10.01 11.12 -17.21
CA GLY D 53 -11.30 11.71 -16.80
C GLY D 53 -11.75 12.84 -17.73
N LYS D 54 -12.67 13.68 -17.24
CA LYS D 54 -13.35 14.75 -18.02
C LYS D 54 -12.51 16.05 -18.00
N HIS D 55 -12.54 16.81 -19.09
CA HIS D 55 -12.13 18.24 -19.18
C HIS D 55 -10.64 18.44 -18.88
N ASN D 56 -9.79 17.46 -19.18
CA ASN D 56 -8.31 17.56 -19.00
C ASN D 56 -7.71 18.19 -20.26
N ARG D 57 -6.52 18.64 -20.21
CA ARG D 57 -5.75 19.19 -21.36
C ARG D 57 -4.32 18.66 -21.20
N ILE D 58 -3.77 18.00 -22.13
CA ILE D 58 -2.44 17.34 -22.15
C ILE D 58 -1.64 17.88 -23.34
N TYR D 59 -0.60 18.68 -23.05
CA TYR D 59 0.19 19.44 -24.07
C TYR D 59 1.17 18.50 -24.78
N GLN D 60 1.73 19.00 -25.88
CA GLN D 60 2.56 18.25 -26.86
C GLN D 60 3.77 17.62 -26.16
N PHE D 61 4.15 16.42 -26.61
CA PHE D 61 5.42 15.71 -26.32
C PHE D 61 5.38 14.99 -24.96
N SER D 62 4.20 14.96 -24.31
CA SER D 62 3.94 14.18 -23.07
C SER D 62 3.87 12.69 -23.40
N SER D 63 4.44 11.85 -22.54
CA SER D 63 4.36 10.36 -22.62
C SER D 63 3.59 9.82 -21.40
N VAL D 64 2.28 10.03 -21.39
CA VAL D 64 1.35 9.54 -20.33
C VAL D 64 1.09 8.05 -20.58
N GLY D 65 1.28 7.22 -19.54
CA GLY D 65 0.77 5.84 -19.46
C GLY D 65 1.76 4.78 -19.93
N GLU D 66 3.05 5.04 -19.78
CA GLU D 66 4.09 4.10 -20.20
C GLU D 66 4.47 3.21 -19.03
N ASP D 67 5.38 2.28 -19.24
CA ASP D 67 5.79 1.32 -18.20
C ASP D 67 7.09 1.87 -17.62
N THR D 68 7.29 1.65 -16.31
CA THR D 68 8.54 2.04 -15.64
C THR D 68 9.73 1.50 -16.41
N PRO D 69 10.83 2.26 -16.53
CA PRO D 69 12.02 1.77 -17.22
C PRO D 69 12.70 0.67 -16.39
N ASP D 70 12.21 0.42 -15.18
CA ASP D 70 12.83 -0.59 -14.30
C ASP D 70 12.38 -1.99 -14.73
N LEU D 71 13.17 -2.66 -15.57
CA LEU D 71 12.83 -4.02 -16.05
C LEU D 71 12.75 -4.94 -14.84
N LYS D 72 13.32 -4.51 -13.71
CA LYS D 72 13.21 -5.30 -12.46
C LYS D 72 11.74 -5.28 -12.04
N TYR D 73 11.09 -4.13 -12.21
CA TYR D 73 9.65 -4.02 -11.90
C TYR D 73 8.89 -4.50 -13.14
N LYS D 74 9.04 -5.77 -13.48
CA LYS D 74 8.41 -6.27 -14.73
C LYS D 74 7.12 -7.00 -14.38
N GLY D 75 6.19 -7.00 -15.32
CA GLY D 75 4.91 -7.70 -15.10
C GLY D 75 3.72 -6.86 -15.57
N GLU D 76 2.55 -7.49 -15.69
CA GLU D 76 1.29 -6.86 -16.18
C GLU D 76 0.09 -7.74 -15.80
N PRO D 77 -1.15 -7.22 -15.82
CA PRO D 77 -1.46 -5.85 -16.21
C PRO D 77 -1.35 -4.83 -15.05
N THR D 78 -0.97 -3.59 -15.38
CA THR D 78 -0.83 -2.45 -14.43
C THR D 78 -1.44 -1.20 -15.09
N ARG D 79 -2.16 -0.39 -14.32
CA ARG D 79 -3.06 0.69 -14.85
C ARG D 79 -2.51 2.08 -14.52
N LEU D 80 -3.07 3.10 -15.18
CA LEU D 80 -2.96 4.55 -14.81
C LEU D 80 -4.37 5.15 -14.85
N VAL D 81 -4.71 5.96 -13.84
CA VAL D 81 -6.04 6.64 -13.72
C VAL D 81 -5.81 8.13 -13.44
N ILE D 82 -6.31 8.99 -14.33
CA ILE D 82 -6.26 10.49 -14.20
C ILE D 82 -7.69 11.00 -14.08
N GLY D 83 -7.95 11.87 -13.09
CA GLY D 83 -9.29 12.43 -12.81
C GLY D 83 -9.64 13.55 -13.78
N ASP D 84 -10.31 14.60 -13.28
CA ASP D 84 -10.93 15.67 -14.11
C ASP D 84 -10.20 17.00 -13.90
N HIS D 85 -10.28 17.89 -14.90
CA HIS D 85 -9.81 19.30 -14.86
C HIS D 85 -8.30 19.37 -14.59
N ASN D 86 -7.54 18.39 -15.07
CA ASN D 86 -6.07 18.29 -14.88
C ASN D 86 -5.36 18.87 -16.10
N VAL D 87 -4.49 19.87 -15.89
CA VAL D 87 -3.58 20.44 -16.93
C VAL D 87 -2.23 19.73 -16.81
N ILE D 88 -1.84 18.97 -17.85
CA ILE D 88 -0.53 18.27 -17.97
C ILE D 88 0.24 18.93 -19.12
N ARG D 89 1.26 19.73 -18.79
CA ARG D 89 1.99 20.59 -19.77
C ARG D 89 3.03 19.76 -20.54
N GLU D 90 4.00 20.44 -21.16
CA GLU D 90 4.86 19.90 -22.25
C GLU D 90 5.83 18.84 -21.70
N GLY D 91 5.77 17.63 -22.25
CA GLY D 91 6.79 16.58 -22.05
C GLY D 91 6.71 15.92 -20.68
N VAL D 92 5.56 16.00 -20.01
CA VAL D 92 5.30 15.28 -18.73
C VAL D 92 5.24 13.78 -19.04
N THR D 93 6.07 12.97 -18.36
CA THR D 93 6.05 11.49 -18.43
C THR D 93 5.39 10.94 -17.16
N ILE D 94 4.32 10.15 -17.33
CA ILE D 94 3.56 9.49 -16.22
C ILE D 94 3.54 7.99 -16.50
N HIS D 95 4.02 7.18 -15.55
CA HIS D 95 4.17 5.72 -15.67
C HIS D 95 3.04 5.01 -14.91
N ARG D 96 2.48 3.96 -15.51
CA ARG D 96 1.46 3.07 -14.90
C ARG D 96 2.08 2.36 -13.68
N GLY D 97 1.25 1.75 -12.84
CA GLY D 97 1.68 1.10 -11.58
C GLY D 97 2.52 -0.15 -11.85
N THR D 98 2.77 -0.93 -10.79
CA THR D 98 3.50 -2.22 -10.83
C THR D 98 2.79 -3.24 -9.93
N VAL D 99 2.82 -4.52 -10.31
CA VAL D 99 2.14 -5.64 -9.59
C VAL D 99 2.88 -5.91 -8.27
N GLN D 100 4.06 -5.31 -8.09
CA GLN D 100 4.85 -5.34 -6.81
C GLN D 100 4.05 -4.61 -5.72
N ASP D 101 3.56 -3.39 -6.01
CA ASP D 101 2.89 -2.49 -5.03
C ASP D 101 1.39 -2.37 -5.38
N ARG D 102 0.94 -1.19 -5.83
CA ARG D 102 -0.50 -0.82 -5.93
C ARG D 102 -1.11 -1.33 -7.25
N ALA D 103 -0.30 -1.44 -8.31
CA ALA D 103 -0.68 -1.90 -9.66
C ALA D 103 -1.50 -0.84 -10.40
N GLU D 104 -1.60 0.38 -9.83
CA GLU D 104 -2.23 1.56 -10.48
C GLU D 104 -1.48 2.83 -10.06
N THR D 105 -1.28 3.76 -11.00
CA THR D 105 -0.88 5.17 -10.74
C THR D 105 -2.16 6.02 -10.76
N THR D 106 -2.51 6.62 -9.62
CA THR D 106 -3.77 7.39 -9.42
C THR D 106 -3.46 8.89 -9.39
N ILE D 107 -4.03 9.65 -10.33
CA ILE D 107 -4.06 11.14 -10.31
C ILE D 107 -5.52 11.59 -10.12
N GLY D 108 -5.74 12.55 -9.23
CA GLY D 108 -7.09 13.06 -8.87
C GLY D 108 -7.51 14.19 -9.80
N ASP D 109 -8.13 15.23 -9.24
CA ASP D 109 -8.82 16.32 -9.98
C ASP D 109 -8.10 17.65 -9.77
N HIS D 110 -8.16 18.54 -10.77
CA HIS D 110 -7.77 19.98 -10.70
C HIS D 110 -6.27 20.15 -10.46
N ASN D 111 -5.42 19.33 -11.07
CA ASN D 111 -3.94 19.35 -10.87
C ASN D 111 -3.27 20.10 -12.02
N LEU D 112 -2.15 20.78 -11.72
CA LEU D 112 -1.32 21.52 -12.72
C LEU D 112 0.09 20.92 -12.72
N ILE D 113 0.37 20.04 -13.69
CA ILE D 113 1.67 19.32 -13.85
C ILE D 113 2.44 20.00 -14.99
N MET D 114 3.35 20.91 -14.64
CA MET D 114 4.03 21.82 -15.59
C MET D 114 5.12 21.05 -16.36
N ALA D 115 5.72 21.72 -17.35
CA ALA D 115 6.56 21.12 -18.42
C ALA D 115 7.62 20.18 -17.83
N TYR D 116 7.69 18.96 -18.35
CA TYR D 116 8.83 18.00 -18.20
C TYR D 116 8.88 17.45 -16.77
N ALA D 117 7.73 17.39 -16.09
CA ALA D 117 7.54 16.67 -14.82
C ALA D 117 7.56 15.17 -15.07
N HIS D 118 7.75 14.39 -14.00
CA HIS D 118 7.70 12.90 -14.03
C HIS D 118 6.90 12.41 -12.81
N ILE D 119 6.01 11.44 -13.03
CA ILE D 119 5.23 10.77 -11.95
C ILE D 119 5.52 9.26 -12.03
N GLY D 120 6.48 8.80 -11.22
CA GLY D 120 6.94 7.40 -11.16
C GLY D 120 5.80 6.44 -10.87
N HIS D 121 6.01 5.17 -11.20
CA HIS D 121 5.01 4.05 -11.09
C HIS D 121 4.40 4.03 -9.68
N ASP D 122 3.07 3.87 -9.61
CA ASP D 122 2.29 3.63 -8.36
C ASP D 122 2.21 4.92 -7.51
N SER D 123 2.58 6.07 -8.07
CA SER D 123 2.49 7.38 -7.38
C SER D 123 1.03 7.81 -7.30
N VAL D 124 0.69 8.60 -6.29
CA VAL D 124 -0.70 9.06 -5.98
C VAL D 124 -0.69 10.58 -5.78
N ILE D 125 -1.37 11.31 -6.66
CA ILE D 125 -1.61 12.78 -6.52
C ILE D 125 -3.11 13.01 -6.33
N GLY D 126 -3.49 13.66 -5.24
CA GLY D 126 -4.88 14.03 -4.92
C GLY D 126 -5.39 15.12 -5.84
N ASN D 127 -5.75 16.27 -5.28
CA ASN D 127 -6.52 17.33 -5.99
C ASN D 127 -5.90 18.71 -5.72
N HIS D 128 -5.95 19.60 -6.73
CA HIS D 128 -5.54 21.03 -6.64
C HIS D 128 -4.04 21.15 -6.36
N CYS D 129 -3.25 20.13 -6.69
CA CYS D 129 -1.78 20.11 -6.57
C CYS D 129 -1.15 20.86 -7.75
N ILE D 130 0.00 21.50 -7.53
CA ILE D 130 0.84 22.12 -8.59
C ILE D 130 2.23 21.47 -8.52
N LEU D 131 2.59 20.70 -9.53
CA LEU D 131 3.96 20.12 -9.61
C LEU D 131 4.71 20.98 -10.62
N VAL D 132 5.52 21.91 -10.15
CA VAL D 132 6.20 22.87 -11.05
C VAL D 132 7.22 22.16 -11.94
N ASN D 133 7.68 22.83 -12.98
CA ASN D 133 8.58 22.24 -13.99
C ASN D 133 9.61 21.24 -13.47
N ASN D 134 9.82 20.13 -14.17
CA ASN D 134 10.87 19.11 -13.88
C ASN D 134 10.74 18.48 -12.49
N THR D 135 9.70 18.79 -11.72
CA THR D 135 9.39 18.08 -10.46
C THR D 135 9.21 16.60 -10.76
N ALA D 136 10.09 15.73 -10.25
CA ALA D 136 10.13 14.28 -10.54
C ALA D 136 9.79 13.49 -9.28
N LEU D 137 8.73 12.67 -9.35
CA LEU D 137 8.31 11.73 -8.29
C LEU D 137 8.80 10.32 -8.66
N ALA D 138 9.38 9.61 -7.69
CA ALA D 138 10.24 8.41 -7.90
C ALA D 138 9.42 7.12 -7.88
N GLY D 139 8.16 7.17 -7.46
CA GLY D 139 7.26 6.00 -7.42
C GLY D 139 6.77 5.69 -6.02
N HIS D 140 5.52 5.24 -5.91
CA HIS D 140 4.80 4.98 -4.63
C HIS D 140 4.73 6.27 -3.79
N VAL D 141 4.73 7.44 -4.45
CA VAL D 141 4.73 8.80 -3.81
C VAL D 141 3.28 9.30 -3.72
N HIS D 142 2.87 9.77 -2.53
CA HIS D 142 1.56 10.41 -2.26
C HIS D 142 1.75 11.92 -2.10
N VAL D 143 1.24 12.71 -3.06
CA VAL D 143 1.12 14.20 -2.93
C VAL D 143 -0.34 14.51 -2.60
N ASP D 144 -0.61 14.90 -1.34
CA ASP D 144 -1.98 15.19 -0.83
C ASP D 144 -2.46 16.51 -1.46
N ASP D 145 -3.72 16.87 -1.22
CA ASP D 145 -4.42 18.00 -1.90
C ASP D 145 -3.73 19.33 -1.55
N TRP D 146 -3.53 20.19 -2.55
CA TRP D 146 -3.11 21.61 -2.42
C TRP D 146 -1.60 21.73 -2.14
N ALA D 147 -0.85 20.64 -2.25
CA ALA D 147 0.63 20.62 -2.09
C ALA D 147 1.28 21.18 -3.36
N ILE D 148 2.30 22.03 -3.20
CA ILE D 148 3.02 22.72 -4.31
C ILE D 148 4.49 22.32 -4.27
N LEU D 149 4.93 21.55 -5.26
CA LEU D 149 6.34 21.14 -5.48
C LEU D 149 6.97 22.09 -6.52
N SER D 150 7.88 22.96 -6.07
CA SER D 150 8.56 23.98 -6.90
C SER D 150 9.42 23.32 -7.98
N GLY D 151 9.88 24.10 -8.96
CA GLY D 151 10.62 23.61 -10.14
C GLY D 151 11.77 22.72 -9.75
N TYR D 152 11.87 21.54 -10.37
CA TYR D 152 12.99 20.57 -10.25
C TYR D 152 13.04 19.99 -8.83
N THR D 153 11.89 19.90 -8.14
CA THR D 153 11.77 19.23 -6.81
C THR D 153 11.76 17.71 -7.02
N LEU D 154 12.74 17.02 -6.44
CA LEU D 154 12.91 15.55 -6.53
C LEU D 154 12.36 14.91 -5.25
N VAL D 155 11.63 13.81 -5.39
CA VAL D 155 10.94 13.10 -4.26
C VAL D 155 11.35 11.62 -4.30
N HIS D 156 12.00 11.14 -3.24
CA HIS D 156 12.48 9.74 -3.08
C HIS D 156 11.28 8.79 -3.07
N GLN D 157 11.52 7.52 -3.41
N GLN D 157 11.51 7.51 -3.41
CA GLN D 157 10.51 6.42 -3.40
CA GLN D 157 10.48 6.44 -3.42
C GLN D 157 9.85 6.34 -2.01
C GLN D 157 9.84 6.35 -2.03
N TYR D 158 8.51 6.25 -1.99
CA TYR D 158 7.69 6.04 -0.76
C TYR D 158 7.66 7.26 0.17
N CYS D 159 8.03 8.46 -0.31
CA CYS D 159 7.88 9.73 0.44
C CYS D 159 6.44 10.23 0.29
N ARG D 160 5.92 10.90 1.32
CA ARG D 160 4.50 11.33 1.39
C ARG D 160 4.45 12.84 1.59
N ILE D 161 4.06 13.58 0.54
CA ILE D 161 3.97 15.07 0.53
C ILE D 161 2.61 15.48 1.13
N GLY D 162 2.62 15.99 2.37
CA GLY D 162 1.42 16.40 3.12
C GLY D 162 0.64 17.47 2.39
N ALA D 163 -0.65 17.59 2.70
CA ALA D 163 -1.58 18.57 2.09
C ALA D 163 -1.14 20.00 2.45
N HIS D 164 -1.17 20.91 1.47
CA HIS D 164 -0.86 22.36 1.63
C HIS D 164 0.64 22.57 1.88
N SER D 165 1.46 21.51 1.73
CA SER D 165 2.93 21.59 1.97
C SER D 165 3.60 22.29 0.78
N PHE D 166 4.82 22.75 0.97
CA PHE D 166 5.60 23.53 -0.03
C PHE D 166 7.04 23.00 -0.09
N SER D 167 7.55 22.79 -1.30
CA SER D 167 8.97 22.48 -1.57
C SER D 167 9.64 23.72 -2.21
N GLY D 168 10.83 24.09 -1.74
CA GLY D 168 11.70 25.07 -2.41
C GLY D 168 12.16 24.54 -3.75
N MET D 169 12.80 25.38 -4.58
CA MET D 169 13.18 25.01 -5.97
C MET D 169 14.50 24.23 -5.94
N GLY D 170 14.50 23.04 -6.54
CA GLY D 170 15.65 22.12 -6.57
C GLY D 170 15.81 21.33 -5.28
N SER D 171 14.76 21.30 -4.42
CA SER D 171 14.74 20.55 -3.15
C SER D 171 14.76 19.05 -3.43
N ALA D 172 15.54 18.29 -2.66
CA ALA D 172 15.63 16.81 -2.73
C ALA D 172 14.99 16.21 -1.47
N ILE D 173 13.80 15.66 -1.60
CA ILE D 173 12.94 15.20 -0.46
C ILE D 173 13.15 13.69 -0.27
N GLY D 174 13.84 13.31 0.83
CA GLY D 174 14.19 11.92 1.18
C GLY D 174 13.27 11.33 2.23
N LYS D 175 12.71 12.18 3.10
CA LYS D 175 11.76 11.78 4.17
C LYS D 175 10.37 12.35 3.84
N ASP D 176 9.36 12.01 4.66
CA ASP D 176 7.96 12.49 4.51
C ASP D 176 7.91 13.98 4.86
N VAL D 177 7.10 14.75 4.10
CA VAL D 177 6.86 16.21 4.32
C VAL D 177 5.47 16.36 4.96
N PRO D 178 5.40 16.64 6.28
CA PRO D 178 4.11 16.94 6.93
C PRO D 178 3.30 18.03 6.20
N ALA D 179 1.97 17.94 6.30
CA ALA D 179 1.00 18.90 5.72
C ALA D 179 1.33 20.32 6.22
N TYR D 180 1.22 21.31 5.33
CA TYR D 180 1.36 22.77 5.64
C TYR D 180 2.85 23.17 5.71
N VAL D 181 3.78 22.23 5.86
CA VAL D 181 5.21 22.52 6.16
C VAL D 181 5.92 22.97 4.87
N THR D 182 6.91 23.86 5.01
CA THR D 182 7.83 24.31 3.94
C THR D 182 9.18 23.60 4.08
N VAL D 183 9.65 22.98 3.00
CA VAL D 183 11.00 22.32 2.92
C VAL D 183 11.80 23.00 1.80
N PHE D 184 13.11 23.14 2.00
CA PHE D 184 14.07 23.71 1.01
C PHE D 184 15.38 22.93 1.06
N GLY D 185 15.98 22.66 -0.09
CA GLY D 185 17.38 22.23 -0.24
C GLY D 185 17.54 20.75 -0.48
N ASN D 186 18.79 20.30 -0.60
CA ASN D 186 19.20 18.92 -0.97
C ASN D 186 20.41 18.53 -0.10
N PRO D 187 20.21 17.76 1.00
CA PRO D 187 18.92 17.17 1.35
C PRO D 187 17.93 18.20 1.89
N ALA D 188 16.64 17.86 1.88
CA ALA D 188 15.52 18.74 2.26
C ALA D 188 15.50 18.96 3.78
N GLU D 189 15.31 20.22 4.20
CA GLU D 189 15.16 20.64 5.62
C GLU D 189 13.85 21.40 5.77
N ALA D 190 13.04 21.06 6.78
CA ALA D 190 11.86 21.84 7.22
C ALA D 190 12.31 23.23 7.66
N ARG D 191 11.51 24.26 7.40
CA ARG D 191 11.84 25.68 7.71
C ARG D 191 10.69 26.34 8.48
N SER D 192 9.51 26.45 7.85
CA SER D 192 8.28 27.05 8.43
C SER D 192 7.05 26.32 7.88
N MET D 193 5.90 27.01 7.83
CA MET D 193 4.63 26.47 7.27
C MET D 193 4.13 27.39 6.15
N ASN D 194 3.50 26.79 5.13
CA ASN D 194 2.88 27.48 3.96
C ASN D 194 1.72 28.33 4.47
N PHE D 195 2.03 29.43 5.16
CA PHE D 195 1.05 30.34 5.82
C PHE D 195 0.18 31.02 4.76
N GLU D 196 0.78 31.35 3.62
CA GLU D 196 0.11 32.00 2.46
C GLU D 196 -0.94 31.05 1.88
N GLY D 197 -0.56 29.79 1.66
CA GLY D 197 -1.44 28.71 1.16
C GLY D 197 -2.69 28.58 2.00
N MET D 198 -2.55 28.67 3.33
CA MET D 198 -3.68 28.66 4.30
C MET D 198 -4.59 29.86 4.05
N ARG D 199 -4.01 31.07 3.95
CA ARG D 199 -4.75 32.35 3.81
C ARG D 199 -5.57 32.36 2.50
N ARG D 200 -5.07 31.72 1.44
CA ARG D 200 -5.76 31.67 0.12
C ARG D 200 -6.77 30.52 0.08
N ARG D 201 -6.69 29.57 1.02
CA ARG D 201 -7.78 28.57 1.26
C ARG D 201 -8.86 29.20 2.14
N GLY D 202 -8.58 30.36 2.74
CA GLY D 202 -9.51 31.12 3.59
C GLY D 202 -9.57 30.54 5.00
N PHE D 203 -8.43 30.18 5.56
CA PHE D 203 -8.27 29.59 6.92
C PHE D 203 -8.48 30.71 7.96
N SER D 204 -9.06 30.35 9.11
CA SER D 204 -9.41 31.29 10.22
C SER D 204 -8.14 31.66 11.01
N SER D 205 -8.14 32.85 11.62
CA SER D 205 -7.05 33.38 12.48
C SER D 205 -6.72 32.36 13.58
N GLU D 206 -7.75 31.89 14.29
CA GLU D 206 -7.63 30.96 15.46
C GLU D 206 -7.07 29.61 15.00
N ALA D 207 -7.38 29.19 13.76
CA ALA D 207 -6.97 27.89 13.17
C ALA D 207 -5.56 27.98 12.58
N ILE D 208 -5.13 29.17 12.16
CA ILE D 208 -3.77 29.43 11.57
C ILE D 208 -2.76 29.52 12.73
N HIS D 209 -3.06 30.35 13.74
CA HIS D 209 -2.28 30.48 15.01
C HIS D 209 -2.12 29.09 15.64
N ALA D 210 -3.15 28.25 15.54
CA ALA D 210 -3.17 26.86 16.05
C ALA D 210 -2.13 26.00 15.31
N LEU D 211 -2.00 26.20 13.99
CA LEU D 211 -1.03 25.45 13.14
C LEU D 211 0.37 26.04 13.32
N ARG D 212 0.49 27.35 13.57
CA ARG D 212 1.79 27.97 13.99
C ARG D 212 2.26 27.30 15.28
N ARG D 213 1.35 27.19 16.27
CA ARG D 213 1.64 26.57 17.59
C ARG D 213 1.92 25.08 17.39
N ALA D 214 1.16 24.40 16.51
CA ALA D 214 1.29 22.95 16.20
C ALA D 214 2.66 22.66 15.58
N TYR D 215 3.17 23.57 14.73
CA TYR D 215 4.48 23.42 14.05
C TYR D 215 5.59 23.26 15.09
N LYS D 216 5.67 24.21 16.04
CA LYS D 216 6.74 24.31 17.07
C LYS D 216 6.77 23.04 17.93
N VAL D 217 5.59 22.53 18.28
CA VAL D 217 5.39 21.33 19.17
C VAL D 217 6.20 20.14 18.63
N VAL D 218 6.19 19.95 17.30
CA VAL D 218 6.75 18.77 16.60
C VAL D 218 8.26 18.97 16.38
N TYR D 219 8.69 20.21 16.19
CA TYR D 219 10.00 20.59 15.58
C TYR D 219 10.94 21.23 16.61
N ARG D 220 10.44 22.15 17.45
CA ARG D 220 11.27 23.14 18.19
C ARG D 220 11.02 23.10 19.70
N GLN D 221 10.68 21.93 20.27
CA GLN D 221 10.42 21.79 21.74
C GLN D 221 11.07 20.52 22.30
N GLY D 222 11.48 19.56 21.45
CA GLY D 222 12.28 18.40 21.85
C GLY D 222 11.47 17.12 21.98
N HIS D 223 10.14 17.21 21.91
CA HIS D 223 9.20 16.05 21.99
C HIS D 223 9.59 15.01 20.93
N THR D 224 9.62 13.72 21.32
CA THR D 224 9.72 12.58 20.37
C THR D 224 8.44 12.54 19.53
N VAL D 225 8.49 11.89 18.36
CA VAL D 225 7.35 11.84 17.39
C VAL D 225 6.09 11.35 18.13
N GLU D 226 6.25 10.36 19.01
CA GLU D 226 5.16 9.75 19.83
C GLU D 226 4.55 10.81 20.75
N GLU D 227 5.40 11.64 21.39
CA GLU D 227 5.01 12.64 22.42
C GLU D 227 4.35 13.86 21.78
N ALA D 228 4.79 14.27 20.58
CA ALA D 228 4.22 15.39 19.81
C ALA D 228 2.86 14.97 19.22
N LEU D 229 2.80 13.76 18.65
CA LEU D 229 1.54 13.10 18.19
C LEU D 229 0.53 13.06 19.35
N ALA D 230 1.02 12.97 20.59
CA ALA D 230 0.22 12.97 21.84
C ALA D 230 -0.25 14.39 22.16
N GLU D 231 0.68 15.34 22.31
CA GLU D 231 0.42 16.75 22.69
C GLU D 231 -0.65 17.36 21.77
N LEU D 232 -0.55 17.10 20.46
CA LEU D 232 -1.41 17.69 19.39
C LEU D 232 -2.85 17.19 19.49
N ALA D 233 -3.07 16.03 20.12
CA ALA D 233 -4.33 15.25 20.11
C ALA D 233 -5.56 16.15 20.41
N GLU D 234 -5.45 17.09 21.36
CA GLU D 234 -6.55 18.01 21.73
C GLU D 234 -6.84 18.95 20.56
N SER D 235 -5.83 19.73 20.14
CA SER D 235 -5.92 20.71 19.03
C SER D 235 -6.42 20.03 17.76
N ALA D 236 -6.04 18.76 17.56
CA ALA D 236 -6.46 17.89 16.44
C ALA D 236 -7.98 17.69 16.46
N ALA D 237 -8.58 17.58 17.66
CA ALA D 237 -10.04 17.42 17.84
C ALA D 237 -10.74 18.78 17.73
N GLN D 238 -10.14 19.85 18.28
CA GLN D 238 -10.71 21.23 18.29
C GLN D 238 -10.71 21.81 16.87
N PHE D 239 -9.62 21.60 16.12
CA PHE D 239 -9.43 22.11 14.73
C PHE D 239 -9.20 20.93 13.79
N PRO D 240 -10.00 20.79 12.70
CA PRO D 240 -9.74 19.78 11.67
C PRO D 240 -8.50 20.13 10.84
N GLU D 241 -8.12 21.42 10.81
CA GLU D 241 -6.89 21.92 10.13
C GLU D 241 -5.65 21.35 10.82
N VAL D 242 -5.60 21.37 12.15
CA VAL D 242 -4.48 20.85 12.98
C VAL D 242 -4.52 19.31 12.94
N ALA D 243 -5.72 18.73 12.80
CA ALA D 243 -5.95 17.26 12.70
C ALA D 243 -5.24 16.72 11.46
N VAL D 244 -5.40 17.39 10.32
CA VAL D 244 -4.77 17.05 9.01
C VAL D 244 -3.25 17.02 9.17
N PHE D 245 -2.70 17.93 10.00
CA PHE D 245 -1.25 18.03 10.31
C PHE D 245 -0.79 16.83 11.15
N ARG D 246 -1.54 16.49 12.21
CA ARG D 246 -1.21 15.37 13.13
C ARG D 246 -1.26 14.05 12.35
N ASP D 247 -2.27 13.88 11.49
CA ASP D 247 -2.45 12.69 10.62
C ASP D 247 -1.26 12.53 9.68
N SER D 248 -0.75 13.65 9.13
CA SER D 248 0.43 13.69 8.23
C SER D 248 1.68 13.16 8.95
N ILE D 249 1.87 13.58 10.21
CA ILE D 249 3.00 13.13 11.08
C ILE D 249 2.76 11.67 11.49
N GLN D 250 1.52 11.32 11.83
CA GLN D 250 1.09 9.96 12.28
C GLN D 250 1.49 8.92 11.23
N SER D 251 1.07 9.14 9.97
CA SER D 251 1.22 8.18 8.85
C SER D 251 2.57 8.37 8.14
N ALA D 252 3.64 8.59 8.91
CA ALA D 252 5.01 8.85 8.42
C ALA D 252 5.99 7.95 9.16
N THR D 253 5.93 6.64 8.89
CA THR D 253 6.65 5.58 9.64
C THR D 253 8.06 5.42 9.07
N ARG D 254 8.50 6.33 8.19
CA ARG D 254 9.91 6.46 7.74
C ARG D 254 10.41 7.88 8.05
N GLY D 255 10.17 8.35 9.28
CA GLY D 255 10.59 9.68 9.77
C GLY D 255 9.81 10.81 9.10
N ILE D 256 9.96 12.03 9.61
CA ILE D 256 9.51 13.29 8.95
C ILE D 256 10.75 14.08 8.54
N THR D 257 10.62 14.92 7.50
CA THR D 257 11.68 15.85 7.04
C THR D 257 11.89 16.92 8.12
N ARG D 258 13.09 16.98 8.69
CA ARG D 258 13.44 17.86 9.84
C ARG D 258 14.35 19.00 9.36
N SER E 2 2.76 -3.50 -40.80
CA SER E 2 4.13 -3.29 -41.37
C SER E 2 5.11 -2.89 -40.27
N LEU E 3 6.41 -3.15 -40.47
CA LEU E 3 7.51 -2.86 -39.50
C LEU E 3 7.93 -1.39 -39.63
N ILE E 4 8.72 -1.06 -40.66
CA ILE E 4 9.21 0.31 -40.94
C ILE E 4 8.01 1.14 -41.41
N ASP E 5 7.25 1.67 -40.44
CA ASP E 5 5.91 2.32 -40.62
C ASP E 5 5.97 3.32 -41.78
N PRO E 6 4.91 3.41 -42.62
CA PRO E 6 4.91 4.31 -43.77
C PRO E 6 5.08 5.81 -43.49
N ARG E 7 4.58 6.30 -42.35
CA ARG E 7 4.57 7.76 -42.01
C ARG E 7 5.98 8.23 -41.60
N ALA E 8 6.90 7.31 -41.32
CA ALA E 8 8.31 7.60 -40.95
C ALA E 8 9.10 8.01 -42.19
N ILE E 9 9.88 9.09 -42.10
CA ILE E 9 10.94 9.44 -43.10
C ILE E 9 12.17 8.57 -42.80
N ILE E 10 12.54 7.69 -43.73
CA ILE E 10 13.88 7.05 -43.81
C ILE E 10 14.67 7.78 -44.91
N ASP E 11 15.98 7.99 -44.71
CA ASP E 11 16.89 8.47 -45.77
C ASP E 11 17.41 7.25 -46.53
N PRO E 12 17.32 7.22 -47.88
CA PRO E 12 17.77 6.07 -48.67
C PRO E 12 19.15 5.55 -48.21
N SER E 13 20.05 6.48 -47.85
CA SER E 13 21.38 6.21 -47.25
C SER E 13 21.19 5.84 -45.77
N ALA E 14 20.86 4.57 -45.50
CA ALA E 14 20.60 4.02 -44.14
C ALA E 14 20.57 2.49 -44.21
N ARG E 15 21.47 1.82 -43.48
CA ARG E 15 21.67 0.35 -43.56
C ARG E 15 20.96 -0.31 -42.37
N LEU E 16 19.62 -0.37 -42.43
CA LEU E 16 18.73 -1.07 -41.46
C LEU E 16 18.75 -2.57 -41.76
N ALA E 17 18.74 -3.41 -40.73
CA ALA E 17 18.51 -4.88 -40.85
C ALA E 17 17.04 -5.10 -41.22
N ALA E 18 16.71 -6.27 -41.79
CA ALA E 18 15.40 -6.57 -42.40
C ALA E 18 14.43 -7.19 -41.37
N ASP E 19 14.57 -6.84 -40.09
CA ASP E 19 13.54 -7.08 -39.03
C ASP E 19 13.51 -5.90 -38.05
N VAL E 20 14.00 -4.73 -38.48
CA VAL E 20 14.06 -3.48 -37.67
C VAL E 20 12.67 -2.84 -37.65
N GLN E 21 12.33 -2.14 -36.56
CA GLN E 21 11.08 -1.35 -36.40
C GLN E 21 11.42 0.15 -36.38
N VAL E 22 10.58 0.96 -37.04
CA VAL E 22 10.65 2.45 -37.04
C VAL E 22 9.21 2.97 -37.01
N GLY E 23 8.72 3.37 -35.83
CA GLY E 23 7.33 3.81 -35.59
C GLY E 23 7.00 5.09 -36.35
N PRO E 24 5.73 5.55 -36.30
CA PRO E 24 5.30 6.71 -37.08
C PRO E 24 6.01 8.02 -36.71
N TRP E 25 6.37 8.81 -37.72
CA TRP E 25 6.96 10.18 -37.62
C TRP E 25 8.37 10.11 -37.03
N SER E 26 9.10 9.02 -37.28
CA SER E 26 10.46 8.77 -36.75
C SER E 26 11.50 8.92 -37.88
N ILE E 27 12.34 9.94 -37.81
CA ILE E 27 13.38 10.25 -38.85
C ILE E 27 14.60 9.35 -38.62
N VAL E 28 15.01 8.61 -39.66
CA VAL E 28 16.31 7.87 -39.74
C VAL E 28 17.13 8.56 -40.83
N GLY E 29 17.94 9.57 -40.45
CA GLY E 29 18.65 10.47 -41.36
C GLY E 29 19.77 9.77 -42.13
N ALA E 30 20.63 10.55 -42.79
CA ALA E 30 21.75 10.08 -43.63
C ALA E 30 22.85 9.46 -42.76
N GLU E 31 23.48 8.39 -43.23
CA GLU E 31 24.68 7.73 -42.62
C GLU E 31 24.29 7.06 -41.31
N VAL E 32 23.17 6.34 -41.28
CA VAL E 32 22.57 5.77 -40.04
C VAL E 32 22.44 4.25 -40.19
N GLU E 33 23.32 3.49 -39.53
CA GLU E 33 23.27 2.00 -39.42
C GLU E 33 22.44 1.62 -38.20
N ILE E 34 21.65 0.54 -38.32
CA ILE E 34 20.80 -0.01 -37.22
C ILE E 34 20.86 -1.54 -37.29
N GLY E 35 21.35 -2.19 -36.23
CA GLY E 35 21.43 -3.66 -36.10
C GLY E 35 20.05 -4.30 -36.02
N GLU E 36 19.99 -5.62 -36.21
CA GLU E 36 18.72 -6.41 -36.24
C GLU E 36 18.13 -6.48 -34.83
N GLY E 37 16.80 -6.58 -34.74
CA GLY E 37 16.06 -6.67 -33.46
C GLY E 37 15.90 -5.33 -32.79
N THR E 38 16.35 -4.24 -33.44
CA THR E 38 16.29 -2.85 -32.91
C THR E 38 14.88 -2.29 -33.12
N VAL E 39 14.37 -1.55 -32.13
CA VAL E 39 13.06 -0.85 -32.18
C VAL E 39 13.29 0.65 -31.95
N ILE E 40 12.92 1.48 -32.93
CA ILE E 40 12.82 2.96 -32.81
C ILE E 40 11.34 3.30 -32.67
N GLY E 41 10.93 3.88 -31.54
CA GLY E 41 9.54 4.30 -31.26
C GLY E 41 9.12 5.45 -32.17
N PRO E 42 7.91 6.03 -31.97
CA PRO E 42 7.48 7.20 -32.74
C PRO E 42 8.19 8.48 -32.27
N HIS E 43 8.19 9.52 -33.11
CA HIS E 43 8.73 10.88 -32.79
C HIS E 43 10.20 10.79 -32.35
N VAL E 44 11.00 9.93 -32.99
CA VAL E 44 12.47 9.83 -32.75
C VAL E 44 13.20 10.48 -33.94
N VAL E 45 14.39 11.04 -33.69
CA VAL E 45 15.28 11.64 -34.72
C VAL E 45 16.69 11.06 -34.54
N LEU E 46 17.08 10.17 -35.47
CA LEU E 46 18.41 9.51 -35.49
C LEU E 46 19.26 10.15 -36.60
N LYS E 47 19.93 11.25 -36.29
CA LYS E 47 20.92 11.92 -37.20
C LYS E 47 22.24 11.14 -37.12
N GLY E 48 23.03 11.14 -38.20
CA GLY E 48 24.30 10.41 -38.32
C GLY E 48 25.49 11.32 -38.60
N PRO E 49 26.69 10.78 -38.89
CA PRO E 49 26.90 9.33 -39.00
C PRO E 49 26.83 8.61 -37.65
N THR E 50 26.04 7.53 -37.57
CA THR E 50 25.64 6.86 -36.31
C THR E 50 25.49 5.35 -36.54
N LYS E 51 26.04 4.54 -35.63
CA LYS E 51 25.91 3.05 -35.61
C LYS E 51 25.12 2.66 -34.35
N ILE E 52 24.01 1.92 -34.54
CA ILE E 52 23.11 1.43 -33.46
C ILE E 52 23.01 -0.10 -33.60
N GLY E 53 23.54 -0.85 -32.62
CA GLY E 53 23.68 -2.32 -32.67
C GLY E 53 22.36 -3.06 -32.56
N LYS E 54 22.38 -4.25 -31.96
CA LYS E 54 21.29 -5.27 -32.02
C LYS E 54 20.52 -5.32 -30.69
N HIS E 55 19.19 -5.42 -30.77
CA HIS E 55 18.25 -5.51 -29.62
C HIS E 55 18.22 -4.19 -28.83
N ASN E 56 18.47 -3.07 -29.51
CA ASN E 56 18.33 -1.70 -28.93
C ASN E 56 16.86 -1.32 -28.88
N ARG E 57 16.48 -0.41 -27.99
CA ARG E 57 15.09 0.05 -27.79
C ARG E 57 15.09 1.56 -27.47
N ILE E 58 14.88 2.40 -28.48
CA ILE E 58 14.89 3.89 -28.37
C ILE E 58 13.44 4.39 -28.35
N TYR E 59 13.01 4.96 -27.22
CA TYR E 59 11.66 5.54 -27.00
C TYR E 59 11.56 6.92 -27.67
N GLN E 60 10.38 7.53 -27.57
CA GLN E 60 9.95 8.73 -28.35
C GLN E 60 10.65 10.01 -27.86
N PHE E 61 10.67 11.04 -28.72
CA PHE E 61 11.15 12.43 -28.46
C PHE E 61 12.68 12.46 -28.24
N SER E 62 13.35 11.31 -28.39
CA SER E 62 14.83 11.21 -28.33
C SER E 62 15.42 11.84 -29.59
N SER E 63 16.53 12.56 -29.45
CA SER E 63 17.32 13.15 -30.57
C SER E 63 18.73 12.56 -30.57
N VAL E 64 18.82 11.24 -30.79
CA VAL E 64 20.09 10.46 -30.76
C VAL E 64 20.94 10.82 -31.98
N GLY E 65 22.19 11.22 -31.77
CA GLY E 65 23.20 11.42 -32.83
C GLY E 65 23.10 12.78 -33.50
N GLU E 66 22.51 13.77 -32.82
CA GLU E 66 22.55 15.20 -33.24
C GLU E 66 23.97 15.74 -33.00
N ASP E 67 24.28 16.91 -33.54
CA ASP E 67 25.52 17.67 -33.23
C ASP E 67 25.53 18.01 -31.74
N THR E 68 26.65 18.51 -31.22
CA THR E 68 26.74 19.21 -29.92
C THR E 68 26.57 20.70 -30.17
N PRO E 69 25.95 21.47 -29.24
CA PRO E 69 25.95 22.93 -29.32
C PRO E 69 27.25 23.56 -28.83
N ASP E 70 28.11 22.79 -28.15
CA ASP E 70 29.45 23.22 -27.69
C ASP E 70 30.16 23.93 -28.84
N LEU E 71 30.66 25.15 -28.59
CA LEU E 71 31.08 26.13 -29.63
C LEU E 71 32.38 25.68 -30.34
N LYS E 72 33.13 24.73 -29.76
CA LYS E 72 34.46 24.30 -30.28
C LYS E 72 34.29 23.28 -31.41
N TYR E 73 33.06 22.83 -31.68
CA TYR E 73 32.71 21.84 -32.74
C TYR E 73 32.16 22.57 -33.96
N LYS E 74 32.72 22.30 -35.15
CA LYS E 74 32.40 23.00 -36.43
C LYS E 74 31.99 21.99 -37.51
N GLY E 75 30.99 21.16 -37.21
CA GLY E 75 30.31 20.24 -38.15
C GLY E 75 31.29 19.38 -38.94
N GLU E 76 32.34 18.87 -38.28
CA GLU E 76 33.31 17.89 -38.85
C GLU E 76 32.63 16.53 -38.93
N PRO E 77 33.17 15.55 -39.70
CA PRO E 77 32.47 14.28 -39.92
C PRO E 77 32.57 13.31 -38.73
N THR E 78 32.19 13.78 -37.53
CA THR E 78 32.25 13.04 -36.25
C THR E 78 31.14 11.99 -36.21
N ARG E 79 31.26 10.98 -35.33
CA ARG E 79 30.40 9.77 -35.32
C ARG E 79 29.81 9.53 -33.92
N LEU E 80 28.98 8.49 -33.79
CA LEU E 80 28.39 7.99 -32.52
C LEU E 80 28.19 6.46 -32.63
N VAL E 81 28.66 5.71 -31.64
CA VAL E 81 28.57 4.22 -31.59
C VAL E 81 27.69 3.82 -30.40
N ILE E 82 26.60 3.10 -30.65
CA ILE E 82 25.69 2.50 -29.63
C ILE E 82 25.71 0.98 -29.83
N GLY E 83 25.99 0.23 -28.76
CA GLY E 83 26.11 -1.25 -28.79
C GLY E 83 24.76 -1.93 -28.83
N ASP E 84 24.59 -2.99 -28.02
CA ASP E 84 23.45 -3.93 -28.06
C ASP E 84 22.65 -3.85 -26.75
N HIS E 85 21.39 -4.29 -26.77
CA HIS E 85 20.53 -4.53 -25.58
C HIS E 85 20.28 -3.24 -24.80
N ASN E 86 20.44 -2.07 -25.43
CA ASN E 86 20.33 -0.74 -24.76
C ASN E 86 18.88 -0.25 -24.82
N VAL E 87 18.31 0.08 -23.66
CA VAL E 87 16.98 0.75 -23.52
C VAL E 87 17.23 2.25 -23.34
N ILE E 88 16.61 3.08 -24.19
CA ILE E 88 16.74 4.56 -24.19
C ILE E 88 15.33 5.17 -24.11
N ARG E 89 15.02 5.85 -23.00
CA ARG E 89 13.63 6.24 -22.63
C ARG E 89 13.29 7.61 -23.21
N GLU E 90 12.15 8.19 -22.83
CA GLU E 90 11.47 9.28 -23.56
C GLU E 90 12.26 10.59 -23.41
N GLY E 91 12.68 11.18 -24.54
CA GLY E 91 13.22 12.54 -24.62
C GLY E 91 14.71 12.62 -24.29
N VAL E 92 15.46 11.53 -24.49
CA VAL E 92 16.94 11.51 -24.32
C VAL E 92 17.57 12.27 -25.49
N THR E 93 18.64 13.03 -25.24
CA THR E 93 19.49 13.64 -26.29
C THR E 93 20.93 13.13 -26.13
N ILE E 94 21.43 12.43 -27.16
CA ILE E 94 22.84 11.98 -27.28
C ILE E 94 23.51 12.80 -28.40
N HIS E 95 24.68 13.36 -28.12
CA HIS E 95 25.48 14.17 -29.07
C HIS E 95 26.66 13.34 -29.60
N ARG E 96 26.97 13.50 -30.89
CA ARG E 96 28.17 12.91 -31.55
C ARG E 96 29.41 13.70 -31.07
N GLY E 97 30.59 13.11 -31.21
CA GLY E 97 31.85 13.61 -30.60
C GLY E 97 32.42 14.84 -31.29
N THR E 98 33.69 15.13 -31.03
CA THR E 98 34.45 16.30 -31.55
C THR E 98 35.84 15.85 -32.01
N VAL E 99 36.39 16.49 -33.04
CA VAL E 99 37.74 16.18 -33.63
C VAL E 99 38.82 16.42 -32.55
N GLN E 100 38.56 17.36 -31.63
CA GLN E 100 39.47 17.76 -30.53
C GLN E 100 39.85 16.53 -29.69
N ASP E 101 38.91 15.58 -29.52
CA ASP E 101 39.12 14.33 -28.73
C ASP E 101 39.26 13.15 -29.70
N ARG E 102 38.20 12.35 -29.91
CA ARG E 102 38.25 11.11 -30.74
C ARG E 102 37.17 11.14 -31.82
N ALA E 103 36.52 12.29 -32.05
CA ALA E 103 35.47 12.50 -33.07
C ALA E 103 34.41 11.40 -32.96
N GLU E 104 34.06 10.99 -31.73
CA GLU E 104 33.16 9.84 -31.47
C GLU E 104 32.63 9.86 -30.03
N THR E 105 31.31 9.79 -29.88
CA THR E 105 30.60 9.42 -28.61
C THR E 105 30.40 7.90 -28.62
N THR E 106 30.73 7.22 -27.53
CA THR E 106 30.73 5.73 -27.44
C THR E 106 29.77 5.28 -26.34
N ILE E 107 28.96 4.25 -26.64
CA ILE E 107 28.06 3.55 -25.66
C ILE E 107 28.19 2.03 -25.88
N GLY E 108 28.27 1.27 -24.80
CA GLY E 108 28.42 -0.20 -24.83
C GLY E 108 27.07 -0.90 -24.92
N ASP E 109 26.87 -1.95 -24.11
CA ASP E 109 25.73 -2.91 -24.21
C ASP E 109 24.95 -2.94 -22.89
N HIS E 110 23.63 -3.15 -22.98
CA HIS E 110 22.70 -3.43 -21.84
C HIS E 110 22.55 -2.19 -20.93
N ASN E 111 22.73 -0.99 -21.48
CA ASN E 111 22.69 0.29 -20.71
C ASN E 111 21.25 0.81 -20.67
N LEU E 112 20.71 1.05 -19.47
CA LEU E 112 19.35 1.62 -19.25
C LEU E 112 19.45 3.14 -19.03
N ILE E 113 19.13 3.92 -20.06
CA ILE E 113 19.16 5.41 -20.06
C ILE E 113 17.72 5.92 -19.98
N MET E 114 17.34 6.52 -18.84
CA MET E 114 15.94 6.91 -18.52
C MET E 114 15.62 8.28 -19.13
N ALA E 115 14.37 8.74 -18.96
CA ALA E 115 13.75 9.87 -19.69
C ALA E 115 14.55 11.17 -19.48
N TYR E 116 14.74 11.94 -20.56
CA TYR E 116 15.29 13.32 -20.56
C TYR E 116 16.71 13.32 -19.98
N ALA E 117 17.35 12.15 -19.94
CA ALA E 117 18.80 11.99 -19.68
C ALA E 117 19.56 12.66 -20.81
N HIS E 118 20.82 13.04 -20.58
CA HIS E 118 21.68 13.69 -21.60
C HIS E 118 23.07 13.03 -21.64
N ILE E 119 23.54 12.71 -22.85
CA ILE E 119 24.94 12.26 -23.14
C ILE E 119 25.61 13.34 -23.99
N GLY E 120 26.55 14.08 -23.42
CA GLY E 120 27.33 15.12 -24.13
C GLY E 120 28.31 14.51 -25.10
N HIS E 121 28.88 15.33 -25.99
CA HIS E 121 29.87 14.94 -27.04
C HIS E 121 31.06 14.20 -26.42
N ASP E 122 31.45 13.07 -27.01
CA ASP E 122 32.71 12.33 -26.75
C ASP E 122 32.65 11.54 -25.43
N SER E 123 31.48 11.46 -24.79
CA SER E 123 31.26 10.62 -23.57
C SER E 123 31.39 9.15 -23.96
N VAL E 124 32.08 8.36 -23.12
CA VAL E 124 32.18 6.87 -23.28
C VAL E 124 31.41 6.22 -22.13
N ILE E 125 30.34 5.48 -22.46
CA ILE E 125 29.50 4.72 -21.47
C ILE E 125 29.72 3.22 -21.73
N GLY E 126 29.99 2.46 -20.67
CA GLY E 126 30.33 1.03 -20.73
C GLY E 126 29.09 0.16 -20.90
N ASN E 127 28.94 -0.85 -20.04
CA ASN E 127 27.96 -1.95 -20.20
C ASN E 127 27.17 -2.13 -18.91
N HIS E 128 25.87 -2.40 -19.03
CA HIS E 128 24.89 -2.61 -17.92
C HIS E 128 24.88 -1.41 -16.97
N CYS E 129 24.99 -0.20 -17.51
CA CYS E 129 24.92 1.08 -16.76
C CYS E 129 23.46 1.52 -16.63
N ILE E 130 23.14 2.28 -15.58
CA ILE E 130 21.78 2.88 -15.35
C ILE E 130 21.94 4.38 -15.13
N LEU E 131 21.47 5.20 -16.09
CA LEU E 131 21.37 6.67 -15.95
C LEU E 131 19.90 7.05 -15.76
N VAL E 132 19.54 7.45 -14.55
CA VAL E 132 18.15 7.76 -14.13
C VAL E 132 17.75 9.14 -14.69
N ASN E 133 16.44 9.40 -14.78
CA ASN E 133 15.81 10.63 -15.33
C ASN E 133 16.72 11.85 -15.17
N ASN E 134 17.04 12.51 -16.29
CA ASN E 134 17.62 13.88 -16.33
C ASN E 134 19.08 13.86 -15.85
N THR E 135 19.72 12.70 -15.82
CA THR E 135 21.19 12.58 -15.63
C THR E 135 21.88 13.18 -16.87
N ALA E 136 22.76 14.17 -16.67
CA ALA E 136 23.42 14.94 -17.75
C ALA E 136 24.95 14.79 -17.64
N LEU E 137 25.58 14.24 -18.68
CA LEU E 137 27.05 14.09 -18.81
C LEU E 137 27.57 15.20 -19.73
N ALA E 138 28.58 15.95 -19.27
CA ALA E 138 29.00 17.24 -19.85
C ALA E 138 29.90 17.06 -21.09
N GLY E 139 30.31 15.82 -21.38
CA GLY E 139 31.14 15.49 -22.56
C GLY E 139 32.54 15.09 -22.17
N HIS E 140 33.15 14.17 -22.92
CA HIS E 140 34.45 13.50 -22.61
C HIS E 140 34.33 12.74 -21.29
N VAL E 141 33.09 12.45 -20.84
CA VAL E 141 32.80 11.79 -19.53
C VAL E 141 32.80 10.27 -19.76
N HIS E 142 33.67 9.56 -19.06
CA HIS E 142 33.75 8.07 -19.05
C HIS E 142 32.94 7.52 -17.87
N VAL E 143 31.84 6.80 -18.16
CA VAL E 143 31.05 6.03 -17.16
C VAL E 143 31.37 4.54 -17.35
N ASP E 144 32.07 3.94 -16.38
CA ASP E 144 32.48 2.51 -16.40
C ASP E 144 31.23 1.62 -16.23
N ASP E 145 31.40 0.30 -16.45
CA ASP E 145 30.34 -0.73 -16.43
C ASP E 145 29.69 -0.78 -15.03
N TRP E 146 28.37 -0.97 -14.98
CA TRP E 146 27.56 -1.23 -13.75
C TRP E 146 27.45 0.03 -12.88
N ALA E 147 27.89 1.19 -13.38
CA ALA E 147 27.78 2.49 -12.69
C ALA E 147 26.31 2.93 -12.69
N ILE E 148 25.83 3.43 -11.54
CA ILE E 148 24.39 3.80 -11.33
C ILE E 148 24.32 5.26 -10.87
N LEU E 149 24.00 6.17 -11.80
CA LEU E 149 23.78 7.62 -11.52
C LEU E 149 22.29 7.84 -11.20
N SER E 150 22.00 8.45 -10.05
CA SER E 150 20.63 8.77 -9.57
C SER E 150 19.99 9.84 -10.47
N GLY E 151 18.71 10.12 -10.25
CA GLY E 151 17.94 11.13 -11.00
C GLY E 151 18.51 12.54 -10.84
N TYR E 152 18.64 13.26 -11.94
CA TYR E 152 19.10 14.68 -12.01
C TYR E 152 20.54 14.78 -11.52
N THR E 153 21.33 13.72 -11.74
CA THR E 153 22.79 13.68 -11.48
C THR E 153 23.52 14.40 -12.63
N LEU E 154 24.22 15.49 -12.31
CA LEU E 154 25.07 16.25 -13.27
C LEU E 154 26.51 15.77 -13.13
N VAL E 155 27.17 15.48 -14.24
CA VAL E 155 28.59 15.00 -14.29
C VAL E 155 29.41 15.98 -15.13
N HIS E 156 30.24 16.79 -14.46
CA HIS E 156 31.11 17.83 -15.08
C HIS E 156 32.04 17.17 -16.11
N GLN E 157 32.51 17.98 -17.08
CA GLN E 157 33.38 17.54 -18.20
C GLN E 157 34.54 16.68 -17.70
N TYR E 158 34.94 15.68 -18.51
CA TYR E 158 36.19 14.90 -18.36
C TYR E 158 36.18 14.05 -17.09
N CYS E 159 35.09 14.07 -16.30
CA CYS E 159 34.97 13.32 -15.03
C CYS E 159 34.82 11.82 -15.33
N ARG E 160 35.25 10.97 -14.40
CA ARG E 160 35.27 9.50 -14.55
C ARG E 160 34.44 8.85 -13.43
N ILE E 161 33.24 8.39 -13.76
CA ILE E 161 32.34 7.59 -12.88
C ILE E 161 32.83 6.14 -12.93
N GLY E 162 33.37 5.63 -11.81
CA GLY E 162 33.97 4.29 -11.72
C GLY E 162 32.94 3.19 -11.84
N ALA E 163 33.39 1.95 -12.11
CA ALA E 163 32.54 0.75 -12.26
C ALA E 163 31.89 0.40 -10.92
N HIS E 164 30.59 0.09 -10.94
CA HIS E 164 29.75 -0.26 -9.76
C HIS E 164 29.68 0.90 -8.77
N SER E 165 30.04 2.12 -9.20
CA SER E 165 29.91 3.36 -8.39
C SER E 165 28.45 3.83 -8.44
N PHE E 166 28.03 4.63 -7.46
CA PHE E 166 26.63 5.07 -7.28
C PHE E 166 26.59 6.51 -6.76
N SER E 167 26.04 7.43 -7.55
CA SER E 167 25.81 8.85 -7.16
C SER E 167 24.40 8.98 -6.58
N GLY E 168 24.25 9.85 -5.58
CA GLY E 168 22.96 10.13 -4.91
C GLY E 168 22.10 11.07 -5.74
N MET E 169 20.88 11.30 -5.27
CA MET E 169 19.81 12.10 -5.93
C MET E 169 20.26 13.56 -6.06
N GLY E 170 20.17 14.12 -7.28
CA GLY E 170 20.47 15.54 -7.55
C GLY E 170 21.92 15.90 -7.29
N SER E 171 22.84 14.96 -7.55
CA SER E 171 24.30 15.13 -7.37
C SER E 171 24.87 16.01 -8.48
N ALA E 172 25.93 16.77 -8.17
CA ALA E 172 26.75 17.55 -9.13
C ALA E 172 28.21 17.14 -8.97
N ILE E 173 28.69 16.25 -9.83
CA ILE E 173 30.02 15.58 -9.73
C ILE E 173 31.06 16.44 -10.47
N GLY E 174 32.00 17.03 -9.72
CA GLY E 174 33.06 17.90 -10.25
C GLY E 174 34.37 17.14 -10.45
N LYS E 175 34.76 16.29 -9.48
CA LYS E 175 35.99 15.48 -9.49
C LYS E 175 35.63 14.02 -9.80
N ASP E 176 36.62 13.20 -10.14
CA ASP E 176 36.42 11.78 -10.61
C ASP E 176 35.96 10.92 -9.44
N VAL E 177 34.95 10.08 -9.65
CA VAL E 177 34.40 9.13 -8.65
C VAL E 177 35.17 7.82 -8.76
N PRO E 178 35.77 7.31 -7.67
CA PRO E 178 36.38 5.98 -7.67
C PRO E 178 35.32 4.89 -7.90
N ALA E 179 35.73 3.73 -8.44
CA ALA E 179 34.87 2.55 -8.65
C ALA E 179 34.34 2.07 -7.29
N TYR E 180 33.09 1.59 -7.26
CA TYR E 180 32.42 0.98 -6.08
C TYR E 180 31.93 2.07 -5.10
N VAL E 181 32.34 3.33 -5.28
CA VAL E 181 32.14 4.43 -4.28
C VAL E 181 30.73 5.02 -4.48
N THR E 182 30.08 5.38 -3.36
CA THR E 182 28.79 6.13 -3.33
C THR E 182 29.07 7.60 -2.99
N VAL E 183 28.42 8.53 -3.70
CA VAL E 183 28.60 10.01 -3.55
C VAL E 183 27.21 10.67 -3.52
N PHE E 184 27.11 11.86 -2.91
CA PHE E 184 25.82 12.57 -2.66
C PHE E 184 26.03 14.09 -2.63
N GLY E 185 25.07 14.84 -3.21
CA GLY E 185 24.92 16.29 -3.03
C GLY E 185 25.67 17.10 -4.07
N ASN E 186 25.62 18.44 -3.95
CA ASN E 186 26.31 19.43 -4.81
C ASN E 186 27.01 20.45 -3.90
N PRO E 187 28.37 20.44 -3.80
CA PRO E 187 29.23 19.58 -4.59
C PRO E 187 29.23 18.15 -4.04
N ALA E 188 29.35 17.15 -4.92
CA ALA E 188 29.31 15.71 -4.60
C ALA E 188 30.36 15.37 -3.54
N GLU E 189 29.89 15.02 -2.33
CA GLU E 189 30.73 14.42 -1.25
C GLU E 189 30.81 12.90 -1.48
N ALA E 190 31.82 12.24 -0.91
CA ALA E 190 31.96 10.77 -0.84
C ALA E 190 31.31 10.28 0.46
N ARG E 191 30.58 9.17 0.43
CA ARG E 191 29.88 8.60 1.61
C ARG E 191 30.49 7.24 1.98
N SER E 192 30.25 6.21 1.17
CA SER E 192 30.65 4.80 1.43
C SER E 192 30.79 4.03 0.12
N MET E 193 30.46 2.73 0.12
CA MET E 193 30.66 1.81 -1.04
C MET E 193 29.32 1.21 -1.47
N ASN E 194 29.13 1.03 -2.78
CA ASN E 194 27.94 0.40 -3.40
C ASN E 194 28.02 -1.12 -3.19
N PHE E 195 27.78 -1.57 -1.96
CA PHE E 195 27.87 -2.98 -1.51
C PHE E 195 26.79 -3.83 -2.20
N GLU E 196 25.58 -3.28 -2.35
CA GLU E 196 24.45 -3.92 -3.06
C GLU E 196 24.87 -4.25 -4.50
N GLY E 197 25.63 -3.35 -5.14
CA GLY E 197 26.19 -3.52 -6.49
C GLY E 197 27.14 -4.71 -6.56
N MET E 198 27.86 -4.99 -5.47
CA MET E 198 28.85 -6.09 -5.37
C MET E 198 28.11 -7.43 -5.24
N ARG E 199 27.28 -7.58 -4.20
CA ARG E 199 26.41 -8.77 -3.98
C ARG E 199 25.78 -9.20 -5.31
N ARG E 200 25.13 -8.25 -6.00
CA ARG E 200 24.37 -8.46 -7.27
C ARG E 200 25.25 -9.13 -8.33
N ARG E 201 26.55 -8.86 -8.36
CA ARG E 201 27.51 -9.41 -9.37
C ARG E 201 28.05 -10.77 -8.94
N GLY E 202 27.73 -11.21 -7.72
CA GLY E 202 28.24 -12.48 -7.14
C GLY E 202 29.65 -12.31 -6.58
N PHE E 203 29.88 -11.25 -5.81
CA PHE E 203 31.16 -10.97 -5.09
C PHE E 203 31.18 -11.79 -3.81
N SER E 204 32.35 -12.33 -3.44
CA SER E 204 32.55 -13.22 -2.27
C SER E 204 32.43 -12.40 -0.97
N SER E 205 32.65 -13.05 0.19
CA SER E 205 32.72 -12.40 1.53
C SER E 205 34.05 -11.65 1.68
N GLU E 206 35.16 -12.29 1.33
CA GLU E 206 36.53 -11.72 1.41
C GLU E 206 36.69 -10.59 0.40
N ALA E 207 36.21 -10.79 -0.83
CA ALA E 207 36.36 -9.85 -1.97
C ALA E 207 35.51 -8.58 -1.76
N ILE E 208 34.67 -8.56 -0.72
CA ILE E 208 33.87 -7.36 -0.29
C ILE E 208 34.48 -6.79 1.00
N HIS E 209 34.77 -7.64 1.99
CA HIS E 209 35.50 -7.29 3.24
C HIS E 209 36.81 -6.56 2.91
N ALA E 210 37.45 -6.93 1.79
CA ALA E 210 38.70 -6.35 1.27
C ALA E 210 38.44 -4.95 0.70
N LEU E 211 37.29 -4.74 0.05
CA LEU E 211 36.91 -3.43 -0.57
C LEU E 211 36.44 -2.46 0.51
N ARG E 212 35.64 -2.92 1.49
CA ARG E 212 35.26 -2.14 2.69
C ARG E 212 36.54 -1.69 3.41
N ARG E 213 37.51 -2.59 3.53
CA ARG E 213 38.85 -2.34 4.13
C ARG E 213 39.57 -1.26 3.30
N ALA E 214 39.59 -1.43 1.98
CA ALA E 214 40.28 -0.54 1.01
C ALA E 214 39.73 0.88 1.11
N TYR E 215 38.44 1.04 1.46
CA TYR E 215 37.77 2.36 1.59
C TYR E 215 38.38 3.13 2.76
N LYS E 216 38.45 2.50 3.94
CA LYS E 216 38.99 3.11 5.19
C LYS E 216 40.35 3.76 4.90
N VAL E 217 41.17 3.11 4.08
CA VAL E 217 42.55 3.57 3.68
C VAL E 217 42.43 4.92 2.96
N VAL E 218 41.66 4.97 1.88
CA VAL E 218 41.64 6.07 0.87
C VAL E 218 41.11 7.36 1.51
N TYR E 219 40.16 7.26 2.44
CA TYR E 219 39.42 8.41 3.03
C TYR E 219 39.65 8.50 4.55
N ARG E 220 39.10 7.54 5.30
CA ARG E 220 38.95 7.62 6.78
C ARG E 220 40.24 7.14 7.47
N GLN E 221 41.43 7.49 6.94
CA GLN E 221 42.75 7.11 7.54
C GLN E 221 43.81 8.20 7.33
N GLY E 222 43.40 9.43 6.99
CA GLY E 222 44.28 10.61 6.85
C GLY E 222 45.57 10.30 6.10
N HIS E 223 45.50 9.50 5.03
CA HIS E 223 46.60 9.26 4.06
C HIS E 223 46.56 10.38 3.00
N THR E 224 47.52 10.35 2.07
CA THR E 224 47.43 11.05 0.76
C THR E 224 47.08 10.00 -0.30
N VAL E 225 46.62 10.43 -1.48
CA VAL E 225 46.24 9.53 -2.62
C VAL E 225 47.48 8.77 -3.07
N GLU E 226 48.68 9.33 -2.85
CA GLU E 226 49.99 8.69 -3.11
C GLU E 226 50.23 7.56 -2.11
N GLU E 227 50.06 7.84 -0.82
CA GLU E 227 50.35 6.90 0.31
C GLU E 227 49.31 5.77 0.33
N ALA E 228 48.05 6.07 -0.01
CA ALA E 228 46.92 5.11 -0.06
C ALA E 228 47.21 4.04 -1.12
N LEU E 229 47.55 4.46 -2.34
CA LEU E 229 47.90 3.59 -3.49
C LEU E 229 48.95 2.55 -3.08
N ALA E 230 49.91 2.96 -2.23
CA ALA E 230 51.02 2.11 -1.73
C ALA E 230 50.47 0.95 -0.90
N GLU E 231 49.55 1.23 0.03
CA GLU E 231 48.96 0.22 0.95
C GLU E 231 48.01 -0.69 0.17
N LEU E 232 47.41 -0.18 -0.93
CA LEU E 232 46.44 -0.91 -1.78
C LEU E 232 47.15 -1.91 -2.71
N ALA E 233 48.42 -1.63 -3.07
CA ALA E 233 49.28 -2.50 -3.91
C ALA E 233 49.21 -3.95 -3.40
N GLU E 234 49.30 -4.12 -2.09
CA GLU E 234 49.24 -5.43 -1.36
C GLU E 234 47.88 -6.10 -1.62
N SER E 235 46.77 -5.40 -1.33
CA SER E 235 45.39 -5.95 -1.37
C SER E 235 44.90 -6.12 -2.81
N ALA E 236 45.34 -5.25 -3.74
CA ALA E 236 44.97 -5.29 -5.17
C ALA E 236 45.62 -6.50 -5.86
N ALA E 237 46.77 -6.97 -5.33
CA ALA E 237 47.52 -8.15 -5.81
C ALA E 237 46.64 -9.41 -5.72
N GLN E 238 46.06 -9.64 -4.53
CA GLN E 238 45.17 -10.80 -4.23
C GLN E 238 43.86 -10.66 -4.99
N PHE E 239 43.19 -9.51 -4.82
CA PHE E 239 41.78 -9.24 -5.20
C PHE E 239 41.73 -8.41 -6.48
N PRO E 240 41.41 -9.00 -7.65
CA PRO E 240 41.15 -8.24 -8.88
C PRO E 240 39.89 -7.36 -8.80
N GLU E 241 39.09 -7.52 -7.74
CA GLU E 241 37.93 -6.66 -7.40
C GLU E 241 38.46 -5.33 -6.81
N VAL E 242 39.42 -5.44 -5.88
CA VAL E 242 40.12 -4.28 -5.24
C VAL E 242 41.02 -3.61 -6.30
N ALA E 243 41.34 -4.31 -7.38
CA ALA E 243 42.13 -3.81 -8.53
C ALA E 243 41.44 -2.58 -9.15
N VAL E 244 40.19 -2.74 -9.60
CA VAL E 244 39.41 -1.70 -10.35
C VAL E 244 39.28 -0.45 -9.46
N PHE E 245 39.18 -0.64 -8.14
CA PHE E 245 39.14 0.44 -7.10
C PHE E 245 40.47 1.19 -7.12
N ARG E 246 41.57 0.49 -6.81
CA ARG E 246 42.96 1.03 -6.83
C ARG E 246 43.25 1.64 -8.20
N ASP E 247 42.86 0.95 -9.27
CA ASP E 247 42.99 1.39 -10.69
C ASP E 247 42.33 2.76 -10.86
N SER E 248 41.06 2.87 -10.46
CA SER E 248 40.19 4.07 -10.66
C SER E 248 40.77 5.28 -9.92
N ILE E 249 41.45 5.06 -8.79
CA ILE E 249 42.08 6.11 -7.95
C ILE E 249 43.40 6.56 -8.61
N GLN E 250 44.15 5.64 -9.22
CA GLN E 250 45.44 5.94 -9.89
C GLN E 250 45.16 6.68 -11.21
N SER E 251 43.99 6.44 -11.81
CA SER E 251 43.49 7.15 -13.03
C SER E 251 43.16 8.61 -12.71
N ALA E 252 42.68 8.88 -11.49
CA ALA E 252 42.16 10.19 -11.02
C ALA E 252 43.23 11.28 -11.26
N THR E 253 43.26 11.82 -12.48
CA THR E 253 44.18 12.90 -12.92
C THR E 253 43.75 14.23 -12.29
N ARG E 254 42.44 14.52 -12.27
CA ARG E 254 41.87 15.77 -11.71
C ARG E 254 41.22 15.50 -10.35
N GLY E 255 41.98 14.90 -9.43
CA GLY E 255 41.54 14.56 -8.05
C GLY E 255 40.46 13.49 -8.05
N ILE E 256 40.29 12.79 -6.92
CA ILE E 256 39.14 11.87 -6.68
C ILE E 256 38.03 12.66 -5.98
N THR E 257 36.80 12.18 -6.08
CA THR E 257 35.61 12.73 -5.36
C THR E 257 35.78 12.44 -3.87
N ARG E 258 36.04 13.48 -3.07
CA ARG E 258 36.27 13.39 -1.60
C ARG E 258 35.05 13.94 -0.86
N SER F 2 11.24 21.33 -51.48
CA SER F 2 11.14 22.80 -51.18
C SER F 2 11.44 23.06 -49.69
N LEU F 3 11.49 24.33 -49.30
CA LEU F 3 12.02 24.80 -47.98
C LEU F 3 11.02 24.42 -46.89
N ILE F 4 9.77 24.90 -47.00
CA ILE F 4 8.64 24.52 -46.09
C ILE F 4 8.15 23.13 -46.52
N ASP F 5 8.05 22.21 -45.56
CA ASP F 5 7.83 20.76 -45.78
C ASP F 5 6.33 20.50 -45.95
N PRO F 6 5.91 19.57 -46.85
CA PRO F 6 4.50 19.27 -47.06
C PRO F 6 3.68 18.96 -45.80
N ARG F 7 4.22 18.15 -44.88
CA ARG F 7 3.49 17.60 -43.69
C ARG F 7 3.67 18.51 -42.48
N ALA F 8 3.79 19.83 -42.68
CA ALA F 8 3.99 20.84 -41.61
C ALA F 8 2.91 21.91 -41.72
N ILE F 9 2.07 22.03 -40.70
CA ILE F 9 0.92 22.98 -40.65
C ILE F 9 1.47 24.41 -40.63
N ILE F 10 1.15 25.21 -41.65
CA ILE F 10 1.39 26.68 -41.69
C ILE F 10 0.02 27.36 -41.69
N ASP F 11 -0.45 27.78 -40.51
CA ASP F 11 -1.76 28.48 -40.33
C ASP F 11 -1.86 29.61 -41.35
N PRO F 12 -3.02 29.78 -42.03
CA PRO F 12 -3.21 30.85 -43.01
C PRO F 12 -2.66 32.23 -42.61
N SER F 13 -2.82 32.63 -41.33
CA SER F 13 -2.45 33.96 -40.81
C SER F 13 -1.01 33.95 -40.26
N ALA F 14 -0.15 33.08 -40.80
CA ALA F 14 1.29 32.96 -40.45
C ALA F 14 2.13 33.68 -41.51
N ARG F 15 2.99 34.61 -41.09
CA ARG F 15 3.90 35.39 -41.97
C ARG F 15 5.31 34.80 -41.90
N LEU F 16 5.74 34.15 -42.98
CA LEU F 16 7.11 33.57 -43.15
C LEU F 16 7.82 34.32 -44.27
N ALA F 17 9.06 34.75 -44.04
CA ALA F 17 9.98 35.23 -45.10
C ALA F 17 10.25 34.08 -46.08
N ALA F 18 10.72 34.40 -47.28
CA ALA F 18 10.72 33.53 -48.49
C ALA F 18 11.50 32.23 -48.25
N ASP F 19 12.71 32.33 -47.67
CA ASP F 19 13.68 31.20 -47.57
C ASP F 19 13.64 30.57 -46.16
N VAL F 20 12.58 30.82 -45.39
CA VAL F 20 12.29 30.14 -44.09
C VAL F 20 12.09 28.64 -44.36
N GLN F 21 13.00 27.79 -43.89
CA GLN F 21 12.83 26.31 -43.88
C GLN F 21 11.94 25.93 -42.68
N VAL F 22 11.04 24.97 -42.87
CA VAL F 22 10.13 24.43 -41.81
C VAL F 22 10.04 22.92 -41.97
N GLY F 23 10.64 22.17 -41.04
CA GLY F 23 10.82 20.71 -41.13
C GLY F 23 9.50 19.95 -41.01
N PRO F 24 9.50 18.64 -41.37
CA PRO F 24 8.30 17.80 -41.24
C PRO F 24 7.71 17.78 -39.82
N TRP F 25 6.39 18.02 -39.72
CA TRP F 25 5.54 17.81 -38.52
C TRP F 25 5.63 19.00 -37.55
N SER F 26 6.23 20.11 -37.98
CA SER F 26 6.28 21.38 -37.20
C SER F 26 5.01 22.21 -37.48
N ILE F 27 4.39 22.75 -36.43
CA ILE F 27 3.21 23.66 -36.51
C ILE F 27 3.70 25.10 -36.44
N VAL F 28 3.26 25.93 -37.39
CA VAL F 28 3.44 27.42 -37.38
C VAL F 28 2.04 28.04 -37.33
N GLY F 29 1.58 28.44 -36.14
CA GLY F 29 0.18 28.81 -35.86
C GLY F 29 -0.13 30.26 -36.18
N ALA F 30 -1.31 30.71 -35.76
CA ALA F 30 -1.84 32.07 -35.98
C ALA F 30 -0.83 33.12 -35.50
N GLU F 31 -0.55 34.13 -36.34
CA GLU F 31 0.12 35.40 -35.96
C GLU F 31 1.58 35.11 -35.57
N VAL F 32 2.30 34.33 -36.38
CA VAL F 32 3.74 33.97 -36.17
C VAL F 32 4.56 34.56 -37.31
N GLU F 33 5.21 35.71 -37.08
CA GLU F 33 6.20 36.31 -38.01
C GLU F 33 7.54 35.58 -37.86
N ILE F 34 8.07 35.06 -38.97
CA ILE F 34 9.41 34.38 -39.01
C ILE F 34 10.31 35.16 -39.98
N GLY F 35 11.52 35.51 -39.55
CA GLY F 35 12.51 36.27 -40.32
C GLY F 35 13.26 35.39 -41.32
N GLU F 36 14.03 36.02 -42.21
CA GLU F 36 14.76 35.39 -43.35
C GLU F 36 15.92 34.54 -42.80
N GLY F 37 16.11 33.34 -43.35
CA GLY F 37 17.21 32.43 -42.99
C GLY F 37 16.84 31.46 -41.88
N THR F 38 15.85 31.81 -41.06
CA THR F 38 15.41 31.06 -39.84
C THR F 38 15.05 29.62 -40.23
N VAL F 39 15.75 28.64 -39.65
CA VAL F 39 15.62 27.18 -39.97
C VAL F 39 14.90 26.48 -38.81
N ILE F 40 13.58 26.26 -38.93
CA ILE F 40 12.80 25.39 -38.00
C ILE F 40 13.07 23.94 -38.38
N GLY F 41 13.45 23.11 -37.41
CA GLY F 41 13.62 21.65 -37.58
C GLY F 41 12.27 20.93 -37.56
N PRO F 42 12.26 19.59 -37.46
CA PRO F 42 11.00 18.84 -37.38
C PRO F 42 10.37 18.86 -35.99
N HIS F 43 9.08 18.54 -35.88
CA HIS F 43 8.33 18.36 -34.61
C HIS F 43 8.40 19.62 -33.73
N VAL F 44 8.31 20.81 -34.32
CA VAL F 44 8.35 22.11 -33.58
C VAL F 44 6.94 22.71 -33.51
N VAL F 45 6.53 23.14 -32.32
CA VAL F 45 5.23 23.85 -32.07
C VAL F 45 5.53 25.34 -31.88
N LEU F 46 4.98 26.20 -32.73
CA LEU F 46 5.09 27.67 -32.67
C LEU F 46 3.69 28.29 -32.59
N LYS F 47 3.21 28.59 -31.38
CA LYS F 47 1.98 29.41 -31.16
C LYS F 47 2.38 30.88 -31.06
N GLY F 48 1.52 31.79 -31.52
CA GLY F 48 1.71 33.25 -31.45
C GLY F 48 0.68 33.91 -30.53
N PRO F 49 0.54 35.25 -30.54
CA PRO F 49 1.36 36.13 -31.38
C PRO F 49 2.87 36.04 -31.07
N THR F 50 3.66 35.56 -32.04
CA THR F 50 5.13 35.33 -31.93
C THR F 50 5.84 36.04 -33.09
N LYS F 51 6.99 36.66 -32.81
CA LYS F 51 7.88 37.26 -33.84
C LYS F 51 9.29 36.68 -33.69
N ILE F 52 9.71 35.88 -34.67
CA ILE F 52 11.07 35.25 -34.74
C ILE F 52 11.87 35.99 -35.82
N GLY F 53 12.98 36.63 -35.42
CA GLY F 53 13.85 37.43 -36.30
C GLY F 53 14.63 36.58 -37.28
N LYS F 54 15.63 37.16 -37.94
CA LYS F 54 16.41 36.54 -39.05
C LYS F 54 17.47 35.58 -38.49
N HIS F 55 17.60 34.40 -39.10
CA HIS F 55 18.78 33.50 -39.03
C HIS F 55 18.83 32.71 -37.72
N ASN F 56 17.66 32.37 -37.15
CA ASN F 56 17.54 31.53 -35.93
C ASN F 56 17.39 30.06 -36.36
N ARG F 57 17.86 29.12 -35.54
CA ARG F 57 17.76 27.66 -35.82
C ARG F 57 17.11 26.96 -34.61
N ILE F 58 15.80 26.74 -34.66
CA ILE F 58 14.97 26.07 -33.62
C ILE F 58 14.93 24.56 -33.90
N TYR F 59 15.04 23.73 -32.86
CA TYR F 59 15.23 22.26 -32.94
C TYR F 59 13.93 21.53 -32.60
N GLN F 60 13.95 20.21 -32.82
CA GLN F 60 12.80 19.28 -32.63
C GLN F 60 12.31 19.30 -31.17
N PHE F 61 10.99 19.37 -30.98
CA PHE F 61 10.26 19.15 -29.70
C PHE F 61 10.23 20.44 -28.86
N SER F 62 10.81 21.53 -29.39
CA SER F 62 10.76 22.88 -28.76
C SER F 62 9.35 23.45 -28.92
N SER F 63 8.79 24.00 -27.83
CA SER F 63 7.41 24.56 -27.76
C SER F 63 7.51 26.07 -27.54
N VAL F 64 7.74 26.84 -28.61
CA VAL F 64 8.07 28.30 -28.57
C VAL F 64 6.79 29.12 -28.76
N GLY F 65 6.34 29.78 -27.70
CA GLY F 65 5.27 30.80 -27.73
C GLY F 65 3.92 30.27 -27.25
N GLU F 66 3.92 29.20 -26.46
CA GLU F 66 2.71 28.74 -25.72
C GLU F 66 2.43 29.73 -24.58
N ASP F 67 1.26 29.61 -23.96
CA ASP F 67 0.85 30.49 -22.83
C ASP F 67 1.54 30.01 -21.55
N THR F 68 1.87 30.93 -20.63
CA THR F 68 2.32 30.59 -19.26
C THR F 68 1.24 29.72 -18.62
N PRO F 69 1.61 28.64 -17.87
CA PRO F 69 0.62 27.85 -17.15
C PRO F 69 0.05 28.58 -15.93
N ASP F 70 0.74 29.64 -15.49
CA ASP F 70 0.35 30.53 -14.35
C ASP F 70 -1.16 30.75 -14.41
N LEU F 71 -1.85 30.51 -13.29
CA LEU F 71 -3.34 30.57 -13.18
C LEU F 71 -3.82 32.02 -13.36
N LYS F 72 -2.91 32.99 -13.24
CA LYS F 72 -3.19 34.45 -13.31
C LYS F 72 -3.44 34.88 -14.75
N TYR F 73 -2.72 34.29 -15.71
CA TYR F 73 -2.89 34.52 -17.17
C TYR F 73 -4.23 33.95 -17.61
N LYS F 74 -5.10 34.80 -18.19
CA LYS F 74 -6.51 34.47 -18.56
C LYS F 74 -6.75 34.77 -20.05
N GLY F 75 -6.07 34.04 -20.93
CA GLY F 75 -6.25 34.10 -22.40
C GLY F 75 -6.34 35.51 -22.94
N GLU F 76 -5.23 36.25 -22.95
CA GLU F 76 -5.11 37.63 -23.49
C GLU F 76 -4.14 37.62 -24.68
N PRO F 77 -4.05 38.73 -25.47
CA PRO F 77 -3.23 38.73 -26.69
C PRO F 77 -1.80 39.26 -26.49
N THR F 78 -0.95 38.47 -25.81
CA THR F 78 0.43 38.84 -25.42
C THR F 78 1.42 38.49 -26.54
N ARG F 79 2.71 38.82 -26.35
CA ARG F 79 3.76 38.73 -27.40
C ARG F 79 4.95 37.91 -26.90
N LEU F 80 5.63 37.21 -27.83
CA LEU F 80 7.02 36.70 -27.69
C LEU F 80 7.82 37.21 -28.89
N VAL F 81 8.91 37.92 -28.64
CA VAL F 81 9.81 38.51 -29.68
C VAL F 81 11.20 37.88 -29.55
N ILE F 82 11.68 37.25 -30.62
CA ILE F 82 13.02 36.60 -30.70
C ILE F 82 13.82 37.30 -31.81
N GLY F 83 14.99 37.84 -31.48
CA GLY F 83 15.88 38.57 -32.40
C GLY F 83 16.52 37.65 -33.41
N ASP F 84 17.82 37.82 -33.66
CA ASP F 84 18.55 37.21 -34.82
C ASP F 84 19.65 36.27 -34.33
N HIS F 85 20.00 35.28 -35.16
CA HIS F 85 21.18 34.39 -35.01
C HIS F 85 21.10 33.58 -33.71
N ASN F 86 19.89 33.26 -33.25
CA ASN F 86 19.63 32.51 -31.99
C ASN F 86 19.49 31.02 -32.31
N VAL F 87 20.23 30.16 -31.59
CA VAL F 87 20.09 28.67 -31.65
C VAL F 87 19.24 28.23 -30.45
N ILE F 88 18.09 27.61 -30.71
CA ILE F 88 17.17 27.04 -29.68
C ILE F 88 17.13 25.51 -29.87
N ARG F 89 17.74 24.77 -28.93
CA ARG F 89 17.99 23.30 -29.05
C ARG F 89 16.71 22.52 -28.71
N GLU F 90 16.84 21.20 -28.53
CA GLU F 90 15.70 20.24 -28.50
C GLU F 90 14.89 20.42 -27.21
N GLY F 91 13.57 20.38 -27.32
CA GLY F 91 12.62 20.32 -26.19
C GLY F 91 12.61 21.60 -25.36
N VAL F 92 13.10 22.71 -25.90
CA VAL F 92 13.10 24.04 -25.22
C VAL F 92 11.66 24.56 -25.20
N THR F 93 11.31 25.35 -24.18
CA THR F 93 9.97 25.97 -24.02
C THR F 93 10.13 27.45 -23.69
N ILE F 94 9.45 28.32 -24.45
CA ILE F 94 9.47 29.81 -24.28
C ILE F 94 8.03 30.32 -24.32
N HIS F 95 7.54 30.81 -23.18
CA HIS F 95 6.14 31.21 -22.95
C HIS F 95 5.98 32.72 -23.20
N ARG F 96 4.85 33.13 -23.78
CA ARG F 96 4.57 34.56 -24.12
C ARG F 96 4.32 35.34 -22.83
N GLY F 97 4.28 36.68 -22.93
CA GLY F 97 4.18 37.60 -21.79
C GLY F 97 2.82 37.53 -21.10
N THR F 98 2.57 38.46 -20.17
CA THR F 98 1.30 38.61 -19.42
C THR F 98 0.96 40.11 -19.37
N VAL F 99 -0.29 40.48 -19.63
CA VAL F 99 -0.78 41.89 -19.63
C VAL F 99 -0.56 42.52 -18.24
N GLN F 100 -0.51 41.68 -17.19
CA GLN F 100 -0.30 42.10 -15.78
C GLN F 100 1.11 42.71 -15.62
N ASP F 101 2.08 42.30 -16.45
CA ASP F 101 3.48 42.79 -16.41
C ASP F 101 3.81 43.50 -17.72
N ARG F 102 4.60 42.86 -18.60
CA ARG F 102 5.21 43.52 -19.80
C ARG F 102 4.39 43.23 -21.07
N ALA F 103 3.50 42.24 -21.02
CA ALA F 103 2.68 41.76 -22.17
C ALA F 103 3.60 41.29 -23.30
N GLU F 104 4.85 40.95 -22.99
CA GLU F 104 5.88 40.51 -23.96
C GLU F 104 6.99 39.73 -23.23
N THR F 105 7.45 38.64 -23.83
CA THR F 105 8.74 37.94 -23.51
C THR F 105 9.71 38.27 -24.65
N THR F 106 10.87 38.85 -24.32
CA THR F 106 11.84 39.43 -25.29
C THR F 106 13.16 38.66 -25.24
N ILE F 107 13.59 38.10 -26.39
CA ILE F 107 14.95 37.50 -26.57
C ILE F 107 15.69 38.32 -27.62
N GLY F 108 16.96 38.64 -27.35
CA GLY F 108 17.84 39.41 -28.25
C GLY F 108 18.42 38.53 -29.34
N ASP F 109 19.65 38.84 -29.77
CA ASP F 109 20.36 38.14 -30.89
C ASP F 109 21.49 37.28 -30.33
N HIS F 110 21.90 36.26 -31.09
CA HIS F 110 23.15 35.45 -30.89
C HIS F 110 23.13 34.72 -29.54
N ASN F 111 21.97 34.29 -29.07
CA ASN F 111 21.81 33.51 -27.81
C ASN F 111 21.83 32.01 -28.14
N LEU F 112 22.56 31.22 -27.35
CA LEU F 112 22.57 29.74 -27.41
C LEU F 112 21.77 29.20 -26.22
N ILE F 113 20.63 28.55 -26.50
CA ILE F 113 19.67 28.01 -25.49
C ILE F 113 19.55 26.50 -25.70
N MET F 114 20.17 25.71 -24.81
CA MET F 114 20.44 24.26 -25.01
C MET F 114 19.25 23.42 -24.54
N ALA F 115 19.37 22.09 -24.64
CA ALA F 115 18.29 21.10 -24.59
C ALA F 115 17.47 21.22 -23.30
N TYR F 116 16.14 21.37 -23.44
CA TYR F 116 15.13 21.27 -22.36
C TYR F 116 15.27 22.44 -21.37
N ALA F 117 15.77 23.59 -21.84
CA ALA F 117 15.81 24.87 -21.10
C ALA F 117 14.40 25.49 -21.13
N HIS F 118 14.06 26.28 -20.11
CA HIS F 118 12.75 26.98 -19.98
C HIS F 118 12.97 28.49 -19.82
N ILE F 119 12.10 29.29 -20.44
CA ILE F 119 12.07 30.77 -20.34
C ILE F 119 10.63 31.20 -20.03
N GLY F 120 10.40 31.70 -18.82
CA GLY F 120 9.06 32.06 -18.31
C GLY F 120 8.54 33.34 -18.94
N HIS F 121 7.23 33.57 -18.80
CA HIS F 121 6.50 34.81 -19.19
C HIS F 121 7.23 36.07 -18.71
N ASP F 122 7.36 37.07 -19.58
CA ASP F 122 7.78 38.46 -19.25
C ASP F 122 9.28 38.52 -18.92
N SER F 123 10.05 37.52 -19.36
CA SER F 123 11.52 37.42 -19.11
C SER F 123 12.28 37.96 -20.32
N VAL F 124 13.20 38.91 -20.11
CA VAL F 124 13.98 39.60 -21.17
C VAL F 124 15.40 39.02 -21.20
N ILE F 125 15.72 38.24 -22.24
CA ILE F 125 17.10 37.74 -22.52
C ILE F 125 17.76 38.67 -23.54
N GLY F 126 18.94 39.21 -23.21
CA GLY F 126 19.71 40.11 -24.07
C GLY F 126 20.37 39.36 -25.21
N ASN F 127 21.65 39.65 -25.48
CA ASN F 127 22.41 39.10 -26.63
C ASN F 127 23.64 38.34 -26.12
N HIS F 128 24.01 37.27 -26.80
CA HIS F 128 25.27 36.49 -26.61
C HIS F 128 25.26 35.73 -25.27
N CYS F 129 24.07 35.42 -24.75
CA CYS F 129 23.89 34.60 -23.52
C CYS F 129 24.00 33.11 -23.87
N ILE F 130 24.29 32.27 -22.87
CA ILE F 130 24.29 30.79 -23.00
C ILE F 130 23.44 30.20 -21.87
N LEU F 131 22.26 29.68 -22.20
CA LEU F 131 21.38 28.93 -21.28
C LEU F 131 21.59 27.43 -21.52
N VAL F 132 22.43 26.80 -20.69
CA VAL F 132 22.86 25.38 -20.82
C VAL F 132 21.67 24.49 -20.41
N ASN F 133 21.72 23.21 -20.82
CA ASN F 133 20.66 22.18 -20.62
C ASN F 133 19.89 22.42 -19.31
N ASN F 134 18.56 22.53 -19.41
CA ASN F 134 17.60 22.47 -18.28
C ASN F 134 17.74 23.71 -17.36
N THR F 135 18.39 24.78 -17.86
CA THR F 135 18.30 26.14 -17.28
C THR F 135 16.86 26.62 -17.41
N ALA F 136 16.18 26.83 -16.28
CA ALA F 136 14.77 27.28 -16.21
C ALA F 136 14.71 28.68 -15.60
N LEU F 137 14.15 29.64 -16.34
CA LEU F 137 13.86 31.03 -15.86
C LEU F 137 12.37 31.12 -15.49
N ALA F 138 12.08 31.69 -14.31
CA ALA F 138 10.75 31.62 -13.64
C ALA F 138 9.77 32.63 -14.22
N GLY F 139 10.23 33.58 -15.04
CA GLY F 139 9.39 34.66 -15.61
C GLY F 139 9.63 35.96 -14.87
N HIS F 140 9.46 37.09 -15.56
CA HIS F 140 9.86 38.46 -15.11
C HIS F 140 11.39 38.51 -14.90
N VAL F 141 12.13 37.53 -15.44
CA VAL F 141 13.60 37.35 -15.22
C VAL F 141 14.35 38.04 -16.38
N HIS F 142 15.26 38.96 -16.06
CA HIS F 142 16.16 39.65 -17.03
C HIS F 142 17.53 38.95 -17.02
N VAL F 143 17.95 38.40 -18.15
CA VAL F 143 19.32 37.86 -18.37
C VAL F 143 20.06 38.80 -19.33
N ASP F 144 20.86 39.73 -18.77
CA ASP F 144 21.59 40.78 -19.53
C ASP F 144 22.69 40.11 -20.37
N ASP F 145 23.41 40.90 -21.17
CA ASP F 145 24.29 40.45 -22.28
C ASP F 145 25.41 39.54 -21.73
N TRP F 146 25.67 38.43 -22.44
CA TRP F 146 26.90 37.60 -22.35
C TRP F 146 26.84 36.59 -21.20
N ALA F 147 25.77 36.59 -20.40
CA ALA F 147 25.64 35.76 -19.18
C ALA F 147 25.62 34.26 -19.56
N ILE F 148 26.39 33.44 -18.84
CA ILE F 148 26.38 31.96 -18.95
C ILE F 148 25.72 31.37 -17.69
N LEU F 149 24.64 30.62 -17.87
CA LEU F 149 23.97 29.84 -16.79
C LEU F 149 24.22 28.34 -17.07
N SER F 150 25.08 27.71 -16.27
CA SER F 150 25.50 26.29 -16.45
C SER F 150 24.27 25.38 -16.32
N GLY F 151 24.42 24.11 -16.69
CA GLY F 151 23.31 23.13 -16.73
C GLY F 151 22.49 23.14 -15.44
N TYR F 152 21.16 23.15 -15.58
CA TYR F 152 20.18 22.91 -14.50
C TYR F 152 20.15 24.09 -13.52
N THR F 153 20.53 25.29 -13.97
CA THR F 153 20.45 26.54 -13.17
C THR F 153 18.98 26.98 -13.09
N LEU F 154 18.50 27.24 -11.87
CA LEU F 154 17.11 27.71 -11.60
C LEU F 154 17.18 29.18 -11.16
N VAL F 155 16.35 30.05 -11.76
CA VAL F 155 16.27 31.50 -11.45
C VAL F 155 14.83 31.81 -10.99
N HIS F 156 14.67 32.24 -9.73
CA HIS F 156 13.39 32.69 -9.13
C HIS F 156 12.90 33.93 -9.89
N GLN F 157 11.58 34.15 -9.92
CA GLN F 157 10.96 35.22 -10.75
C GLN F 157 11.39 36.60 -10.24
N TYR F 158 11.56 37.55 -11.17
CA TYR F 158 11.94 38.98 -10.96
C TYR F 158 13.45 39.13 -10.72
N CYS F 159 14.21 38.02 -10.75
CA CYS F 159 15.68 38.01 -10.53
C CYS F 159 16.38 38.44 -11.82
N ARG F 160 17.44 39.26 -11.70
CA ARG F 160 18.22 39.83 -12.83
C ARG F 160 19.63 39.22 -12.83
N ILE F 161 19.94 38.40 -13.85
CA ILE F 161 21.30 37.85 -14.10
C ILE F 161 22.12 38.94 -14.80
N GLY F 162 23.17 39.44 -14.14
CA GLY F 162 24.04 40.53 -14.63
C GLY F 162 24.86 40.12 -15.85
N ALA F 163 25.42 41.10 -16.55
CA ALA F 163 26.18 40.91 -17.82
C ALA F 163 27.55 40.27 -17.53
N HIS F 164 27.93 39.28 -18.32
CA HIS F 164 29.23 38.53 -18.25
C HIS F 164 29.31 37.70 -16.96
N SER F 165 28.22 37.62 -16.20
CA SER F 165 28.08 36.78 -14.98
C SER F 165 28.05 35.30 -15.38
N PHE F 166 28.20 34.40 -14.42
CA PHE F 166 28.27 32.93 -14.63
C PHE F 166 27.64 32.21 -13.44
N SER F 167 26.84 31.18 -13.72
CA SER F 167 26.27 30.26 -12.70
C SER F 167 26.86 28.86 -12.91
N GLY F 168 27.14 28.14 -11.82
CA GLY F 168 27.63 26.75 -11.86
C GLY F 168 26.49 25.75 -11.94
N MET F 169 26.82 24.51 -12.31
CA MET F 169 25.92 23.32 -12.26
C MET F 169 24.89 23.47 -11.14
N GLY F 170 23.61 23.36 -11.47
CA GLY F 170 22.48 23.28 -10.52
C GLY F 170 22.47 24.44 -9.53
N SER F 171 22.82 25.65 -9.96
CA SER F 171 22.71 26.90 -9.16
C SER F 171 21.23 27.26 -9.04
N ALA F 172 20.75 27.58 -7.82
CA ALA F 172 19.37 28.02 -7.53
C ALA F 172 19.40 29.48 -7.07
N ILE F 173 19.04 30.40 -7.97
CA ILE F 173 19.20 31.88 -7.81
C ILE F 173 17.87 32.49 -7.34
N GLY F 174 17.82 32.92 -6.08
CA GLY F 174 16.66 33.57 -5.45
C GLY F 174 16.76 35.10 -5.44
N LYS F 175 17.98 35.64 -5.43
CA LYS F 175 18.27 37.10 -5.42
C LYS F 175 18.98 37.46 -6.73
N ASP F 176 19.09 38.77 -7.03
CA ASP F 176 19.76 39.30 -8.24
C ASP F 176 21.25 38.93 -8.21
N VAL F 177 21.80 38.56 -9.37
CA VAL F 177 23.24 38.27 -9.60
C VAL F 177 23.87 39.50 -10.23
N PRO F 178 24.82 40.19 -9.56
CA PRO F 178 25.43 41.38 -10.14
C PRO F 178 26.25 41.02 -11.38
N ALA F 179 26.42 41.97 -12.30
CA ALA F 179 27.22 41.82 -13.54
C ALA F 179 28.58 41.23 -13.19
N TYR F 180 29.03 40.24 -13.97
CA TYR F 180 30.42 39.66 -13.94
C TYR F 180 30.56 38.59 -12.85
N VAL F 181 29.69 38.58 -11.84
CA VAL F 181 29.85 37.74 -10.61
C VAL F 181 29.63 36.27 -10.95
N THR F 182 30.36 35.39 -10.24
N THR F 182 30.38 35.39 -10.27
CA THR F 182 30.25 33.91 -10.32
CA THR F 182 30.23 33.90 -10.34
C THR F 182 29.41 33.42 -9.13
C THR F 182 29.41 33.42 -9.15
N VAL F 183 28.45 32.52 -9.36
CA VAL F 183 27.53 32.00 -8.31
C VAL F 183 27.44 30.47 -8.43
N PHE F 184 27.22 29.79 -7.29
CA PHE F 184 27.28 28.32 -7.16
C PHE F 184 26.32 27.82 -6.07
N GLY F 185 25.62 26.71 -6.36
CA GLY F 185 24.91 25.87 -5.37
C GLY F 185 23.47 26.28 -5.20
N ASN F 186 22.73 25.51 -4.39
CA ASN F 186 21.33 25.76 -3.99
C ASN F 186 21.30 25.83 -2.46
N PRO F 187 21.22 27.03 -1.84
CA PRO F 187 21.06 28.30 -2.56
C PRO F 187 22.39 28.84 -3.12
N ALA F 188 22.31 29.65 -4.17
CA ALA F 188 23.46 30.23 -4.90
C ALA F 188 24.24 31.18 -3.99
N GLU F 189 25.57 31.03 -3.95
CA GLU F 189 26.53 31.90 -3.21
C GLU F 189 27.44 32.61 -4.22
N ALA F 190 27.79 33.88 -3.95
CA ALA F 190 28.80 34.65 -4.71
C ALA F 190 30.19 34.11 -4.34
N ARG F 191 31.01 33.81 -5.36
CA ARG F 191 32.38 33.22 -5.23
C ARG F 191 33.35 33.96 -6.14
N SER F 192 33.36 35.29 -6.12
CA SER F 192 34.28 36.15 -6.93
C SER F 192 33.64 36.42 -8.30
N MET F 193 34.46 36.72 -9.30
CA MET F 193 34.02 37.18 -10.65
C MET F 193 34.48 36.22 -11.75
N ASN F 194 33.79 36.25 -12.89
CA ASN F 194 34.07 35.44 -14.11
C ASN F 194 35.31 36.03 -14.80
N PHE F 195 36.46 36.04 -14.10
CA PHE F 195 37.75 36.63 -14.56
C PHE F 195 38.19 35.96 -15.87
N GLU F 196 37.94 34.65 -16.00
CA GLU F 196 38.36 33.82 -17.15
C GLU F 196 37.54 34.21 -18.39
N GLY F 197 36.24 34.44 -18.21
CA GLY F 197 35.32 34.90 -19.27
C GLY F 197 35.64 36.31 -19.73
N MET F 198 35.97 37.21 -18.79
CA MET F 198 36.41 38.60 -19.05
C MET F 198 37.62 38.57 -20.00
N ARG F 199 38.61 37.73 -19.69
CA ARG F 199 39.95 37.73 -20.35
C ARG F 199 39.81 37.24 -21.80
N ARG F 200 39.11 36.13 -22.03
CA ARG F 200 38.94 35.55 -23.39
C ARG F 200 37.96 36.39 -24.22
N ARG F 201 37.11 37.19 -23.57
CA ARG F 201 36.23 38.19 -24.27
C ARG F 201 37.05 39.45 -24.57
N GLY F 202 38.20 39.59 -23.91
CA GLY F 202 39.24 40.59 -24.24
C GLY F 202 39.12 41.88 -23.45
N PHE F 203 38.66 41.79 -22.20
CA PHE F 203 38.51 42.93 -21.27
C PHE F 203 39.91 43.50 -20.99
N SER F 204 40.01 44.84 -20.97
CA SER F 204 41.28 45.57 -20.67
C SER F 204 41.75 45.17 -19.27
N SER F 205 43.06 44.91 -19.12
CA SER F 205 43.69 44.42 -17.86
C SER F 205 43.54 45.47 -16.75
N GLU F 206 43.32 46.74 -17.14
CA GLU F 206 43.02 47.88 -16.22
C GLU F 206 41.59 47.72 -15.67
N ALA F 207 40.63 47.34 -16.53
CA ALA F 207 39.19 47.18 -16.19
C ALA F 207 39.02 46.08 -15.14
N ILE F 208 39.72 44.94 -15.31
CA ILE F 208 39.58 43.73 -14.44
C ILE F 208 40.09 44.06 -13.04
N HIS F 209 41.20 44.80 -12.95
CA HIS F 209 41.85 45.22 -11.68
C HIS F 209 40.96 46.24 -10.96
N ALA F 210 40.04 46.89 -11.68
CA ALA F 210 39.04 47.84 -11.14
C ALA F 210 37.83 47.06 -10.60
N LEU F 211 37.37 46.05 -11.33
CA LEU F 211 36.24 45.17 -10.94
C LEU F 211 36.60 44.35 -9.69
N ARG F 212 37.89 44.05 -9.50
CA ARG F 212 38.44 43.42 -8.28
C ARG F 212 38.14 44.33 -7.08
N ARG F 213 38.41 45.63 -7.23
CA ARG F 213 38.21 46.65 -6.17
C ARG F 213 36.71 46.91 -6.00
N ALA F 214 35.93 46.89 -7.10
CA ALA F 214 34.46 47.00 -7.11
C ALA F 214 33.85 45.88 -6.25
N TYR F 215 34.25 44.63 -6.50
CA TYR F 215 33.78 43.42 -5.78
C TYR F 215 34.02 43.59 -4.27
N LYS F 216 35.23 44.05 -3.89
CA LYS F 216 35.67 44.24 -2.48
C LYS F 216 34.75 45.24 -1.77
N VAL F 217 34.44 46.37 -2.41
CA VAL F 217 33.59 47.46 -1.86
C VAL F 217 32.20 46.90 -1.53
N VAL F 218 31.67 46.04 -2.41
CA VAL F 218 30.28 45.48 -2.32
C VAL F 218 30.24 44.38 -1.26
N TYR F 219 31.19 43.43 -1.33
CA TYR F 219 31.12 42.12 -0.62
C TYR F 219 32.01 42.11 0.62
N ARG F 220 33.26 42.58 0.53
CA ARG F 220 34.34 42.26 1.51
C ARG F 220 34.60 43.43 2.47
N GLN F 221 33.93 44.57 2.32
CA GLN F 221 34.26 45.82 3.07
C GLN F 221 33.07 46.25 3.95
N GLY F 222 32.27 45.29 4.43
CA GLY F 222 31.28 45.46 5.50
C GLY F 222 30.24 46.54 5.21
N HIS F 223 30.23 47.12 4.00
CA HIS F 223 29.32 48.21 3.57
C HIS F 223 27.91 47.65 3.39
N THR F 224 26.89 48.48 3.59
CA THR F 224 25.49 48.24 3.14
C THR F 224 25.41 48.58 1.65
N VAL F 225 24.27 48.26 1.01
CA VAL F 225 24.09 48.41 -0.47
C VAL F 225 24.17 49.91 -0.83
N GLU F 226 23.48 50.75 -0.06
CA GLU F 226 23.44 52.22 -0.24
C GLU F 226 24.83 52.80 0.00
N GLU F 227 25.51 52.36 1.07
CA GLU F 227 26.91 52.72 1.42
C GLU F 227 27.86 52.25 0.32
N ALA F 228 27.59 51.08 -0.28
CA ALA F 228 28.44 50.43 -1.30
C ALA F 228 28.29 51.14 -2.66
N LEU F 229 27.06 51.56 -3.00
CA LEU F 229 26.75 52.33 -4.24
C LEU F 229 27.48 53.68 -4.22
N ALA F 230 27.65 54.26 -3.03
CA ALA F 230 28.29 55.58 -2.80
C ALA F 230 29.79 55.52 -3.13
N GLU F 231 30.52 54.63 -2.46
CA GLU F 231 31.99 54.42 -2.61
C GLU F 231 32.30 54.03 -4.06
N LEU F 232 31.38 53.31 -4.71
CA LEU F 232 31.53 52.80 -6.10
C LEU F 232 31.49 53.95 -7.12
N ALA F 233 30.66 54.98 -6.85
CA ALA F 233 30.36 56.12 -7.75
C ALA F 233 31.62 56.60 -8.50
N GLU F 234 32.77 56.62 -7.82
CA GLU F 234 34.04 57.21 -8.35
C GLU F 234 34.61 56.31 -9.46
N SER F 235 35.00 55.07 -9.13
CA SER F 235 35.53 54.06 -10.09
C SER F 235 34.48 53.74 -11.16
N ALA F 236 33.20 53.89 -10.82
CA ALA F 236 32.05 53.74 -11.75
C ALA F 236 32.11 54.81 -12.84
N ALA F 237 32.28 56.07 -12.44
CA ALA F 237 32.48 57.23 -13.35
C ALA F 237 33.96 57.35 -13.72
N GLN F 238 34.53 56.26 -14.25
CA GLN F 238 35.98 56.13 -14.60
C GLN F 238 36.16 54.97 -15.57
N PHE F 239 35.58 53.79 -15.27
CA PHE F 239 35.52 52.60 -16.16
C PHE F 239 34.06 52.29 -16.48
N PRO F 240 33.72 52.00 -17.76
CA PRO F 240 32.35 51.64 -18.12
C PRO F 240 31.90 50.33 -17.45
N GLU F 241 32.81 49.35 -17.38
CA GLU F 241 32.55 47.99 -16.83
C GLU F 241 32.07 48.12 -15.38
N VAL F 242 32.67 49.02 -14.62
CA VAL F 242 32.39 49.23 -13.17
C VAL F 242 31.05 49.95 -12.99
N ALA F 243 30.65 50.77 -13.98
CA ALA F 243 29.30 51.37 -14.06
C ALA F 243 28.26 50.25 -14.22
N VAL F 244 28.48 49.37 -15.21
CA VAL F 244 27.63 48.18 -15.52
C VAL F 244 27.43 47.33 -14.26
N PHE F 245 28.46 47.25 -13.41
CA PHE F 245 28.47 46.47 -12.14
C PHE F 245 27.66 47.21 -11.07
N ARG F 246 27.94 48.51 -10.88
CA ARG F 246 27.19 49.40 -9.96
C ARG F 246 25.71 49.42 -10.37
N ASP F 247 25.45 49.48 -11.68
CA ASP F 247 24.08 49.48 -12.29
C ASP F 247 23.29 48.26 -11.82
N SER F 248 23.85 47.06 -12.04
CA SER F 248 23.22 45.76 -11.70
C SER F 248 22.90 45.70 -10.19
N ILE F 249 23.76 46.29 -9.35
CA ILE F 249 23.62 46.34 -7.87
C ILE F 249 22.51 47.34 -7.49
N GLN F 250 22.21 48.30 -8.38
CA GLN F 250 21.19 49.36 -8.15
C GLN F 250 19.81 48.87 -8.64
N SER F 251 19.77 47.94 -9.61
CA SER F 251 18.52 47.30 -10.10
C SER F 251 18.06 46.24 -9.10
N ALA F 252 18.93 45.84 -8.17
CA ALA F 252 18.70 44.81 -7.13
C ALA F 252 17.38 45.07 -6.40
N THR F 253 16.28 44.59 -6.98
CA THR F 253 14.90 44.65 -6.42
C THR F 253 14.84 43.83 -5.11
N ARG F 254 15.37 42.62 -5.15
CA ARG F 254 15.22 41.57 -4.10
C ARG F 254 16.51 41.43 -3.28
N GLY F 255 17.43 42.40 -3.41
CA GLY F 255 18.80 42.31 -2.87
C GLY F 255 19.72 41.59 -3.84
N ILE F 256 21.01 41.46 -3.49
CA ILE F 256 22.05 40.81 -4.34
C ILE F 256 22.47 39.48 -3.69
N THR F 257 22.96 38.53 -4.49
CA THR F 257 23.47 37.21 -4.03
C THR F 257 24.82 37.42 -3.34
N ARG F 258 24.94 37.01 -2.07
CA ARG F 258 26.16 37.18 -1.24
C ARG F 258 26.69 35.80 -0.84
#